data_5HU8
#
_entry.id   5HU8
#
_cell.length_a   89.505
_cell.length_b   104.418
_cell.length_c   215.692
_cell.angle_alpha   90.00
_cell.angle_beta   90.00
_cell.angle_gamma   90.00
#
_symmetry.space_group_name_H-M   'P 21 21 21'
#
loop_
_entity.id
_entity.type
_entity.pdbx_description
1 polymer 'hemagglutinin HA1'
2 polymer 'hemagglutinin HA2'
3 branched alpha-L-fucopyranose-(1-6)-2-acetamido-2-deoxy-beta-D-glucopyranose
4 branched 2-acetamido-2-deoxy-beta-D-glucopyranose-(1-4)-[alpha-L-fucopyranose-(1-6)]2-acetamido-2-deoxy-beta-D-glucopyranose
5 non-polymer 2-acetamido-2-deoxy-beta-D-glucopyranose
6 water water
#
loop_
_entity_poly.entity_id
_entity_poly.type
_entity_poly.pdbx_seq_one_letter_code
_entity_poly.pdbx_strand_id
1 'polypeptide(L)'
;ADLGSDQICIGYHANNSTEQVDTIMEKNVTVTHAQDILEKTHNGKLCDLNGVKPLILKDCSVAGWLLGNPMCDEFIRVPE
WSYIVERANPANDLCYPGNLNDYEELKHLLSRINHFEKILIIPKSSWTNHETSLGVSAACPYQGTPSFFRNVVWLIKKND
AYPTIKISYNNTNQEDLLILWGVHHSNNAAEQTNLYKNPTTYISVGTSTLNQRLVPKIATRSQVNGQRGRMDFFWTILKP
NDAIHFESNGNFIAPEYAYKIVKKGDSTIMKSEMEYGHCNTKCQTPIGAINSSMPFHNIHPLTIGECPKYVKSNKLVLAT
GLRNSPLREKRRKR
;
A,C,E
2 'polypeptide(L)'
;GLFGAIAGFIEGGWQGMVDGWYGYHHSNEQGSGYAADKESTQKAIDGVTNKVNSIIDKMNTQFEAVGREFNNLERRIENL
NKKMEDGFLDVWTYNAELLVLMENERTLDFHDSNVKNLYDKVRLQLRDNAKELGNGCFEFYHKCDNKCMESVRNGTYDYP
QYSEEARLKREEISSGRLVPR
;
B,D,F
#
loop_
_chem_comp.id
_chem_comp.type
_chem_comp.name
_chem_comp.formula
FUC L-saccharide, alpha linking alpha-L-fucopyranose 'C6 H12 O5'
NAG D-saccharide, beta linking 2-acetamido-2-deoxy-beta-D-glucopyranose 'C8 H15 N O6'
#
# COMPACT_ATOMS: atom_id res chain seq x y z
N SER A 5 -13.15 65.18 14.38
CA SER A 5 -14.29 64.26 14.72
C SER A 5 -13.83 62.85 15.10
N ASP A 6 -14.31 62.38 16.26
CA ASP A 6 -13.83 61.15 16.89
C ASP A 6 -14.12 59.88 16.08
N GLN A 7 -13.16 58.94 16.11
CA GLN A 7 -13.22 57.69 15.33
C GLN A 7 -12.78 56.47 16.13
N ILE A 8 -13.49 55.37 15.97
CA ILE A 8 -12.96 54.06 16.39
C ILE A 8 -12.89 53.08 15.22
N CYS A 9 -11.78 52.35 15.11
CA CYS A 9 -11.56 51.46 13.96
C CYS A 9 -11.34 50.02 14.41
N ILE A 10 -11.81 49.10 13.59
CA ILE A 10 -11.60 47.69 13.80
C ILE A 10 -10.61 47.18 12.76
N GLY A 11 -9.63 46.42 13.23
CA GLY A 11 -8.53 45.97 12.38
C GLY A 11 -7.82 44.78 12.99
N TYR A 12 -6.63 44.48 12.47
CA TYR A 12 -5.92 43.30 12.91
C TYR A 12 -4.40 43.45 12.89
N HIS A 13 -3.75 42.50 13.59
CA HIS A 13 -2.33 42.51 13.87
C HIS A 13 -1.48 42.46 12.62
N ALA A 14 -0.28 43.01 12.74
CA ALA A 14 0.74 42.93 11.70
C ALA A 14 2.13 43.02 12.35
N ASN A 15 3.15 42.51 11.66
CA ASN A 15 4.51 42.48 12.21
C ASN A 15 5.54 42.40 11.09
N ASN A 16 6.82 42.16 11.39
CA ASN A 16 7.83 42.11 10.32
C ASN A 16 8.30 40.69 10.01
N SER A 17 7.43 39.72 10.28
CA SER A 17 7.61 38.36 9.76
C SER A 17 7.57 38.33 8.24
N THR A 18 8.48 37.56 7.65
CA THR A 18 8.52 37.32 6.20
C THR A 18 8.01 35.92 5.83
N GLU A 19 7.70 35.09 6.84
CA GLU A 19 7.12 33.76 6.65
C GLU A 19 6.03 33.76 5.59
N GLN A 20 6.11 32.81 4.69
CA GLN A 20 5.23 32.72 3.54
C GLN A 20 4.57 31.34 3.56
N VAL A 21 3.45 31.25 2.88
CA VAL A 21 2.57 30.12 3.00
C VAL A 21 1.80 30.06 1.69
N ASP A 22 1.45 28.87 1.23
CA ASP A 22 0.59 28.75 0.06
C ASP A 22 -0.80 28.33 0.54
N THR A 23 -1.75 28.56 -0.35
CA THR A 23 -3.14 28.32 -0.14
C THR A 23 -3.57 27.60 -1.41
N ILE A 24 -4.74 26.99 -1.43
CA ILE A 24 -5.19 26.34 -2.66
C ILE A 24 -5.46 27.34 -3.81
N MET A 25 -5.84 28.55 -3.47
CA MET A 25 -6.06 29.63 -4.48
C MET A 25 -4.99 30.70 -4.58
N GLU A 26 -4.05 30.73 -3.65
CA GLU A 26 -3.01 31.74 -3.65
C GLU A 26 -1.67 31.18 -3.22
N LYS A 27 -0.61 31.66 -3.85
CA LYS A 27 0.73 31.33 -3.49
C LYS A 27 1.48 32.49 -2.82
N ASN A 28 2.50 32.14 -2.06
CA ASN A 28 3.45 33.13 -1.56
C ASN A 28 2.71 34.27 -0.83
N VAL A 29 1.87 33.85 0.10
CA VAL A 29 1.15 34.75 0.97
C VAL A 29 1.90 34.93 2.25
N THR A 30 2.33 36.15 2.52
CA THR A 30 3.07 36.45 3.71
C THR A 30 2.12 36.47 4.88
N VAL A 31 2.55 35.84 5.97
CA VAL A 31 1.75 35.76 7.16
C VAL A 31 2.56 36.14 8.40
N THR A 32 1.81 36.24 9.48
CA THR A 32 2.25 36.82 10.72
C THR A 32 3.05 35.77 11.52
N HIS A 33 2.49 34.56 11.55
CA HIS A 33 3.09 33.40 12.23
C HIS A 33 2.80 32.17 11.38
N ALA A 34 3.66 31.16 11.48
CA ALA A 34 3.49 29.93 10.71
C ALA A 34 4.19 28.81 11.40
N GLN A 35 3.72 27.60 11.10
CA GLN A 35 4.31 26.42 11.67
C GLN A 35 4.52 25.31 10.62
N ASP A 36 5.79 24.87 10.51
CA ASP A 36 6.19 23.78 9.59
C ASP A 36 5.97 22.42 10.26
N ILE A 37 5.19 21.54 9.64
CA ILE A 37 4.93 20.21 10.20
C ILE A 37 5.77 19.09 9.55
N LEU A 38 6.80 19.47 8.80
CA LEU A 38 7.72 18.52 8.17
C LEU A 38 9.00 18.46 8.97
N GLU A 39 9.31 17.27 9.49
CA GLU A 39 10.59 17.03 10.18
C GLU A 39 11.73 16.90 9.17
N LYS A 40 12.72 17.77 9.28
CA LYS A 40 13.83 17.87 8.30
C LYS A 40 15.17 17.55 8.90
N THR A 41 15.24 17.41 10.22
CA THR A 41 16.53 17.26 10.86
C THR A 41 16.67 15.94 11.57
N HIS A 42 17.92 15.52 11.68
CA HIS A 42 18.34 14.36 12.43
C HIS A 42 19.70 14.62 13.09
N ASN A 43 20.02 13.77 14.06
CA ASN A 43 21.16 13.98 14.95
C ASN A 43 22.50 13.42 14.44
N GLY A 44 22.51 12.92 13.21
CA GLY A 44 23.70 12.48 12.61
C GLY A 44 24.36 11.21 13.15
N LYS A 45 23.68 10.51 14.04
CA LYS A 45 24.28 9.37 14.74
C LYS A 45 23.43 8.08 14.79
N LEU A 46 24.08 6.92 15.07
CA LEU A 46 23.40 5.65 15.30
C LEU A 46 23.19 5.47 16.78
N CYS A 47 21.96 5.20 17.14
CA CYS A 47 21.53 5.15 18.48
C CYS A 47 20.86 3.85 18.88
N ASP A 48 20.72 3.68 20.19
CA ASP A 48 19.91 2.65 20.76
C ASP A 48 18.50 2.93 20.30
N LEU A 49 17.72 1.88 20.31
CA LEU A 49 16.34 1.98 19.90
C LEU A 49 15.54 1.58 21.12
N ASN A 50 14.85 2.55 21.73
CA ASN A 50 14.07 2.31 22.96
C ASN A 50 14.88 1.64 24.04
N GLY A 51 16.07 2.16 24.25
CA GLY A 51 16.93 1.65 25.30
C GLY A 51 17.80 0.48 24.97
N VAL A 52 17.64 -0.17 23.83
CA VAL A 52 18.58 -1.23 23.49
C VAL A 52 19.50 -0.95 22.30
N LYS A 53 20.76 -1.26 22.52
CA LYS A 53 21.80 -0.98 21.59
C LYS A 53 21.73 -1.88 20.33
N PRO A 54 22.08 -1.34 19.16
CA PRO A 54 22.22 -2.19 18.01
C PRO A 54 23.45 -3.06 18.07
N LEU A 55 23.48 -4.06 17.20
CA LEU A 55 24.62 -4.89 16.99
C LEU A 55 25.32 -4.30 15.80
N ILE A 56 26.49 -3.74 16.03
CA ILE A 56 27.19 -3.00 15.00
C ILE A 56 28.34 -3.87 14.56
N LEU A 57 28.27 -4.37 13.32
CA LEU A 57 29.17 -5.40 12.90
C LEU A 57 30.46 -4.92 12.27
N LYS A 58 30.53 -3.68 11.86
CA LYS A 58 31.80 -3.10 11.41
C LYS A 58 32.31 -3.73 10.11
N ASP A 59 33.47 -4.38 10.11
CA ASP A 59 34.02 -4.97 8.88
C ASP A 59 33.58 -6.45 8.67
N CYS A 60 32.65 -6.95 9.50
CA CYS A 60 32.13 -8.31 9.35
C CYS A 60 30.69 -8.35 8.89
N SER A 61 30.43 -9.36 8.09
CA SER A 61 29.07 -9.67 7.73
C SER A 61 28.46 -10.50 8.85
N VAL A 62 27.13 -10.62 8.85
CA VAL A 62 26.46 -11.52 9.83
C VAL A 62 27.05 -12.94 9.70
N ALA A 63 27.30 -13.38 8.48
CA ALA A 63 27.85 -14.75 8.33
C ALA A 63 29.24 -14.93 8.97
N GLY A 64 30.11 -13.94 8.80
CA GLY A 64 31.47 -14.03 9.27
C GLY A 64 31.46 -14.00 10.77
N TRP A 65 30.63 -13.13 11.31
CA TRP A 65 30.44 -12.99 12.75
C TRP A 65 29.92 -14.28 13.36
N LEU A 66 28.88 -14.83 12.76
CA LEU A 66 28.29 -16.04 13.27
C LEU A 66 29.24 -17.22 13.24
N LEU A 67 29.82 -17.46 12.07
CA LEU A 67 30.72 -18.62 11.89
C LEU A 67 32.05 -18.44 12.58
N GLY A 68 32.39 -17.19 12.90
CA GLY A 68 33.68 -16.85 13.52
C GLY A 68 34.87 -16.77 12.60
N ASN A 69 34.66 -16.17 11.45
CA ASN A 69 35.75 -15.77 10.57
C ASN A 69 36.86 -15.19 11.45
N PRO A 70 38.09 -15.71 11.30
CA PRO A 70 39.09 -15.28 12.29
C PRO A 70 39.45 -13.80 12.20
N MET A 71 39.12 -13.12 11.11
CA MET A 71 39.20 -11.64 11.09
C MET A 71 38.09 -10.90 11.84
N CYS A 72 37.18 -11.62 12.44
CA CYS A 72 36.12 -10.99 13.21
C CYS A 72 36.46 -11.33 14.69
N ASP A 73 37.73 -11.68 14.96
CA ASP A 73 38.14 -12.46 16.18
C ASP A 73 37.80 -11.77 17.49
N GLU A 74 36.75 -10.99 17.46
CA GLU A 74 36.51 -10.04 18.48
C GLU A 74 35.34 -10.51 19.32
N PHE A 75 35.11 -11.84 19.48
CA PHE A 75 33.83 -12.25 20.08
C PHE A 75 33.57 -11.75 21.50
N ILE A 76 33.03 -10.53 21.55
CA ILE A 76 32.45 -9.92 22.73
C ILE A 76 30.98 -10.37 22.82
N ARG A 77 30.52 -10.57 24.04
CA ARG A 77 29.10 -10.71 24.30
C ARG A 77 28.39 -9.33 24.19
N VAL A 78 27.50 -9.20 23.21
CA VAL A 78 26.31 -8.36 23.30
C VAL A 78 25.23 -9.43 23.48
N PRO A 79 24.59 -9.53 24.65
CA PRO A 79 23.60 -10.58 24.86
C PRO A 79 22.20 -10.26 24.34
N GLU A 80 21.94 -9.00 23.98
CA GLU A 80 20.72 -8.62 23.30
C GLU A 80 20.96 -7.41 22.42
N TRP A 81 20.10 -7.22 21.43
CA TRP A 81 20.19 -6.06 20.52
C TRP A 81 18.84 -5.80 19.81
N SER A 82 18.66 -4.59 19.31
CA SER A 82 17.38 -4.20 18.75
C SER A 82 17.36 -4.18 17.23
N TYR A 83 18.51 -3.92 16.62
CA TYR A 83 18.69 -4.08 15.16
C TYR A 83 20.12 -4.41 14.87
N ILE A 84 20.41 -4.84 13.66
CA ILE A 84 21.79 -5.05 13.22
C ILE A 84 22.21 -3.99 12.20
N VAL A 85 23.40 -3.46 12.35
CA VAL A 85 23.97 -2.55 11.41
C VAL A 85 25.15 -3.26 10.73
N GLU A 86 25.08 -3.37 9.39
CA GLU A 86 26.14 -3.88 8.53
C GLU A 86 26.58 -2.76 7.58
N ARG A 87 27.86 -2.75 7.26
CA ARG A 87 28.34 -1.88 6.24
C ARG A 87 27.83 -2.36 4.90
N ALA A 88 27.83 -1.46 3.93
CA ALA A 88 27.39 -1.82 2.60
C ALA A 88 28.16 -3.05 2.10
N ASN A 89 29.47 -3.05 2.30
CA ASN A 89 30.35 -4.15 1.88
C ASN A 89 31.35 -4.55 2.95
N PRO A 90 30.90 -5.37 3.91
CA PRO A 90 31.83 -5.87 4.91
C PRO A 90 32.96 -6.62 4.18
N ALA A 91 34.18 -6.44 4.66
CA ALA A 91 35.35 -7.03 4.11
C ALA A 91 35.51 -8.47 4.57
N ASN A 92 34.99 -8.77 5.77
CA ASN A 92 35.10 -10.12 6.29
C ASN A 92 33.79 -10.91 6.33
N ASP A 93 33.74 -11.93 5.49
CA ASP A 93 32.47 -12.63 5.26
C ASP A 93 32.81 -14.16 5.24
N LEU A 94 32.72 -14.85 4.11
CA LEU A 94 33.10 -16.23 4.10
C LEU A 94 34.53 -16.28 3.60
N CYS A 95 35.47 -16.33 4.53
CA CYS A 95 36.89 -16.30 4.23
C CYS A 95 37.20 -17.49 3.32
N TYR A 96 36.71 -18.65 3.70
CA TYR A 96 36.73 -19.81 2.81
C TYR A 96 35.44 -19.69 2.01
N PRO A 97 35.55 -19.62 0.70
CA PRO A 97 34.36 -19.28 -0.11
C PRO A 97 33.31 -20.36 -0.12
N GLY A 98 32.08 -19.93 -0.36
CA GLY A 98 30.96 -20.86 -0.41
C GLY A 98 29.63 -20.18 -0.20
N ASN A 99 28.78 -20.77 0.62
CA ASN A 99 27.45 -20.22 0.87
C ASN A 99 27.03 -20.48 2.30
N LEU A 100 26.06 -19.69 2.74
CA LEU A 100 25.28 -19.96 3.93
C LEU A 100 23.86 -20.08 3.48
N ASN A 101 23.28 -21.25 3.68
CA ASN A 101 21.91 -21.47 3.26
C ASN A 101 20.88 -20.56 3.96
N ASP A 102 19.83 -20.19 3.26
CA ASP A 102 18.78 -19.37 3.82
C ASP A 102 19.34 -18.18 4.55
N TYR A 103 20.35 -17.55 3.96
CA TYR A 103 21.11 -16.53 4.69
C TYR A 103 20.25 -15.34 5.05
N GLU A 104 19.37 -14.94 4.14
CA GLU A 104 18.59 -13.73 4.37
C GLU A 104 17.57 -13.95 5.46
N GLU A 105 16.95 -15.14 5.50
CA GLU A 105 15.96 -15.44 6.52
C GLU A 105 16.67 -15.54 7.85
N LEU A 106 17.87 -16.11 7.85
CA LEU A 106 18.67 -16.14 9.09
C LEU A 106 18.97 -14.70 9.62
N LYS A 107 19.43 -13.82 8.74
CA LYS A 107 19.68 -12.45 9.15
C LYS A 107 18.43 -11.77 9.68
N HIS A 108 17.30 -12.05 9.05
CA HIS A 108 16.04 -11.52 9.48
C HIS A 108 15.67 -12.04 10.87
N LEU A 109 15.92 -13.32 11.09
CA LEU A 109 15.71 -13.95 12.41
C LEU A 109 16.59 -13.29 13.46
N LEU A 110 17.83 -13.04 13.11
CA LEU A 110 18.77 -12.46 14.07
C LEU A 110 18.67 -10.94 14.16
N SER A 111 17.79 -10.29 13.40
CA SER A 111 17.80 -8.83 13.35
C SER A 111 17.56 -8.21 14.73
N ARG A 112 16.65 -8.82 15.45
CA ARG A 112 16.42 -8.44 16.81
C ARG A 112 16.32 -9.64 17.72
N ILE A 113 17.09 -9.61 18.82
CA ILE A 113 17.30 -10.80 19.65
C ILE A 113 17.30 -10.37 21.10
N ASN A 114 16.51 -11.08 21.88
CA ASN A 114 16.27 -10.75 23.28
C ASN A 114 17.36 -11.37 24.19
N HIS A 115 17.81 -12.59 23.89
CA HIS A 115 18.98 -13.17 24.60
C HIS A 115 19.80 -14.01 23.62
N PHE A 116 21.10 -13.80 23.62
CA PHE A 116 21.99 -14.48 22.70
C PHE A 116 23.21 -14.89 23.49
N GLU A 117 23.55 -16.17 23.48
CA GLU A 117 24.73 -16.61 24.21
C GLU A 117 25.44 -17.73 23.50
N LYS A 118 26.69 -17.50 23.17
CA LYS A 118 27.55 -18.52 22.62
C LYS A 118 27.97 -19.55 23.66
N ILE A 119 27.75 -20.82 23.36
CA ILE A 119 28.15 -21.92 24.26
C ILE A 119 28.87 -23.03 23.47
N LEU A 120 29.76 -23.73 24.14
CA LEU A 120 30.46 -24.83 23.54
C LEU A 120 29.58 -26.05 23.62
N ILE A 121 29.30 -26.68 22.47
CA ILE A 121 28.43 -27.87 22.48
C ILE A 121 29.17 -29.17 22.17
N ILE A 122 30.22 -29.10 21.35
CA ILE A 122 30.97 -30.25 20.99
C ILE A 122 32.46 -29.88 21.04
N PRO A 123 33.13 -30.08 22.20
CA PRO A 123 34.53 -29.68 22.29
C PRO A 123 35.41 -30.38 21.27
N LYS A 124 36.41 -29.67 20.77
CA LYS A 124 37.38 -30.22 19.81
C LYS A 124 37.99 -31.54 20.28
N SER A 125 38.29 -31.63 21.57
CA SER A 125 38.95 -32.80 22.11
C SER A 125 38.12 -34.07 22.05
N SER A 126 36.83 -33.92 21.78
CA SER A 126 35.93 -35.04 21.74
C SER A 126 36.07 -35.88 20.44
N TRP A 127 36.72 -35.32 19.41
CA TRP A 127 36.98 -36.08 18.19
C TRP A 127 38.28 -36.93 18.30
N THR A 128 38.17 -38.14 18.85
CA THR A 128 39.39 -38.94 19.12
C THR A 128 39.92 -39.67 17.90
N ASN A 129 39.04 -39.98 16.96
CA ASN A 129 39.44 -40.71 15.75
C ASN A 129 39.63 -39.89 14.49
N HIS A 130 39.56 -38.55 14.61
CA HIS A 130 39.76 -37.68 13.46
C HIS A 130 40.72 -36.58 13.80
N GLU A 131 41.34 -36.03 12.77
CA GLU A 131 42.28 -34.90 12.95
C GLU A 131 41.46 -33.60 13.11
N THR A 132 41.73 -32.84 14.16
CA THR A 132 41.00 -31.58 14.40
C THR A 132 41.86 -30.32 14.27
N SER A 133 43.11 -30.45 13.90
CA SER A 133 44.02 -29.32 13.90
C SER A 133 44.60 -28.99 12.53
N LEU A 134 44.22 -29.78 11.50
CA LEU A 134 44.71 -29.63 10.11
C LEU A 134 43.72 -29.00 9.12
N GLY A 135 42.52 -28.70 9.58
CA GLY A 135 41.54 -28.05 8.74
C GLY A 135 41.61 -26.54 8.77
N VAL A 136 42.61 -26.03 8.10
CA VAL A 136 42.91 -24.61 8.14
C VAL A 136 43.29 -24.26 6.74
N SER A 137 43.26 -22.98 6.42
CA SER A 137 43.51 -22.56 5.08
C SER A 137 44.09 -21.17 5.06
N ALA A 138 44.94 -20.92 4.06
CA ALA A 138 45.46 -19.55 3.80
C ALA A 138 44.32 -18.61 3.49
N ALA A 139 43.15 -19.14 3.12
CA ALA A 139 41.98 -18.30 2.86
C ALA A 139 41.39 -17.70 4.17
N CYS A 140 41.73 -18.27 5.31
CA CYS A 140 41.23 -17.82 6.59
C CYS A 140 42.40 -17.62 7.60
N PRO A 141 43.22 -16.62 7.37
CA PRO A 141 44.40 -16.46 8.23
C PRO A 141 44.02 -15.89 9.55
N TYR A 142 44.79 -16.25 10.55
CA TYR A 142 44.73 -15.59 11.83
C TYR A 142 46.15 -15.35 12.33
N GLN A 143 46.52 -14.07 12.36
CA GLN A 143 47.88 -13.63 12.64
C GLN A 143 48.76 -14.05 11.47
N GLY A 144 48.25 -13.81 10.24
CA GLY A 144 48.99 -14.15 8.99
C GLY A 144 49.17 -15.63 8.64
N THR A 145 49.03 -16.50 9.66
CA THR A 145 49.10 -17.99 9.62
C THR A 145 47.73 -18.70 9.28
N PRO A 146 47.76 -19.81 8.53
CA PRO A 146 46.46 -20.35 8.09
C PRO A 146 45.58 -20.78 9.22
N SER A 147 44.28 -20.52 9.10
CA SER A 147 43.35 -20.84 10.20
C SER A 147 42.00 -21.18 9.62
N PHE A 148 40.95 -20.88 10.37
CA PHE A 148 39.64 -21.24 9.92
C PHE A 148 38.56 -20.63 10.81
N PHE A 149 37.32 -20.69 10.34
CA PHE A 149 36.17 -20.27 11.13
C PHE A 149 36.29 -20.88 12.52
N ARG A 150 36.13 -20.06 13.55
CA ARG A 150 36.38 -20.51 14.93
C ARG A 150 35.24 -21.24 15.63
N ASN A 151 34.04 -21.21 15.08
CA ASN A 151 32.92 -21.85 15.72
C ASN A 151 32.56 -23.24 15.18
N VAL A 152 33.25 -23.67 14.12
CA VAL A 152 33.03 -24.94 13.51
C VAL A 152 34.39 -25.56 13.27
N VAL A 153 34.43 -26.87 12.99
CA VAL A 153 35.68 -27.60 12.87
C VAL A 153 35.76 -28.41 11.61
N TRP A 154 36.81 -28.20 10.84
CA TRP A 154 36.99 -28.88 9.59
C TRP A 154 37.76 -30.15 9.91
N LEU A 155 37.01 -31.22 10.16
CA LEU A 155 37.62 -32.53 10.45
C LEU A 155 38.34 -33.14 9.25
N ILE A 156 39.52 -33.69 9.52
CA ILE A 156 40.37 -34.33 8.51
C ILE A 156 40.66 -35.82 8.92
N LYS A 157 41.00 -36.66 7.94
CA LYS A 157 41.37 -38.08 8.23
C LYS A 157 42.56 -38.17 9.20
N LYS A 158 42.60 -39.23 9.99
CA LYS A 158 43.66 -39.41 10.99
C LYS A 158 44.26 -40.76 10.76
N ASN A 159 45.59 -40.83 10.90
CA ASN A 159 46.35 -41.97 10.40
C ASN A 159 45.92 -41.99 8.93
N ASP A 160 45.48 -43.08 8.34
CA ASP A 160 44.99 -42.89 6.97
C ASP A 160 43.52 -43.28 6.91
N ALA A 161 42.76 -42.83 7.91
CA ALA A 161 41.35 -43.22 8.01
C ALA A 161 40.39 -42.11 8.45
N TYR A 162 39.14 -42.26 8.04
CA TYR A 162 38.05 -41.38 8.44
C TYR A 162 36.90 -42.32 8.72
N PRO A 163 36.83 -42.76 9.97
CA PRO A 163 35.71 -43.62 10.34
C PRO A 163 34.43 -42.83 10.39
N THR A 164 33.33 -43.53 10.25
CA THR A 164 32.06 -42.91 10.08
C THR A 164 31.64 -42.32 11.38
N ILE A 165 31.35 -41.03 11.34
CA ILE A 165 30.94 -40.27 12.52
C ILE A 165 29.49 -40.51 12.78
N LYS A 166 29.13 -40.78 14.05
CA LYS A 166 27.70 -40.83 14.49
C LYS A 166 27.63 -40.22 15.82
N ILE A 167 27.13 -38.99 15.89
CA ILE A 167 27.02 -38.31 17.17
C ILE A 167 25.68 -37.64 17.29
N SER A 168 25.31 -37.34 18.51
CA SER A 168 24.10 -36.57 18.70
C SER A 168 24.33 -35.62 19.82
N TYR A 169 23.64 -34.48 19.76
CA TYR A 169 23.70 -33.47 20.83
C TYR A 169 22.29 -33.16 21.22
N ASN A 170 22.03 -33.30 22.50
CA ASN A 170 20.73 -33.06 23.07
C ASN A 170 20.72 -31.63 23.63
N ASN A 171 19.73 -30.83 23.24
CA ASN A 171 19.63 -29.49 23.83
C ASN A 171 19.07 -29.53 25.25
N THR A 172 19.96 -29.68 26.22
CA THR A 172 19.53 -29.67 27.65
C THR A 172 19.40 -28.29 28.22
N ASN A 173 19.61 -27.24 27.41
CA ASN A 173 19.36 -25.87 27.86
C ASN A 173 17.85 -25.59 27.81
N GLN A 174 17.46 -24.44 28.29
CA GLN A 174 16.08 -24.05 28.38
C GLN A 174 15.70 -23.20 27.21
N GLU A 175 16.70 -22.87 26.40
CA GLU A 175 16.53 -21.98 25.26
C GLU A 175 16.78 -22.72 24.00
N ASP A 176 16.12 -22.28 22.94
CA ASP A 176 16.48 -22.71 21.60
C ASP A 176 17.96 -22.56 21.34
N LEU A 177 18.50 -23.41 20.50
CA LEU A 177 19.89 -23.31 20.09
C LEU A 177 20.00 -23.10 18.55
N LEU A 178 20.73 -22.08 18.13
CA LEU A 178 21.09 -21.94 16.70
C LEU A 178 22.36 -22.72 16.46
N ILE A 179 22.27 -23.75 15.65
CA ILE A 179 23.41 -24.60 15.32
C ILE A 179 23.72 -24.49 13.84
N LEU A 180 25.01 -24.51 13.55
CA LEU A 180 25.51 -24.46 12.19
C LEU A 180 26.54 -25.54 11.91
N TRP A 181 26.59 -26.01 10.66
CA TRP A 181 27.53 -27.01 10.18
C TRP A 181 27.63 -26.84 8.69
N GLY A 182 28.49 -27.62 8.04
CA GLY A 182 28.72 -27.44 6.64
C GLY A 182 29.27 -28.64 5.92
N VAL A 183 29.34 -28.52 4.59
CA VAL A 183 29.90 -29.52 3.72
C VAL A 183 30.99 -28.89 2.89
N HIS A 184 32.10 -29.61 2.76
CA HIS A 184 33.21 -29.21 1.94
C HIS A 184 33.16 -29.85 0.56
N HIS A 185 33.07 -29.03 -0.47
CA HIS A 185 33.15 -29.49 -1.84
C HIS A 185 34.59 -29.47 -2.29
N SER A 186 35.14 -30.67 -2.46
CA SER A 186 36.56 -30.83 -2.80
C SER A 186 36.66 -30.69 -4.30
N ASN A 187 37.88 -30.63 -4.81
CA ASN A 187 38.15 -30.30 -6.23
C ASN A 187 38.36 -31.46 -7.21
N ASN A 188 38.77 -32.61 -6.69
CA ASN A 188 39.02 -33.81 -7.47
C ASN A 188 39.28 -35.01 -6.58
N ALA A 189 39.33 -36.19 -7.20
CA ALA A 189 39.48 -37.46 -6.47
C ALA A 189 40.72 -37.53 -5.57
N ALA A 190 41.81 -36.98 -6.04
CA ALA A 190 43.04 -37.03 -5.26
C ALA A 190 42.93 -36.24 -3.99
N GLU A 191 42.38 -35.03 -4.11
CA GLU A 191 42.22 -34.14 -2.94
C GLU A 191 41.27 -34.79 -1.93
N GLN A 192 40.22 -35.44 -2.47
CA GLN A 192 39.21 -36.14 -1.68
C GLN A 192 39.83 -37.23 -0.83
N THR A 193 40.66 -38.09 -1.42
CA THR A 193 41.33 -39.13 -0.63
C THR A 193 42.41 -38.51 0.26
N ASN A 194 43.07 -37.49 -0.24
CA ASN A 194 44.09 -36.81 0.55
C ASN A 194 43.59 -36.26 1.86
N LEU A 195 42.36 -35.73 1.85
CA LEU A 195 41.75 -35.13 3.04
C LEU A 195 40.93 -36.10 3.86
N TYR A 196 40.18 -36.97 3.19
CA TYR A 196 39.13 -37.75 3.85
C TYR A 196 39.19 -39.26 3.64
N LYS A 197 40.13 -39.70 2.82
CA LYS A 197 40.32 -41.10 2.51
C LYS A 197 39.17 -41.63 1.67
N ASN A 198 37.98 -41.60 2.25
CA ASN A 198 36.80 -42.19 1.61
C ASN A 198 36.42 -41.35 0.39
N PRO A 199 36.29 -41.97 -0.78
CA PRO A 199 36.02 -41.21 -1.99
C PRO A 199 34.56 -40.75 -2.16
N THR A 200 33.63 -41.58 -1.73
CA THR A 200 32.20 -41.34 -1.87
C THR A 200 31.59 -41.04 -0.49
N THR A 201 31.23 -39.79 -0.26
CA THR A 201 30.87 -39.35 1.12
C THR A 201 29.54 -38.64 1.17
N TYR A 202 29.09 -38.42 2.39
CA TYR A 202 27.82 -37.83 2.65
C TYR A 202 27.82 -37.26 4.07
N ILE A 203 26.84 -36.40 4.32
CA ILE A 203 26.50 -35.97 5.67
C ILE A 203 25.01 -36.07 5.86
N SER A 204 24.60 -36.67 6.99
CA SER A 204 23.18 -36.73 7.32
C SER A 204 22.95 -35.97 8.61
N VAL A 205 21.86 -35.20 8.64
CA VAL A 205 21.53 -34.44 9.80
C VAL A 205 20.05 -34.63 10.06
N GLY A 206 19.72 -35.00 11.30
CA GLY A 206 18.35 -35.24 11.73
C GLY A 206 18.02 -34.63 13.07
N THR A 207 16.86 -34.02 13.17
CA THR A 207 16.30 -33.57 14.46
C THR A 207 14.88 -34.13 14.54
N SER A 208 13.99 -33.46 15.23
CA SER A 208 12.60 -33.85 15.14
C SER A 208 11.92 -33.35 13.88
N THR A 209 12.46 -32.29 13.26
CA THR A 209 11.90 -31.68 12.03
C THR A 209 12.85 -31.71 10.83
N LEU A 210 14.13 -31.72 11.11
CA LEU A 210 15.09 -31.68 10.06
C LEU A 210 15.44 -33.07 9.58
N ASN A 211 15.62 -33.21 8.28
CA ASN A 211 15.94 -34.49 7.71
C ASN A 211 16.81 -34.21 6.47
N GLN A 212 18.09 -34.00 6.67
CA GLN A 212 18.93 -33.47 5.60
C GLN A 212 19.97 -34.49 5.16
N ARG A 213 20.28 -34.47 3.88
CA ARG A 213 21.46 -35.22 3.43
C ARG A 213 22.32 -34.37 2.48
N LEU A 214 23.60 -34.19 2.78
CA LEU A 214 24.46 -33.39 1.95
C LEU A 214 25.50 -34.29 1.31
N VAL A 215 25.80 -33.98 0.04
CA VAL A 215 26.74 -34.72 -0.76
C VAL A 215 27.68 -33.73 -1.44
N PRO A 216 28.99 -33.95 -1.30
CA PRO A 216 29.95 -33.08 -1.97
C PRO A 216 29.88 -33.13 -3.46
N LYS A 217 30.12 -31.97 -4.09
CA LYS A 217 30.12 -31.79 -5.56
C LYS A 217 31.52 -31.58 -6.00
N ILE A 218 32.11 -32.66 -6.48
CA ILE A 218 33.55 -32.71 -6.71
C ILE A 218 33.72 -32.31 -8.13
N ALA A 219 34.16 -31.08 -8.34
CA ALA A 219 34.14 -30.48 -9.67
C ALA A 219 35.09 -29.31 -9.81
N THR A 220 35.28 -28.84 -11.05
CA THR A 220 36.15 -27.68 -11.34
C THR A 220 35.42 -26.36 -11.21
N ARG A 221 36.00 -25.43 -10.42
CA ARG A 221 35.46 -24.11 -10.17
C ARG A 221 36.54 -23.06 -10.26
N SER A 222 36.16 -21.81 -10.35
CA SER A 222 37.13 -20.69 -10.39
C SER A 222 37.73 -20.45 -8.99
N GLN A 223 38.85 -19.74 -8.90
CA GLN A 223 39.49 -19.47 -7.61
C GLN A 223 38.82 -18.31 -6.98
N VAL A 224 38.54 -18.41 -5.67
CA VAL A 224 38.11 -17.29 -4.87
C VAL A 224 38.88 -17.37 -3.56
N ASN A 225 39.45 -16.23 -3.12
CA ASN A 225 40.40 -16.14 -1.99
C ASN A 225 41.43 -17.22 -2.07
N GLY A 226 41.92 -17.51 -3.27
CA GLY A 226 42.96 -18.48 -3.50
C GLY A 226 42.49 -19.94 -3.58
N GLN A 227 41.19 -20.20 -3.49
CA GLN A 227 40.65 -21.57 -3.35
C GLN A 227 39.63 -21.94 -4.42
N ARG A 228 39.69 -23.16 -4.88
CA ARG A 228 38.69 -23.67 -5.85
C ARG A 228 37.64 -24.50 -5.14
N GLY A 229 37.95 -24.94 -3.93
CA GLY A 229 36.95 -25.58 -3.08
C GLY A 229 35.89 -24.64 -2.57
N ARG A 230 34.84 -25.21 -2.00
CA ARG A 230 33.77 -24.41 -1.46
C ARG A 230 33.29 -25.03 -0.20
N MET A 231 32.71 -24.19 0.67
CA MET A 231 31.99 -24.71 1.85
C MET A 231 30.59 -24.16 1.96
N ASP A 232 29.60 -25.06 1.98
CA ASP A 232 28.20 -24.72 2.05
C ASP A 232 27.71 -25.00 3.48
N PHE A 233 27.26 -23.95 4.14
CA PHE A 233 26.89 -24.02 5.53
C PHE A 233 25.40 -24.05 5.62
N PHE A 234 24.91 -24.72 6.66
CA PHE A 234 23.50 -24.86 6.89
C PHE A 234 23.20 -24.62 8.35
N TRP A 235 21.93 -24.37 8.71
CA TRP A 235 21.61 -24.13 10.11
C TRP A 235 20.26 -24.70 10.52
N THR A 236 20.01 -24.78 11.82
CA THR A 236 18.70 -25.10 12.34
C THR A 236 18.51 -24.54 13.73
N ILE A 237 17.27 -24.47 14.17
CA ILE A 237 16.95 -24.07 15.55
C ILE A 237 16.58 -25.34 16.28
N LEU A 238 17.43 -25.79 17.20
CA LEU A 238 17.18 -27.03 17.92
C LEU A 238 16.41 -26.68 19.17
N LYS A 239 15.18 -27.16 19.26
CA LYS A 239 14.30 -26.79 20.37
C LYS A 239 14.79 -27.40 21.70
N PRO A 240 14.40 -26.80 22.82
CA PRO A 240 14.81 -27.29 24.11
C PRO A 240 14.77 -28.77 24.40
N ASN A 241 13.80 -29.58 24.08
CA ASN A 241 14.31 -31.01 24.46
C ASN A 241 14.73 -31.98 23.35
N ASP A 242 15.06 -31.41 22.21
CA ASP A 242 15.27 -32.18 21.03
C ASP A 242 16.77 -32.47 20.95
N ALA A 243 17.13 -33.34 20.05
CA ALA A 243 18.47 -33.64 19.80
C ALA A 243 18.70 -33.61 18.31
N ILE A 244 19.97 -33.37 17.94
CA ILE A 244 20.38 -33.31 16.59
C ILE A 244 21.29 -34.46 16.34
N HIS A 245 21.14 -35.12 15.21
CA HIS A 245 21.92 -36.36 14.94
C HIS A 245 22.72 -36.22 13.65
N PHE A 246 24.04 -36.30 13.78
CA PHE A 246 24.95 -36.12 12.68
C PHE A 246 25.53 -37.45 12.35
N GLU A 247 25.71 -37.70 11.06
CA GLU A 247 26.44 -38.87 10.58
C GLU A 247 27.18 -38.49 9.30
N SER A 248 28.47 -38.82 9.24
CA SER A 248 29.24 -38.52 8.05
C SER A 248 30.43 -39.42 7.93
N ASN A 249 30.83 -39.70 6.70
CA ASN A 249 32.12 -40.33 6.46
C ASN A 249 33.08 -39.44 5.68
N GLY A 250 32.87 -38.12 5.73
CA GLY A 250 33.78 -37.20 5.06
C GLY A 250 33.19 -35.83 4.74
N ASN A 251 34.08 -34.86 4.51
CA ASN A 251 33.65 -33.54 4.03
C ASN A 251 32.75 -32.77 5.01
N PHE A 252 32.83 -33.14 6.29
CA PHE A 252 31.92 -32.61 7.29
C PHE A 252 32.63 -31.48 8.05
N ILE A 253 31.95 -30.33 8.12
CA ILE A 253 32.43 -29.20 8.90
C ILE A 253 31.51 -29.15 10.09
N ALA A 254 32.02 -29.59 11.25
CA ALA A 254 31.20 -29.89 12.40
C ALA A 254 30.95 -28.72 13.32
N PRO A 255 29.80 -28.73 14.01
CA PRO A 255 29.65 -27.70 15.01
C PRO A 255 30.71 -27.86 16.06
N GLU A 256 31.08 -26.73 16.67
CA GLU A 256 31.87 -26.71 17.91
C GLU A 256 31.07 -25.85 18.89
N TYR A 257 30.85 -24.60 18.54
CA TYR A 257 30.02 -23.73 19.33
C TYR A 257 28.66 -23.53 18.65
N ALA A 258 27.72 -23.00 19.43
CA ALA A 258 26.38 -22.81 18.97
C ALA A 258 25.83 -21.70 19.82
N TYR A 259 24.59 -21.29 19.60
CA TYR A 259 24.12 -20.08 20.30
C TYR A 259 22.77 -20.25 20.92
N LYS A 260 22.69 -20.02 22.23
CA LYS A 260 21.40 -19.95 22.91
C LYS A 260 20.70 -18.70 22.42
N ILE A 261 19.45 -18.81 22.05
CA ILE A 261 18.79 -17.70 21.38
C ILE A 261 17.37 -17.57 21.91
N VAL A 262 16.96 -16.35 22.27
CA VAL A 262 15.59 -16.09 22.64
C VAL A 262 15.10 -14.95 21.78
N LYS A 263 13.95 -15.14 21.14
CA LYS A 263 13.50 -14.25 20.06
C LYS A 263 12.59 -13.04 20.41
N LYS A 264 11.33 -13.27 20.74
CA LYS A 264 10.47 -12.08 21.15
C LYS A 264 10.07 -10.88 20.22
N GLY A 265 10.64 -10.73 19.06
CA GLY A 265 10.47 -9.47 18.33
C GLY A 265 11.29 -9.41 17.05
N ASP A 266 10.81 -8.62 16.09
CA ASP A 266 11.41 -8.56 14.75
C ASP A 266 11.91 -7.15 14.42
N SER A 267 12.90 -7.09 13.54
CA SER A 267 13.47 -5.84 13.13
C SER A 267 13.95 -6.04 11.70
N THR A 268 15.09 -5.45 11.33
CA THR A 268 15.72 -5.76 10.06
C THR A 268 17.16 -5.39 10.11
N ILE A 269 17.85 -5.53 8.96
CA ILE A 269 19.27 -5.20 8.89
C ILE A 269 19.40 -3.78 8.32
N MET A 270 20.11 -2.90 9.02
CA MET A 270 20.35 -1.57 8.54
C MET A 270 21.73 -1.53 7.89
N LYS A 271 21.81 -0.89 6.74
CA LYS A 271 23.07 -0.65 6.05
C LYS A 271 23.49 0.79 6.32
N SER A 272 24.60 0.97 7.02
CA SER A 272 25.11 2.29 7.38
C SER A 272 26.59 2.21 7.56
N GLU A 273 27.27 3.32 7.28
CA GLU A 273 28.71 3.38 7.52
C GLU A 273 29.06 3.98 8.88
N MET A 274 28.07 4.55 9.53
CA MET A 274 28.28 5.24 10.79
C MET A 274 28.61 4.33 11.96
N GLU A 275 29.13 4.91 13.04
CA GLU A 275 29.42 4.16 14.25
C GLU A 275 28.44 4.60 15.36
N TYR A 276 28.44 3.83 16.42
CA TYR A 276 27.58 4.10 17.55
C TYR A 276 27.76 5.50 18.05
N GLY A 277 26.68 6.15 18.47
CA GLY A 277 26.75 7.54 18.92
C GLY A 277 26.28 7.74 20.35
N HIS A 278 26.21 6.67 21.12
CA HIS A 278 25.97 6.82 22.57
C HIS A 278 24.74 7.69 22.85
N CYS A 279 23.67 7.39 22.12
CA CYS A 279 22.40 8.12 22.15
C CYS A 279 21.25 7.10 22.17
N ASN A 280 20.04 7.57 22.40
CA ASN A 280 18.85 6.76 22.34
C ASN A 280 17.80 7.43 21.42
N THR A 281 16.96 6.63 20.79
CA THR A 281 15.92 7.15 19.89
C THR A 281 14.77 6.18 19.72
N LYS A 282 13.66 6.69 19.21
CA LYS A 282 12.49 5.85 18.82
C LYS A 282 12.50 5.56 17.34
N CYS A 283 13.29 6.34 16.56
CA CYS A 283 13.28 6.29 15.10
C CYS A 283 14.69 6.44 14.49
N GLN A 284 15.26 5.36 13.98
CA GLN A 284 16.59 5.40 13.46
C GLN A 284 16.57 5.41 11.94
N THR A 285 17.42 6.23 11.32
CA THR A 285 17.70 6.14 9.89
C THR A 285 19.19 5.87 9.68
N PRO A 286 19.57 5.44 8.49
CA PRO A 286 20.98 5.10 8.32
C PRO A 286 21.93 6.29 8.34
N ILE A 287 21.40 7.51 8.26
CA ILE A 287 22.22 8.72 8.32
C ILE A 287 22.06 9.49 9.63
N GLY A 288 21.21 8.96 10.52
CA GLY A 288 20.95 9.62 11.81
C GLY A 288 19.56 9.41 12.35
N ALA A 289 19.42 9.56 13.66
CA ALA A 289 18.18 9.36 14.39
C ALA A 289 17.28 10.58 14.30
N ILE A 290 16.00 10.35 14.38
CA ILE A 290 14.98 11.39 14.24
C ILE A 290 14.33 11.51 15.59
N ASN A 291 14.15 12.74 16.04
CA ASN A 291 13.51 12.99 17.35
C ASN A 291 12.45 14.04 17.13
N SER A 292 11.21 13.58 17.02
CA SER A 292 10.15 14.42 16.53
C SER A 292 8.75 13.93 16.83
N SER A 293 7.85 14.91 16.94
CA SER A 293 6.44 14.67 17.09
C SER A 293 5.73 14.98 15.81
N MET A 294 6.47 15.50 14.83
CA MET A 294 5.86 15.84 13.56
C MET A 294 5.31 14.62 12.83
N PRO A 295 4.22 14.80 12.08
CA PRO A 295 3.56 13.71 11.37
C PRO A 295 4.23 13.30 10.08
N PHE A 296 5.10 14.15 9.53
CA PHE A 296 5.81 13.84 8.30
C PHE A 296 7.32 14.10 8.42
N HIS A 297 8.12 13.43 7.57
CA HIS A 297 9.55 13.70 7.49
C HIS A 297 10.08 13.43 6.12
N ASN A 298 11.27 13.99 5.82
CA ASN A 298 11.84 13.77 4.47
C ASN A 298 13.30 13.31 4.53
N ILE A 299 13.71 12.74 5.63
CA ILE A 299 15.09 12.41 5.87
C ILE A 299 15.61 11.21 5.07
N HIS A 300 14.94 10.07 5.17
CA HIS A 300 15.46 8.85 4.54
C HIS A 300 14.35 7.84 4.59
N PRO A 301 14.20 7.01 3.55
CA PRO A 301 13.15 5.96 3.60
C PRO A 301 13.42 4.70 4.45
N LEU A 302 14.68 4.35 4.65
CA LEU A 302 15.03 3.10 5.32
C LEU A 302 15.14 3.24 6.84
N THR A 303 14.00 3.55 7.45
CA THR A 303 13.89 3.76 8.87
C THR A 303 13.52 2.51 9.66
N ILE A 304 13.99 2.46 10.89
CA ILE A 304 13.62 1.41 11.84
C ILE A 304 13.16 2.08 13.12
N GLY A 305 11.95 1.77 13.52
CA GLY A 305 11.33 2.38 14.66
C GLY A 305 9.95 2.90 14.33
N GLU A 306 9.48 3.80 15.19
CA GLU A 306 8.18 4.43 15.02
C GLU A 306 8.46 5.81 14.52
N CYS A 307 8.22 6.02 13.25
CA CYS A 307 8.64 7.24 12.62
C CYS A 307 7.45 8.03 12.03
N PRO A 308 7.66 9.33 11.75
CA PRO A 308 6.68 10.05 10.94
C PRO A 308 6.58 9.44 9.55
N LYS A 309 5.58 9.86 8.79
CA LYS A 309 5.36 9.33 7.47
C LYS A 309 6.33 9.99 6.51
N TYR A 310 7.04 9.18 5.74
CA TYR A 310 8.05 9.70 4.79
C TYR A 310 7.39 10.29 3.58
N VAL A 311 7.80 11.51 3.21
CA VAL A 311 7.28 12.20 2.01
C VAL A 311 8.35 12.91 1.17
N LYS A 312 7.98 13.25 -0.06
CA LYS A 312 8.82 14.05 -0.92
C LYS A 312 8.41 15.55 -0.84
N SER A 313 8.90 16.28 0.14
CA SER A 313 8.63 17.72 0.29
C SER A 313 9.79 18.38 0.93
N ASN A 314 9.89 19.68 0.74
CA ASN A 314 10.89 20.48 1.42
C ASN A 314 10.35 21.18 2.64
N LYS A 315 9.04 21.21 2.76
CA LYS A 315 8.37 22.32 3.45
C LYS A 315 6.90 22.01 3.54
N LEU A 316 6.36 21.88 4.75
CA LEU A 316 4.91 21.77 4.92
C LEU A 316 4.45 22.81 5.93
N VAL A 317 4.17 24.01 5.46
CA VAL A 317 3.97 25.13 6.36
C VAL A 317 2.54 25.53 6.52
N LEU A 318 2.03 25.38 7.74
CA LEU A 318 0.69 25.83 8.06
C LEU A 318 0.72 27.28 8.55
N ALA A 319 -0.16 28.10 7.97
CA ALA A 319 -0.45 29.40 8.59
C ALA A 319 -1.07 29.25 9.97
N THR A 320 -0.56 30.05 10.90
CA THR A 320 -1.15 30.21 12.23
C THR A 320 -1.64 31.62 12.46
N GLY A 321 -0.94 32.58 11.89
CA GLY A 321 -1.33 33.98 12.01
C GLY A 321 -2.14 34.52 10.83
N LEU A 322 -2.06 35.83 10.66
CA LEU A 322 -2.87 36.54 9.68
C LEU A 322 -2.05 36.92 8.48
N ARG A 323 -2.72 37.30 7.40
CA ARG A 323 -2.04 37.96 6.26
C ARG A 323 -1.30 39.21 6.73
N ASN A 324 -0.07 39.43 6.24
CA ASN A 324 0.84 40.47 6.79
C ASN A 324 1.18 41.65 5.90
N SER B 5 -44.69 46.99 22.26
CA SER B 5 -44.24 46.92 20.83
C SER B 5 -43.89 45.47 20.39
N ASP B 6 -44.47 45.07 19.26
CA ASP B 6 -44.32 43.70 18.71
C ASP B 6 -42.87 43.30 18.36
N GLN B 7 -42.54 42.02 18.50
CA GLN B 7 -41.19 41.49 18.15
C GLN B 7 -41.22 40.23 17.29
N ILE B 8 -40.36 40.17 16.27
CA ILE B 8 -40.04 38.89 15.62
C ILE B 8 -38.55 38.55 15.78
N CYS B 9 -38.27 37.29 16.06
CA CYS B 9 -36.90 36.84 16.17
C CYS B 9 -36.62 35.70 15.24
N ILE B 10 -35.35 35.60 14.82
CA ILE B 10 -34.87 34.44 14.09
C ILE B 10 -34.06 33.60 15.08
N GLY B 11 -34.21 32.28 14.98
CA GLY B 11 -33.53 31.33 15.86
C GLY B 11 -33.45 29.95 15.25
N TYR B 12 -33.01 28.97 16.05
CA TYR B 12 -32.79 27.65 15.53
C TYR B 12 -33.06 26.58 16.58
N HIS B 13 -33.18 25.35 16.09
CA HIS B 13 -33.59 24.18 16.89
C HIS B 13 -32.62 23.84 18.01
N ALA B 14 -33.18 23.25 19.05
CA ALA B 14 -32.40 22.75 20.18
C ALA B 14 -33.18 21.63 20.83
N ASN B 15 -32.47 20.76 21.54
CA ASN B 15 -33.07 19.59 22.12
C ASN B 15 -32.25 19.11 23.30
N ASN B 16 -32.56 17.94 23.87
CA ASN B 16 -31.78 17.47 25.04
C ASN B 16 -30.84 16.31 24.68
N SER B 17 -30.41 16.28 23.41
CA SER B 17 -29.30 15.44 22.97
C SER B 17 -28.01 15.83 23.66
N THR B 18 -27.25 14.82 24.09
CA THR B 18 -25.92 15.01 24.66
C THR B 18 -24.80 14.60 23.72
N GLU B 19 -25.17 14.05 22.55
CA GLU B 19 -24.21 13.71 21.49
C GLU B 19 -23.14 14.80 21.35
N GLN B 20 -21.89 14.37 21.28
CA GLN B 20 -20.76 15.26 21.16
C GLN B 20 -19.98 14.91 19.91
N VAL B 21 -19.22 15.88 19.45
CA VAL B 21 -18.59 15.79 18.12
C VAL B 21 -17.34 16.65 18.20
N ASP B 22 -16.27 16.26 17.51
CA ASP B 22 -15.09 17.11 17.44
C ASP B 22 -15.04 17.76 16.03
N THR B 23 -14.30 18.85 15.98
CA THR B 23 -14.12 19.70 14.82
C THR B 23 -12.61 19.92 14.74
N ILE B 24 -12.11 20.39 13.59
CA ILE B 24 -10.65 20.62 13.49
C ILE B 24 -10.17 21.74 14.43
N MET B 25 -11.04 22.68 14.74
CA MET B 25 -10.74 23.76 15.68
C MET B 25 -11.37 23.68 17.04
N GLU B 26 -12.31 22.76 17.24
CA GLU B 26 -13.01 22.63 18.55
C GLU B 26 -13.28 21.20 18.93
N LYS B 27 -13.15 20.90 20.22
CA LYS B 27 -13.45 19.59 20.74
C LYS B 27 -14.70 19.57 21.60
N ASN B 28 -15.32 18.41 21.70
CA ASN B 28 -16.40 18.17 22.64
C ASN B 28 -17.50 19.21 22.46
N VAL B 29 -17.96 19.34 21.23
CA VAL B 29 -19.05 20.22 20.88
C VAL B 29 -20.38 19.47 20.85
N THR B 30 -21.31 19.87 21.70
CA THR B 30 -22.56 19.18 21.81
C THR B 30 -23.41 19.58 20.63
N VAL B 31 -24.05 18.60 20.01
CA VAL B 31 -24.88 18.84 18.88
C VAL B 31 -26.24 18.16 19.00
N THR B 32 -27.08 18.50 18.05
CA THR B 32 -28.49 18.21 18.07
C THR B 32 -28.72 16.78 17.59
N HIS B 33 -28.04 16.42 16.51
CA HIS B 33 -28.07 15.08 15.91
C HIS B 33 -26.67 14.75 15.38
N ALA B 34 -26.37 13.45 15.31
CA ALA B 34 -25.07 13.00 14.88
C ALA B 34 -25.14 11.60 14.36
N GLN B 35 -24.20 11.26 13.49
CA GLN B 35 -24.14 9.95 12.90
C GLN B 35 -22.73 9.38 12.86
N ASP B 36 -22.57 8.17 13.43
CA ASP B 36 -21.28 7.48 13.45
C ASP B 36 -21.11 6.67 12.18
N ILE B 37 -20.01 6.88 11.45
CA ILE B 37 -19.75 6.10 10.20
C ILE B 37 -18.74 4.98 10.38
N LEU B 38 -18.42 4.66 11.63
CA LEU B 38 -17.58 3.52 11.98
C LEU B 38 -18.47 2.32 12.37
N GLU B 39 -18.34 1.23 11.61
CA GLU B 39 -18.95 -0.04 11.95
C GLU B 39 -18.16 -0.70 13.11
N LYS B 40 -18.85 -0.96 14.23
CA LYS B 40 -18.24 -1.54 15.44
C LYS B 40 -18.79 -2.93 15.78
N THR B 41 -19.81 -3.38 15.07
CA THR B 41 -20.50 -4.59 15.48
C THR B 41 -20.47 -5.71 14.44
N HIS B 42 -20.53 -6.92 14.96
CA HIS B 42 -20.58 -8.13 14.17
C HIS B 42 -21.49 -9.15 14.86
N ASN B 43 -21.91 -10.17 14.11
CA ASN B 43 -22.92 -11.12 14.55
C ASN B 43 -22.38 -12.32 15.34
N GLY B 44 -21.08 -12.33 15.65
CA GLY B 44 -20.48 -13.34 16.51
C GLY B 44 -20.34 -14.74 15.91
N LYS B 45 -20.60 -14.91 14.62
CA LYS B 45 -20.70 -16.23 13.99
C LYS B 45 -19.92 -16.40 12.66
N LEU B 46 -19.65 -17.66 12.28
CA LEU B 46 -19.08 -17.98 10.96
C LEU B 46 -20.14 -18.35 9.96
N CYS B 47 -20.11 -17.66 8.84
CA CYS B 47 -21.20 -17.70 7.91
C CYS B 47 -20.77 -18.10 6.54
N ASP B 48 -21.77 -18.44 5.74
CA ASP B 48 -21.59 -18.56 4.32
C ASP B 48 -21.14 -17.21 3.80
N LEU B 49 -20.48 -17.24 2.67
CA LEU B 49 -20.01 -16.04 2.05
C LEU B 49 -20.73 -15.98 0.74
N ASN B 50 -21.61 -15.00 0.55
CA ASN B 50 -22.38 -14.88 -0.70
C ASN B 50 -23.07 -16.18 -1.10
N GLY B 51 -23.73 -16.79 -0.12
CA GLY B 51 -24.45 -18.00 -0.38
C GLY B 51 -23.69 -19.29 -0.34
N VAL B 52 -22.35 -19.27 -0.28
CA VAL B 52 -21.64 -20.57 -0.17
C VAL B 52 -20.90 -20.81 1.13
N LYS B 53 -21.11 -22.00 1.65
CA LYS B 53 -20.66 -22.38 2.97
C LYS B 53 -19.13 -22.55 3.03
N PRO B 54 -18.52 -22.25 4.20
CA PRO B 54 -17.11 -22.56 4.34
C PRO B 54 -16.89 -24.05 4.58
N LEU B 55 -15.64 -24.47 4.36
CA LEU B 55 -15.19 -25.79 4.77
C LEU B 55 -14.61 -25.63 6.17
N ILE B 56 -15.27 -26.22 7.16
CA ILE B 56 -14.87 -26.05 8.53
C ILE B 56 -14.23 -27.34 8.98
N LEU B 57 -12.93 -27.29 9.23
CA LEU B 57 -12.16 -28.51 9.41
C LEU B 57 -12.11 -29.07 10.83
N LYS B 58 -12.40 -28.24 11.80
CA LYS B 58 -12.50 -28.70 13.18
C LYS B 58 -11.11 -29.14 13.74
N ASP B 59 -10.95 -30.41 14.13
CA ASP B 59 -9.72 -30.87 14.73
C ASP B 59 -8.71 -31.39 13.70
N CYS B 60 -8.98 -31.18 12.42
CA CYS B 60 -8.02 -31.59 11.40
C CYS B 60 -7.39 -30.40 10.71
N SER B 61 -6.14 -30.59 10.32
CA SER B 61 -5.46 -29.72 9.38
C SER B 61 -5.86 -30.08 7.96
N VAL B 62 -5.62 -29.16 7.02
CA VAL B 62 -5.91 -29.44 5.60
C VAL B 62 -5.14 -30.68 5.17
N ALA B 63 -3.91 -30.83 5.64
CA ALA B 63 -3.15 -32.03 5.30
C ALA B 63 -3.79 -33.34 5.80
N GLY B 64 -4.27 -33.33 7.05
CA GLY B 64 -4.85 -34.55 7.67
C GLY B 64 -6.14 -34.93 6.98
N TRP B 65 -6.94 -33.91 6.69
CA TRP B 65 -8.17 -34.09 5.94
C TRP B 65 -7.90 -34.66 4.56
N LEU B 66 -6.97 -34.07 3.83
CA LEU B 66 -6.70 -34.45 2.44
C LEU B 66 -6.15 -35.85 2.36
N LEU B 67 -5.16 -36.15 3.21
CA LEU B 67 -4.55 -37.47 3.18
C LEU B 67 -5.43 -38.57 3.81
N GLY B 68 -6.42 -38.15 4.58
CA GLY B 68 -7.24 -39.08 5.34
C GLY B 68 -6.65 -39.67 6.60
N ASN B 69 -5.98 -38.85 7.40
CA ASN B 69 -5.63 -39.19 8.79
C ASN B 69 -6.83 -39.89 9.45
N PRO B 70 -6.62 -41.08 10.03
CA PRO B 70 -7.82 -41.83 10.44
C PRO B 70 -8.58 -41.18 11.59
N MET B 71 -8.00 -40.24 12.30
CA MET B 71 -8.82 -39.43 13.23
C MET B 71 -9.68 -38.34 12.52
N CYS B 72 -9.66 -38.29 11.21
CA CYS B 72 -10.46 -37.32 10.44
C CYS B 72 -11.53 -38.02 9.53
N ASP B 73 -11.65 -39.35 9.59
CA ASP B 73 -12.45 -40.19 8.60
C ASP B 73 -13.66 -39.47 7.92
N GLU B 74 -14.14 -38.44 8.64
CA GLU B 74 -15.56 -38.17 8.92
C GLU B 74 -16.26 -37.84 7.63
N PHE B 75 -15.61 -38.27 6.53
CA PHE B 75 -15.70 -37.60 5.23
C PHE B 75 -17.13 -37.43 4.75
N ILE B 76 -17.81 -36.45 5.34
CA ILE B 76 -18.98 -35.84 4.73
C ILE B 76 -18.39 -34.95 3.60
N ARG B 77 -19.10 -34.87 2.48
CA ARG B 77 -18.78 -33.94 1.42
C ARG B 77 -19.36 -32.55 1.71
N VAL B 78 -18.53 -31.54 1.58
CA VAL B 78 -18.95 -30.27 1.02
C VAL B 78 -18.38 -30.38 -0.40
N PRO B 79 -19.22 -30.37 -1.43
CA PRO B 79 -18.67 -30.43 -2.80
C PRO B 79 -18.18 -29.07 -3.33
N GLU B 80 -18.52 -28.00 -2.62
CA GLU B 80 -17.95 -26.69 -2.91
C GLU B 80 -17.88 -25.87 -1.64
N TRP B 81 -17.00 -24.88 -1.62
CA TRP B 81 -16.87 -23.99 -0.45
C TRP B 81 -16.24 -22.69 -0.84
N SER B 82 -16.45 -21.68 -0.01
CA SER B 82 -15.99 -20.33 -0.32
C SER B 82 -14.69 -19.95 0.42
N TYR B 83 -14.49 -20.52 1.61
CA TYR B 83 -13.22 -20.36 2.33
C TYR B 83 -13.01 -21.59 3.22
N ILE B 84 -11.80 -21.77 3.73
CA ILE B 84 -11.53 -22.82 4.70
C ILE B 84 -11.29 -22.19 6.07
N VAL B 85 -11.85 -22.81 7.10
CA VAL B 85 -11.64 -22.43 8.49
C VAL B 85 -10.89 -23.55 9.17
N GLU B 86 -9.73 -23.22 9.68
CA GLU B 86 -8.88 -24.17 10.38
C GLU B 86 -8.69 -23.62 11.79
N ARG B 87 -8.60 -24.51 12.77
CA ARG B 87 -8.26 -24.08 14.10
C ARG B 87 -6.82 -23.63 14.16
N ALA B 88 -6.49 -22.81 15.17
CA ALA B 88 -5.12 -22.35 15.32
C ALA B 88 -4.16 -23.54 15.35
N ASN B 89 -4.54 -24.59 16.07
CA ASN B 89 -3.72 -25.79 16.24
C ASN B 89 -4.52 -27.06 16.12
N PRO B 90 -4.85 -27.42 14.87
CA PRO B 90 -5.57 -28.68 14.71
C PRO B 90 -4.77 -29.79 15.35
N ALA B 91 -5.48 -30.73 15.97
CA ALA B 91 -4.85 -31.84 16.68
C ALA B 91 -4.42 -32.93 15.72
N ASN B 92 -5.18 -33.09 14.65
CA ASN B 92 -4.90 -34.15 13.72
C ASN B 92 -4.34 -33.62 12.39
N ASP B 93 -3.08 -33.98 12.13
CA ASP B 93 -2.34 -33.45 11.03
C ASP B 93 -1.57 -34.61 10.36
N LEU B 94 -0.26 -34.63 10.39
CA LEU B 94 0.45 -35.76 9.82
C LEU B 94 0.71 -36.76 10.96
N CYS B 95 -0.19 -37.72 11.10
CA CYS B 95 -0.11 -38.70 12.19
C CYS B 95 1.24 -39.42 12.09
N TYR B 96 1.57 -39.89 10.91
CA TYR B 96 2.93 -40.38 10.66
C TYR B 96 3.75 -39.16 10.27
N PRO B 97 4.83 -38.87 11.00
CA PRO B 97 5.45 -37.55 10.87
C PRO B 97 6.21 -37.38 9.57
N GLY B 98 6.36 -36.12 9.14
CA GLY B 98 7.01 -35.81 7.89
C GLY B 98 6.64 -34.44 7.35
N ASN B 99 6.34 -34.39 6.04
CA ASN B 99 5.97 -33.13 5.35
C ASN B 99 5.00 -33.36 4.20
N LEU B 100 4.36 -32.26 3.82
CA LEU B 100 3.61 -32.14 2.60
C LEU B 100 4.22 -31.00 1.81
N ASN B 101 4.71 -31.33 0.63
CA ASN B 101 5.42 -30.36 -0.17
C ASN B 101 4.53 -29.23 -0.67
N ASP B 102 5.09 -28.03 -0.76
CA ASP B 102 4.32 -26.84 -1.19
C ASP B 102 3.01 -26.68 -0.47
N TYR B 103 3.03 -26.94 0.82
CA TYR B 103 1.78 -27.09 1.57
C TYR B 103 0.99 -25.80 1.50
N GLU B 104 1.66 -24.68 1.63
CA GLU B 104 0.96 -23.43 1.77
C GLU B 104 0.31 -23.01 0.46
N GLU B 105 0.96 -23.32 -0.65
CA GLU B 105 0.39 -23.05 -1.97
C GLU B 105 -0.77 -23.99 -2.22
N LEU B 106 -0.66 -25.24 -1.79
CA LEU B 106 -1.80 -26.18 -1.84
C LEU B 106 -3.02 -25.66 -1.07
N LYS B 107 -2.80 -25.20 0.13
CA LYS B 107 -3.89 -24.68 0.92
C LYS B 107 -4.51 -23.47 0.28
N HIS B 108 -3.67 -22.64 -0.31
CA HIS B 108 -4.17 -21.49 -1.03
C HIS B 108 -5.00 -21.87 -2.27
N LEU B 109 -4.53 -22.87 -2.99
CA LEU B 109 -5.28 -23.47 -4.10
C LEU B 109 -6.66 -23.98 -3.62
N LEU B 110 -6.68 -24.69 -2.50
CA LEU B 110 -7.92 -25.30 -2.03
C LEU B 110 -8.76 -24.30 -1.23
N SER B 111 -8.32 -23.07 -1.04
CA SER B 111 -9.03 -22.16 -0.14
C SER B 111 -10.49 -21.98 -0.61
N ARG B 112 -10.66 -21.84 -1.91
CA ARG B 112 -11.97 -21.77 -2.50
C ARG B 112 -12.05 -22.68 -3.70
N ILE B 113 -13.06 -23.54 -3.66
CA ILE B 113 -13.20 -24.60 -4.63
C ILE B 113 -14.67 -24.67 -5.08
N ASN B 114 -14.85 -24.74 -6.40
CA ASN B 114 -16.17 -24.72 -7.02
C ASN B 114 -16.76 -26.13 -7.10
N HIS B 115 -15.94 -27.16 -7.34
CA HIS B 115 -16.37 -28.57 -7.25
C HIS B 115 -15.26 -29.44 -6.75
N PHE B 116 -15.57 -30.27 -5.76
CA PHE B 116 -14.57 -31.14 -5.13
C PHE B 116 -15.17 -32.54 -4.87
N GLU B 117 -14.57 -33.58 -5.45
CA GLU B 117 -15.12 -34.90 -5.32
C GLU B 117 -14.06 -35.97 -5.21
N LYS B 118 -14.12 -36.75 -4.14
CA LYS B 118 -13.21 -37.87 -3.94
C LYS B 118 -13.60 -39.06 -4.80
N ILE B 119 -12.65 -39.58 -5.56
CA ILE B 119 -12.84 -40.78 -6.36
C ILE B 119 -11.68 -41.78 -6.19
N LEU B 120 -11.97 -43.04 -6.39
CA LEU B 120 -10.95 -44.08 -6.33
C LEU B 120 -10.27 -44.09 -7.69
N ILE B 121 -8.94 -44.02 -7.70
CA ILE B 121 -8.19 -44.08 -8.96
C ILE B 121 -7.29 -45.30 -9.13
N ILE B 122 -6.78 -45.83 -8.03
CA ILE B 122 -5.97 -47.04 -8.05
C ILE B 122 -6.37 -48.01 -6.94
N PRO B 123 -7.17 -49.04 -7.27
CA PRO B 123 -7.76 -49.80 -6.17
C PRO B 123 -6.69 -50.61 -5.48
N LYS B 124 -6.84 -50.80 -4.17
CA LYS B 124 -5.93 -51.63 -3.40
C LYS B 124 -5.71 -52.98 -4.03
N SER B 125 -6.78 -53.57 -4.54
CA SER B 125 -6.76 -54.92 -5.05
C SER B 125 -5.88 -55.07 -6.29
N SER B 126 -5.48 -53.93 -6.86
CA SER B 126 -4.70 -53.94 -8.07
C SER B 126 -3.22 -54.26 -7.83
N TRP B 127 -2.79 -54.17 -6.58
CA TRP B 127 -1.39 -54.47 -6.24
C TRP B 127 -1.21 -55.96 -5.96
N THR B 128 -0.99 -56.74 -7.01
CA THR B 128 -0.96 -58.20 -6.85
C THR B 128 0.38 -58.70 -6.31
N ASN B 129 1.45 -57.98 -6.61
CA ASN B 129 2.81 -58.38 -6.23
C ASN B 129 3.40 -57.68 -5.04
N HIS B 130 2.60 -56.88 -4.34
CA HIS B 130 3.06 -56.18 -3.12
C HIS B 130 2.04 -56.34 -2.02
N GLU B 131 2.50 -56.22 -0.78
CA GLU B 131 1.64 -56.32 0.41
C GLU B 131 0.91 -54.98 0.60
N THR B 132 -0.41 -55.04 0.74
CA THR B 132 -1.22 -53.82 0.90
C THR B 132 -1.92 -53.70 2.22
N SER B 133 -1.68 -54.65 3.11
CA SER B 133 -2.40 -54.68 4.38
C SER B 133 -1.49 -54.57 5.61
N LEU B 134 -0.18 -54.45 5.40
CA LEU B 134 0.80 -54.34 6.49
C LEU B 134 1.36 -52.93 6.75
N GLY B 135 0.96 -51.94 5.95
CA GLY B 135 1.43 -50.57 6.13
C GLY B 135 0.55 -49.76 7.08
N VAL B 136 0.68 -50.02 8.37
CA VAL B 136 -0.13 -49.35 9.39
C VAL B 136 0.85 -49.06 10.50
N SER B 137 0.50 -48.14 11.38
CA SER B 137 1.41 -47.71 12.38
C SER B 137 0.65 -47.31 13.62
N ALA B 138 1.25 -47.56 14.79
CA ALA B 138 0.78 -47.00 16.04
C ALA B 138 0.77 -45.48 16.02
N ALA B 139 1.52 -44.84 15.11
CA ALA B 139 1.43 -43.37 14.99
C ALA B 139 0.09 -42.88 14.39
N CYS B 140 -0.65 -43.77 13.73
CA CYS B 140 -1.92 -43.44 13.06
C CYS B 140 -3.00 -44.40 13.53
N PRO B 141 -3.38 -44.29 14.82
CA PRO B 141 -4.34 -45.24 15.36
C PRO B 141 -5.74 -44.89 14.93
N TYR B 142 -6.54 -45.92 14.83
CA TYR B 142 -7.96 -45.75 14.76
C TYR B 142 -8.52 -46.52 15.94
N GLN B 143 -9.13 -45.81 16.88
CA GLN B 143 -9.61 -46.40 18.16
C GLN B 143 -8.62 -47.27 18.85
N GLY B 144 -7.44 -46.72 19.13
CA GLY B 144 -6.36 -47.49 19.76
C GLY B 144 -5.58 -48.49 18.92
N THR B 145 -6.03 -48.77 17.72
CA THR B 145 -5.42 -49.84 16.93
C THR B 145 -4.63 -49.28 15.72
N PRO B 146 -3.53 -49.92 15.35
CA PRO B 146 -2.71 -49.23 14.37
C PRO B 146 -3.39 -49.13 13.03
N SER B 147 -3.22 -47.99 12.39
CA SER B 147 -3.84 -47.78 11.09
C SER B 147 -2.97 -46.84 10.24
N PHE B 148 -3.59 -46.09 9.34
CA PHE B 148 -2.84 -45.26 8.42
C PHE B 148 -3.75 -44.33 7.63
N PHE B 149 -3.15 -43.31 7.03
CA PHE B 149 -3.84 -42.41 6.13
C PHE B 149 -4.71 -43.23 5.17
N ARG B 150 -5.98 -42.88 5.05
CA ARG B 150 -6.93 -43.69 4.30
C ARG B 150 -6.97 -43.52 2.79
N ASN B 151 -6.36 -42.45 2.29
CA ASN B 151 -6.40 -42.14 0.87
C ASN B 151 -5.16 -42.57 0.09
N VAL B 152 -4.15 -43.08 0.79
CA VAL B 152 -2.94 -43.53 0.13
C VAL B 152 -2.63 -44.86 0.76
N VAL B 153 -1.69 -45.59 0.17
CA VAL B 153 -1.36 -46.96 0.62
C VAL B 153 0.12 -47.14 0.80
N TRP B 154 0.50 -47.58 1.98
CA TRP B 154 1.87 -47.85 2.29
C TRP B 154 2.16 -49.29 1.86
N LEU B 155 2.64 -49.45 0.62
CA LEU B 155 3.05 -50.76 0.08
C LEU B 155 4.29 -51.36 0.73
N ILE B 156 4.20 -52.66 0.98
CA ILE B 156 5.28 -53.42 1.65
C ILE B 156 5.70 -54.60 0.73
N LYS B 157 6.92 -55.11 0.91
CA LYS B 157 7.35 -56.29 0.17
C LYS B 157 6.43 -57.51 0.43
N LYS B 158 6.35 -58.39 -0.55
CA LYS B 158 5.49 -59.57 -0.49
C LYS B 158 6.33 -60.79 -0.86
N ASN B 159 6.09 -61.89 -0.15
CA ASN B 159 7.02 -62.99 -0.16
C ASN B 159 8.29 -62.31 0.29
N ASP B 160 9.42 -62.49 -0.34
CA ASP B 160 10.51 -61.62 0.18
C ASP B 160 10.98 -60.71 -0.95
N ALA B 161 10.02 -60.10 -1.64
CA ALA B 161 10.36 -59.32 -2.82
C ALA B 161 9.50 -58.06 -2.98
N TYR B 162 10.09 -57.08 -3.68
CA TYR B 162 9.42 -55.86 -4.04
C TYR B 162 9.86 -55.65 -5.49
N PRO B 163 9.10 -56.23 -6.42
CA PRO B 163 9.38 -55.97 -7.82
C PRO B 163 9.07 -54.53 -8.17
N THR B 164 9.72 -54.06 -9.22
CA THR B 164 9.69 -52.68 -9.60
C THR B 164 8.34 -52.35 -10.17
N ILE B 165 7.70 -51.37 -9.55
CA ILE B 165 6.37 -50.94 -9.93
C ILE B 165 6.52 -50.05 -11.16
N LYS B 166 5.65 -50.26 -12.16
CA LYS B 166 5.50 -49.32 -13.31
C LYS B 166 4.05 -49.22 -13.65
N ILE B 167 3.40 -48.13 -13.28
CA ILE B 167 1.97 -48.00 -13.55
C ILE B 167 1.69 -46.64 -14.07
N SER B 168 0.52 -46.48 -14.68
CA SER B 168 0.10 -45.15 -15.07
C SER B 168 -1.40 -45.03 -14.92
N TYR B 169 -1.85 -43.82 -14.70
CA TYR B 169 -3.28 -43.53 -14.58
C TYR B 169 -3.57 -42.38 -15.51
N ASN B 170 -4.54 -42.60 -16.39
CA ASN B 170 -5.00 -41.58 -17.28
C ASN B 170 -6.23 -40.87 -16.67
N ASN B 171 -6.21 -39.55 -16.64
CA ASN B 171 -7.39 -38.81 -16.16
C ASN B 171 -8.50 -38.74 -17.22
N THR B 172 -9.35 -39.75 -17.22
CA THR B 172 -10.48 -39.80 -18.16
C THR B 172 -11.69 -39.02 -17.66
N ASN B 173 -11.59 -38.37 -16.53
CA ASN B 173 -12.65 -37.46 -16.09
C ASN B 173 -12.57 -36.15 -16.90
N GLN B 174 -13.54 -35.28 -16.71
CA GLN B 174 -13.59 -34.01 -17.40
C GLN B 174 -13.00 -32.92 -16.55
N GLU B 175 -12.59 -33.28 -15.34
CA GLU B 175 -12.08 -32.31 -14.36
C GLU B 175 -10.65 -32.61 -14.00
N ASP B 176 -9.91 -31.57 -13.66
CA ASP B 176 -8.59 -31.72 -13.05
C ASP B 176 -8.64 -32.64 -11.86
N LEU B 177 -7.57 -33.37 -11.62
CA LEU B 177 -7.48 -34.30 -10.51
C LEU B 177 -6.32 -33.89 -9.58
N LEU B 178 -6.59 -33.74 -8.30
CA LEU B 178 -5.53 -33.51 -7.33
C LEU B 178 -5.10 -34.86 -6.87
N ILE B 179 -3.84 -35.19 -7.14
CA ILE B 179 -3.26 -36.51 -6.75
C ILE B 179 -2.09 -36.32 -5.78
N LEU B 180 -2.01 -37.20 -4.78
CA LEU B 180 -1.00 -37.20 -3.76
C LEU B 180 -0.37 -38.56 -3.60
N TRP B 181 0.92 -38.57 -3.26
CA TRP B 181 1.70 -39.75 -3.00
C TRP B 181 2.84 -39.33 -2.10
N GLY B 182 3.67 -40.28 -1.70
CA GLY B 182 4.74 -39.98 -0.76
C GLY B 182 5.93 -40.92 -0.84
N VAL B 183 7.00 -40.53 -0.15
CA VAL B 183 8.17 -41.35 0.04
C VAL B 183 8.36 -41.59 1.53
N HIS B 184 8.69 -42.83 1.88
CA HIS B 184 9.01 -43.21 3.26
C HIS B 184 10.52 -43.22 3.48
N HIS B 185 10.97 -42.39 4.40
CA HIS B 185 12.34 -42.38 4.83
C HIS B 185 12.51 -43.34 5.98
N SER B 186 13.19 -44.45 5.72
CA SER B 186 13.39 -45.49 6.71
C SER B 186 14.55 -45.10 7.59
N ASN B 187 14.75 -45.85 8.68
CA ASN B 187 15.74 -45.49 9.71
C ASN B 187 17.15 -46.11 9.61
N ASN B 188 17.25 -47.27 8.96
CA ASN B 188 18.51 -47.98 8.78
C ASN B 188 18.38 -49.12 7.79
N ALA B 189 19.51 -49.69 7.41
CA ALA B 189 19.59 -50.75 6.41
C ALA B 189 18.72 -51.96 6.74
N ALA B 190 18.67 -52.34 8.00
CA ALA B 190 17.88 -53.51 8.40
C ALA B 190 16.40 -53.28 8.19
N GLU B 191 15.91 -52.11 8.60
CA GLU B 191 14.49 -51.77 8.46
C GLU B 191 14.14 -51.70 6.99
N GLN B 192 15.06 -51.12 6.21
CA GLN B 192 14.90 -50.99 4.75
C GLN B 192 14.66 -52.35 4.08
N THR B 193 15.52 -53.32 4.37
CA THR B 193 15.34 -54.66 3.78
C THR B 193 14.13 -55.34 4.41
N ASN B 194 13.92 -55.07 5.68
CA ASN B 194 12.75 -55.64 6.34
C ASN B 194 11.42 -55.26 5.73
N LEU B 195 11.31 -54.01 5.27
CA LEU B 195 10.06 -53.48 4.69
C LEU B 195 9.99 -53.62 3.18
N TYR B 196 11.13 -53.44 2.50
CA TYR B 196 11.14 -53.33 1.04
C TYR B 196 12.11 -54.23 0.29
N LYS B 197 12.93 -54.98 1.02
CA LYS B 197 13.90 -55.88 0.45
C LYS B 197 15.05 -55.14 -0.22
N ASN B 198 14.73 -54.40 -1.24
CA ASN B 198 15.72 -53.67 -2.03
C ASN B 198 16.33 -52.56 -1.21
N PRO B 199 17.65 -52.51 -1.13
CA PRO B 199 18.31 -51.52 -0.26
C PRO B 199 18.38 -50.13 -0.83
N THR B 200 18.57 -50.04 -2.14
CA THR B 200 18.76 -48.79 -2.84
C THR B 200 17.50 -48.52 -3.69
N THR B 201 16.68 -47.57 -3.28
CA THR B 201 15.39 -47.39 -3.90
C THR B 201 15.14 -45.97 -4.35
N TYR B 202 14.05 -45.82 -5.09
CA TYR B 202 13.67 -44.54 -5.70
C TYR B 202 12.19 -44.56 -6.02
N ILE B 203 11.65 -43.37 -6.26
CA ILE B 203 10.35 -43.20 -6.88
C ILE B 203 10.46 -42.19 -8.02
N SER B 204 9.92 -42.55 -9.20
CA SER B 204 9.85 -41.61 -10.31
C SER B 204 8.44 -41.30 -10.64
N VAL B 205 8.16 -40.02 -10.90
CA VAL B 205 6.80 -39.60 -11.20
C VAL B 205 6.85 -38.66 -12.37
N GLY B 206 6.06 -38.97 -13.40
CA GLY B 206 6.02 -38.17 -14.62
C GLY B 206 4.60 -37.90 -15.10
N THR B 207 4.35 -36.68 -15.56
CA THR B 207 3.12 -36.32 -16.27
C THR B 207 3.53 -35.54 -17.53
N SER B 208 2.69 -34.65 -18.03
CA SER B 208 3.11 -33.81 -19.15
C SER B 208 3.97 -32.67 -18.67
N THR B 209 3.89 -32.33 -17.40
CA THR B 209 4.69 -31.24 -16.81
C THR B 209 5.62 -31.68 -15.69
N LEU B 210 5.22 -32.71 -14.97
CA LEU B 210 5.94 -33.16 -13.80
C LEU B 210 7.05 -34.11 -14.19
N ASN B 211 8.18 -33.97 -13.55
CA ASN B 211 9.31 -34.85 -13.84
C ASN B 211 10.09 -35.04 -12.55
N GLN B 212 9.65 -35.95 -11.70
CA GLN B 212 10.14 -36.00 -10.32
C GLN B 212 10.90 -37.27 -10.06
N ARG B 213 11.90 -37.17 -9.21
CA ARG B 213 12.52 -38.35 -8.65
C ARG B 213 12.75 -38.23 -7.14
N LEU B 214 12.25 -39.18 -6.37
CA LEU B 214 12.40 -39.14 -4.92
C LEU B 214 13.27 -40.28 -4.48
N VAL B 215 14.13 -40.00 -3.50
CA VAL B 215 15.06 -40.95 -2.94
C VAL B 215 14.96 -40.91 -1.41
N PRO B 216 14.75 -42.06 -0.75
CA PRO B 216 14.74 -42.09 0.70
C PRO B 216 16.08 -41.66 1.33
N LYS B 217 15.96 -41.00 2.46
CA LYS B 217 17.11 -40.56 3.27
C LYS B 217 17.10 -41.41 4.50
N ILE B 218 17.98 -42.39 4.47
CA ILE B 218 18.04 -43.39 5.51
C ILE B 218 19.05 -42.87 6.53
N ALA B 219 18.54 -42.41 7.66
CA ALA B 219 19.34 -41.69 8.65
C ALA B 219 18.67 -41.66 10.03
N THR B 220 19.42 -41.25 11.05
CA THR B 220 18.93 -41.15 12.40
C THR B 220 18.26 -39.82 12.63
N ARG B 221 17.05 -39.87 13.17
CA ARG B 221 16.23 -38.72 13.50
C ARG B 221 15.61 -38.86 14.89
N SER B 222 15.08 -37.77 15.44
CA SER B 222 14.42 -37.84 16.75
C SER B 222 13.09 -38.53 16.60
N GLN B 223 12.50 -38.98 17.72
CA GLN B 223 11.15 -39.58 17.69
C GLN B 223 10.11 -38.49 17.62
N VAL B 224 9.11 -38.66 16.75
CA VAL B 224 7.89 -37.85 16.75
C VAL B 224 6.72 -38.80 16.60
N ASN B 225 5.68 -38.61 17.44
CA ASN B 225 4.56 -39.56 17.57
C ASN B 225 5.04 -41.01 17.61
N GLY B 226 6.11 -41.24 18.33
CA GLY B 226 6.68 -42.59 18.51
C GLY B 226 7.58 -43.08 17.39
N GLN B 227 7.78 -42.26 16.35
CA GLN B 227 8.47 -42.75 15.14
C GLN B 227 9.70 -41.95 14.76
N ARG B 228 10.75 -42.65 14.29
CA ARG B 228 11.93 -42.00 13.81
C ARG B 228 11.92 -41.88 12.30
N GLY B 229 11.06 -42.65 11.66
CA GLY B 229 10.82 -42.53 10.21
C GLY B 229 10.06 -41.27 9.82
N ARG B 230 10.02 -41.00 8.53
CA ARG B 230 9.30 -39.86 8.06
C ARG B 230 8.65 -40.18 6.76
N MET B 231 7.57 -39.47 6.47
CA MET B 231 6.94 -39.55 5.18
C MET B 231 6.74 -38.19 4.57
N ASP B 232 7.31 -38.01 3.38
CA ASP B 232 7.25 -36.76 2.65
C ASP B 232 6.25 -36.97 1.53
N PHE B 233 5.21 -36.17 1.55
CA PHE B 233 4.16 -36.25 0.58
C PHE B 233 4.30 -35.15 -0.47
N PHE B 234 3.82 -35.46 -1.67
CA PHE B 234 3.93 -34.57 -2.83
C PHE B 234 2.62 -34.61 -3.57
N TRP B 235 2.36 -33.61 -4.42
CA TRP B 235 1.10 -33.56 -5.14
C TRP B 235 1.24 -32.99 -6.52
N THR B 236 0.20 -33.16 -7.33
CA THR B 236 0.11 -32.52 -8.63
C THR B 236 -1.32 -32.41 -9.09
N ILE B 237 -1.55 -31.54 -10.05
CA ILE B 237 -2.86 -31.39 -10.69
C ILE B 237 -2.71 -32.07 -12.06
N LEU B 238 -3.38 -33.20 -12.22
CA LEU B 238 -3.33 -33.94 -13.46
C LEU B 238 -4.47 -33.45 -14.33
N LYS B 239 -4.14 -32.84 -15.47
CA LYS B 239 -5.15 -32.23 -16.35
C LYS B 239 -5.99 -33.28 -17.02
N PRO B 240 -7.21 -32.91 -17.46
CA PRO B 240 -8.12 -33.88 -18.05
C PRO B 240 -7.58 -34.85 -19.09
N ASN B 241 -6.78 -34.54 -20.08
CA ASN B 241 -6.41 -35.79 -20.80
C ASN B 241 -5.01 -36.32 -20.64
N ASP B 242 -4.40 -35.98 -19.51
CA ASP B 242 -3.02 -36.34 -19.23
C ASP B 242 -2.99 -37.62 -18.41
N ALA B 243 -1.81 -38.22 -18.33
CA ALA B 243 -1.64 -39.40 -17.51
C ALA B 243 -0.41 -39.17 -16.62
N ILE B 244 -0.42 -39.85 -15.49
CA ILE B 244 0.64 -39.81 -14.52
C ILE B 244 1.33 -41.16 -14.49
N HIS B 245 2.65 -41.15 -14.45
CA HIS B 245 3.44 -42.39 -14.55
C HIS B 245 4.35 -42.57 -13.32
N PHE B 246 4.10 -43.62 -12.56
CA PHE B 246 4.81 -43.95 -11.37
C PHE B 246 5.74 -45.11 -11.64
N GLU B 247 6.93 -45.07 -11.03
CA GLU B 247 7.84 -46.16 -11.03
C GLU B 247 8.59 -46.16 -9.70
N SER B 248 8.65 -47.31 -9.03
CA SER B 248 9.38 -47.42 -7.76
C SER B 248 9.75 -48.82 -7.42
N ASN B 249 10.91 -48.97 -6.79
CA ASN B 249 11.29 -50.25 -6.25
C ASN B 249 11.37 -50.21 -4.74
N GLY B 250 10.63 -49.31 -4.10
CA GLY B 250 10.55 -49.29 -2.63
C GLY B 250 10.19 -47.95 -2.05
N ASN B 251 9.75 -47.97 -0.80
CA ASN B 251 9.50 -46.73 -0.04
C ASN B 251 8.41 -45.86 -0.61
N PHE B 252 7.53 -46.45 -1.40
CA PHE B 252 6.51 -45.72 -2.12
C PHE B 252 5.18 -45.77 -1.33
N ILE B 253 4.60 -44.60 -1.11
CA ILE B 253 3.26 -44.47 -0.55
C ILE B 253 2.35 -44.03 -1.69
N ALA B 254 1.51 -44.93 -2.16
CA ALA B 254 0.85 -44.80 -3.43
C ALA B 254 -0.50 -44.16 -3.34
N PRO B 255 -0.92 -43.45 -4.40
CA PRO B 255 -2.27 -42.96 -4.39
C PRO B 255 -3.21 -44.17 -4.35
N GLU B 256 -4.35 -43.97 -3.70
CA GLU B 256 -5.48 -44.84 -3.81
C GLU B 256 -6.65 -44.01 -4.28
N TYR B 257 -7.04 -43.04 -3.46
CA TYR B 257 -8.03 -42.05 -3.86
C TYR B 257 -7.37 -40.73 -4.29
N ALA B 258 -8.16 -39.90 -4.95
CA ALA B 258 -7.70 -38.64 -5.47
C ALA B 258 -8.93 -37.75 -5.58
N TYR B 259 -8.79 -36.53 -6.03
CA TYR B 259 -9.92 -35.60 -5.95
C TYR B 259 -10.17 -34.84 -7.25
N LYS B 260 -11.38 -34.97 -7.79
CA LYS B 260 -11.81 -34.12 -8.88
C LYS B 260 -11.95 -32.71 -8.33
N ILE B 261 -11.45 -31.75 -9.07
CA ILE B 261 -11.36 -30.40 -8.53
C ILE B 261 -11.69 -29.41 -9.64
N VAL B 262 -12.55 -28.45 -9.34
CA VAL B 262 -12.79 -27.35 -10.29
C VAL B 262 -12.57 -26.07 -9.53
N LYS B 263 -11.75 -25.20 -10.08
CA LYS B 263 -11.23 -24.06 -9.35
C LYS B 263 -11.99 -22.71 -9.41
N LYS B 264 -11.96 -22.01 -10.53
CA LYS B 264 -12.72 -20.74 -10.56
C LYS B 264 -12.01 -19.68 -9.64
N GLY B 265 -12.66 -19.17 -8.61
CA GLY B 265 -12.01 -18.21 -7.72
C GLY B 265 -11.00 -18.55 -6.60
N ASP B 266 -10.54 -17.50 -5.96
CA ASP B 266 -9.50 -17.53 -4.90
C ASP B 266 -9.99 -16.94 -3.57
N SER B 267 -9.41 -17.43 -2.48
CA SER B 267 -9.80 -17.01 -1.14
C SER B 267 -8.58 -17.11 -0.25
N THR B 268 -8.73 -17.52 1.01
CA THR B 268 -7.59 -17.86 1.85
C THR B 268 -8.03 -18.76 2.99
N ILE B 269 -7.11 -19.12 3.88
CA ILE B 269 -7.42 -19.93 5.04
C ILE B 269 -7.71 -19.02 6.22
N MET B 270 -8.88 -19.18 6.84
CA MET B 270 -9.23 -18.40 8.04
C MET B 270 -8.91 -19.24 9.30
N LYS B 271 -8.24 -18.62 10.27
CA LYS B 271 -7.99 -19.25 11.56
C LYS B 271 -9.05 -18.75 12.54
N SER B 272 -9.90 -19.67 13.01
CA SER B 272 -10.97 -19.38 13.96
C SER B 272 -11.31 -20.61 14.79
N GLU B 273 -11.75 -20.41 16.02
CA GLU B 273 -12.18 -21.55 16.86
C GLU B 273 -13.70 -21.72 16.80
N MET B 274 -14.37 -20.75 16.18
CA MET B 274 -15.82 -20.78 16.12
C MET B 274 -16.37 -21.92 15.23
N GLU B 275 -17.65 -22.23 15.38
CA GLU B 275 -18.30 -23.21 14.54
C GLU B 275 -19.28 -22.48 13.60
N TYR B 276 -19.77 -23.22 12.63
CA TYR B 276 -20.75 -22.69 11.69
C TYR B 276 -21.98 -22.08 12.39
N GLY B 277 -22.49 -20.98 11.87
CA GLY B 277 -23.65 -20.29 12.48
C GLY B 277 -24.88 -20.18 11.59
N HIS B 278 -24.93 -20.96 10.52
CA HIS B 278 -26.16 -21.06 9.73
C HIS B 278 -26.68 -19.68 9.29
N CYS B 279 -25.75 -18.86 8.82
CA CYS B 279 -25.98 -17.45 8.45
C CYS B 279 -25.31 -17.20 7.11
N ASN B 280 -25.56 -16.04 6.54
CA ASN B 280 -24.91 -15.64 5.29
C ASN B 280 -24.36 -14.21 5.45
N THR B 281 -23.27 -13.92 4.76
CA THR B 281 -22.63 -12.61 4.81
C THR B 281 -21.81 -12.29 3.55
N LYS B 282 -21.50 -11.01 3.39
CA LYS B 282 -20.59 -10.50 2.35
C LYS B 282 -19.17 -10.34 2.90
N CYS B 283 -19.06 -10.31 4.22
CA CYS B 283 -17.80 -9.98 4.91
C CYS B 283 -17.60 -10.77 6.18
N GLN B 284 -16.68 -11.73 6.16
CA GLN B 284 -16.43 -12.58 7.35
C GLN B 284 -15.17 -12.18 8.06
N THR B 285 -15.23 -12.17 9.39
CA THR B 285 -14.02 -12.06 10.21
C THR B 285 -13.91 -13.32 11.07
N PRO B 286 -12.73 -13.60 11.61
CA PRO B 286 -12.61 -14.74 12.46
C PRO B 286 -13.39 -14.70 13.77
N ILE B 287 -13.89 -13.52 14.18
CA ILE B 287 -14.71 -13.42 15.41
C ILE B 287 -16.20 -13.14 15.12
N GLY B 288 -16.52 -13.06 13.83
CA GLY B 288 -17.90 -12.85 13.41
C GLY B 288 -18.04 -12.08 12.11
N ALA B 289 -19.21 -12.23 11.50
CA ALA B 289 -19.54 -11.59 10.23
C ALA B 289 -20.00 -10.15 10.40
N ILE B 290 -19.79 -9.36 9.36
CA ILE B 290 -20.07 -7.91 9.39
C ILE B 290 -21.16 -7.70 8.38
N ASN B 291 -22.16 -6.91 8.73
CA ASN B 291 -23.25 -6.60 7.78
C ASN B 291 -23.46 -5.10 7.85
N SER B 292 -22.90 -4.39 6.87
CA SER B 292 -22.79 -2.95 6.98
C SER B 292 -22.56 -2.27 5.63
N SER B 293 -23.03 -1.03 5.56
CA SER B 293 -22.76 -0.16 4.43
C SER B 293 -21.74 0.88 4.80
N MET B 294 -21.32 0.89 6.06
CA MET B 294 -20.40 1.92 6.52
C MET B 294 -19.06 1.75 5.80
N PRO B 295 -18.38 2.87 5.56
CA PRO B 295 -17.11 2.87 4.87
C PRO B 295 -15.91 2.37 5.70
N PHE B 296 -16.01 2.42 7.02
CA PHE B 296 -14.93 2.02 7.92
C PHE B 296 -15.39 1.05 9.01
N HIS B 297 -14.46 0.26 9.52
CA HIS B 297 -14.76 -0.64 10.62
C HIS B 297 -13.52 -0.84 11.48
N ASN B 298 -13.73 -1.31 12.71
CA ASN B 298 -12.59 -1.58 13.58
C ASN B 298 -12.59 -2.98 14.21
N ILE B 299 -13.27 -3.91 13.59
CA ILE B 299 -13.53 -5.22 14.18
C ILE B 299 -12.31 -6.16 14.21
N HIS B 300 -11.67 -6.35 13.06
CA HIS B 300 -10.60 -7.32 12.94
C HIS B 300 -9.95 -7.11 11.57
N PRO B 301 -8.62 -7.24 11.47
CA PRO B 301 -7.97 -7.15 10.18
C PRO B 301 -8.10 -8.35 9.22
N LEU B 302 -8.27 -9.56 9.73
CA LEU B 302 -8.22 -10.77 8.90
C LEU B 302 -9.56 -11.15 8.29
N THR B 303 -10.07 -10.25 7.46
CA THR B 303 -11.36 -10.37 6.84
C THR B 303 -11.28 -11.05 5.48
N ILE B 304 -12.35 -11.74 5.14
CA ILE B 304 -12.50 -12.35 3.83
C ILE B 304 -13.83 -11.93 3.30
N GLY B 305 -13.81 -11.33 2.12
CA GLY B 305 -15.00 -10.77 1.54
C GLY B 305 -14.83 -9.34 1.15
N GLU B 306 -15.97 -8.66 0.97
CA GLU B 306 -16.03 -7.23 0.60
C GLU B 306 -16.41 -6.46 1.82
N CYS B 307 -15.43 -5.80 2.41
CA CYS B 307 -15.58 -5.22 3.72
C CYS B 307 -15.30 -3.71 3.69
N PRO B 308 -15.73 -2.99 4.73
CA PRO B 308 -15.27 -1.62 4.90
C PRO B 308 -13.78 -1.58 5.15
N LYS B 309 -13.23 -0.40 5.14
CA LYS B 309 -11.80 -0.22 5.32
C LYS B 309 -11.47 -0.28 6.82
N TYR B 310 -10.49 -1.10 7.17
CA TYR B 310 -10.14 -1.30 8.58
C TYR B 310 -9.35 -0.12 9.09
N VAL B 311 -9.71 0.39 10.26
CA VAL B 311 -9.01 1.51 10.90
C VAL B 311 -8.84 1.36 12.42
N LYS B 312 -7.93 2.14 12.97
CA LYS B 312 -7.73 2.21 14.40
C LYS B 312 -8.51 3.40 14.97
N SER B 313 -9.79 3.23 15.26
CA SER B 313 -10.64 4.29 15.90
C SER B 313 -11.71 3.63 16.73
N ASN B 314 -12.22 4.39 17.69
CA ASN B 314 -13.39 3.96 18.47
C ASN B 314 -14.69 4.49 17.91
N LYS B 315 -14.58 5.49 17.04
CA LYS B 315 -15.60 6.52 16.92
C LYS B 315 -15.28 7.38 15.70
N LEU B 316 -16.16 7.40 14.71
CA LEU B 316 -16.09 8.40 13.66
C LEU B 316 -17.45 9.11 13.53
N VAL B 317 -17.63 10.19 14.27
CA VAL B 317 -18.97 10.81 14.41
C VAL B 317 -19.10 12.10 13.65
N LEU B 318 -19.96 12.05 12.66
CA LEU B 318 -20.30 13.24 11.89
C LEU B 318 -21.47 14.00 12.55
N ALA B 319 -21.31 15.31 12.70
CA ALA B 319 -22.42 16.17 13.01
C ALA B 319 -23.42 16.18 11.85
N THR B 320 -24.68 16.04 12.19
CA THR B 320 -25.76 16.25 11.25
C THR B 320 -26.60 17.47 11.66
N GLY B 321 -26.73 17.71 12.95
CA GLY B 321 -27.51 18.83 13.45
C GLY B 321 -26.70 20.05 13.82
N LEU B 322 -27.24 20.85 14.73
CA LEU B 322 -26.69 22.17 15.11
C LEU B 322 -25.98 22.07 16.42
N ARG B 323 -25.18 23.07 16.78
CA ARG B 323 -24.74 23.19 18.21
C ARG B 323 -25.91 23.29 19.17
N ASN B 324 -25.77 22.67 20.34
CA ASN B 324 -26.84 22.51 21.32
C ASN B 324 -26.41 23.09 22.68
N SER C 5 -38.09 55.14 -13.03
CA SER C 5 -37.37 55.35 -11.73
C SER C 5 -36.08 54.49 -11.66
N ASP C 6 -34.95 55.16 -11.41
CA ASP C 6 -33.59 54.59 -11.63
C ASP C 6 -33.17 53.42 -10.68
N GLN C 7 -32.51 52.40 -11.24
CA GLN C 7 -32.10 51.14 -10.53
C GLN C 7 -30.70 50.62 -10.90
N ILE C 8 -29.94 50.18 -9.89
CA ILE C 8 -28.71 49.41 -10.14
C ILE C 8 -28.80 48.00 -9.51
N CYS C 9 -28.39 47.00 -10.27
CA CYS C 9 -28.43 45.62 -9.79
C CYS C 9 -27.02 45.04 -9.76
N ILE C 10 -26.81 44.07 -8.88
CA ILE C 10 -25.58 43.28 -8.86
C ILE C 10 -25.89 41.88 -9.32
N GLY C 11 -25.06 41.35 -10.19
CA GLY C 11 -25.32 40.05 -10.83
C GLY C 11 -24.07 39.34 -11.31
N TYR C 12 -24.29 38.25 -12.05
CA TYR C 12 -23.20 37.40 -12.45
C TYR C 12 -23.47 36.71 -13.75
N HIS C 13 -22.39 36.18 -14.33
CA HIS C 13 -22.41 35.59 -15.65
C HIS C 13 -23.34 34.40 -15.76
N ALA C 14 -23.85 34.20 -16.97
CA ALA C 14 -24.58 32.97 -17.31
C ALA C 14 -24.39 32.64 -18.79
N ASN C 15 -24.64 31.39 -19.18
CA ASN C 15 -24.44 30.96 -20.57
C ASN C 15 -25.28 29.71 -20.86
N ASN C 16 -25.08 29.06 -22.02
CA ASN C 16 -25.90 27.87 -22.34
C ASN C 16 -25.10 26.57 -22.25
N SER C 17 -24.08 26.59 -21.38
CA SER C 17 -23.42 25.36 -20.92
C SER C 17 -24.40 24.47 -20.18
N THR C 18 -24.35 23.18 -20.49
CA THR C 18 -25.08 22.14 -19.76
C THR C 18 -24.20 21.32 -18.81
N GLU C 19 -22.89 21.56 -18.80
CA GLU C 19 -21.93 20.94 -17.89
C GLU C 19 -22.52 20.84 -16.50
N GLN C 20 -22.43 19.66 -15.91
CA GLN C 20 -22.93 19.38 -14.57
C GLN C 20 -21.78 18.89 -13.68
N VAL C 21 -21.98 19.02 -12.38
CA VAL C 21 -20.91 18.90 -11.40
C VAL C 21 -21.59 18.49 -10.11
N ASP C 22 -20.95 17.63 -9.32
CA ASP C 22 -21.50 17.32 -8.04
C ASP C 22 -20.69 18.08 -7.01
N THR C 23 -21.33 18.24 -5.86
CA THR C 23 -20.80 18.91 -4.70
C THR C 23 -21.01 17.90 -3.53
N ILE C 24 -20.35 18.08 -2.40
CA ILE C 24 -20.61 17.18 -1.27
C ILE C 24 -22.06 17.27 -0.72
N MET C 25 -22.69 18.43 -0.84
CA MET C 25 -24.09 18.61 -0.45
C MET C 25 -25.12 18.66 -1.55
N GLU C 26 -24.69 18.74 -2.80
CA GLU C 26 -25.63 18.82 -3.93
C GLU C 26 -25.12 18.03 -5.11
N LYS C 27 -26.04 17.37 -5.79
CA LYS C 27 -25.76 16.69 -7.04
C LYS C 27 -26.33 17.38 -8.27
N ASN C 28 -25.77 17.06 -9.43
CA ASN C 28 -26.34 17.50 -10.71
C ASN C 28 -26.57 19.03 -10.76
N VAL C 29 -25.54 19.78 -10.37
CA VAL C 29 -25.54 21.23 -10.41
C VAL C 29 -24.93 21.74 -11.70
N THR C 30 -25.73 22.43 -12.49
CA THR C 30 -25.28 22.93 -13.77
C THR C 30 -24.40 24.15 -13.54
N VAL C 31 -23.29 24.21 -14.25
CA VAL C 31 -22.35 25.30 -14.10
C VAL C 31 -21.95 25.87 -15.45
N THR C 32 -21.22 26.96 -15.35
CA THR C 32 -20.89 27.81 -16.44
C THR C 32 -19.70 27.23 -17.23
N HIS C 33 -18.69 26.80 -16.47
CA HIS C 33 -17.47 26.17 -17.00
C HIS C 33 -17.03 25.07 -16.03
N ALA C 34 -16.35 24.06 -16.55
CA ALA C 34 -15.89 22.94 -15.75
C ALA C 34 -14.69 22.28 -16.39
N GLN C 35 -13.91 21.61 -15.55
CA GLN C 35 -12.72 20.90 -16.00
C GLN C 35 -12.61 19.49 -15.40
N ASP C 36 -12.51 18.50 -16.28
CA ASP C 36 -12.34 17.09 -15.90
C ASP C 36 -10.87 16.77 -15.71
N ILE C 37 -10.52 16.27 -14.52
CA ILE C 37 -9.11 15.95 -14.20
C ILE C 37 -8.78 14.46 -14.33
N LEU C 38 -9.68 13.71 -14.95
CA LEU C 38 -9.49 12.30 -15.18
C LEU C 38 -9.11 12.09 -16.62
N GLU C 39 -7.93 11.52 -16.81
CA GLU C 39 -7.47 11.12 -18.13
C GLU C 39 -8.18 9.83 -18.55
N LYS C 40 -8.89 9.91 -19.66
CA LYS C 40 -9.69 8.80 -20.19
C LYS C 40 -9.20 8.28 -21.54
N THR C 41 -8.25 8.95 -22.14
CA THR C 41 -7.86 8.60 -23.49
C THR C 41 -6.44 8.14 -23.59
N HIS C 42 -6.22 7.37 -24.64
CA HIS C 42 -4.93 6.90 -24.99
C HIS C 42 -4.86 6.75 -26.50
N ASN C 43 -3.64 6.66 -26.98
CA ASN C 43 -3.36 6.65 -28.40
C ASN C 43 -3.49 5.28 -29.11
N GLY C 44 -3.96 4.26 -28.41
CA GLY C 44 -4.20 2.95 -29.02
C GLY C 44 -2.98 2.14 -29.46
N LYS C 45 -1.77 2.62 -29.16
CA LYS C 45 -0.56 2.03 -29.71
C LYS C 45 0.51 1.68 -28.67
N LEU C 46 1.44 0.82 -29.06
CA LEU C 46 2.68 0.59 -28.28
C LEU C 46 3.81 1.47 -28.75
N CYS C 47 4.40 2.17 -27.81
CA CYS C 47 5.38 3.17 -28.06
C CYS C 47 6.68 2.94 -27.36
N ASP C 48 7.69 3.68 -27.81
CA ASP C 48 8.93 3.83 -27.08
C ASP C 48 8.62 4.45 -25.75
N LEU C 49 9.51 4.21 -24.80
CA LEU C 49 9.37 4.73 -23.49
C LEU C 49 10.55 5.63 -23.25
N ASN C 50 10.31 6.94 -23.16
CA ASN C 50 11.42 7.90 -23.00
C ASN C 50 12.53 7.73 -24.07
N GLY C 51 12.10 7.59 -25.30
CA GLY C 51 13.03 7.47 -26.40
C GLY C 51 13.56 6.09 -26.71
N VAL C 52 13.34 5.09 -25.86
CA VAL C 52 13.82 3.75 -26.25
C VAL C 52 12.72 2.72 -26.52
N LYS C 53 12.91 2.01 -27.61
CA LYS C 53 11.92 1.11 -28.16
C LYS C 53 11.75 -0.14 -27.29
N PRO C 54 10.52 -0.69 -27.22
CA PRO C 54 10.38 -1.99 -26.60
C PRO C 54 10.91 -3.11 -27.46
N LEU C 55 11.12 -4.26 -26.83
CA LEU C 55 11.39 -5.49 -27.49
C LEU C 55 10.05 -6.16 -27.64
N ILE C 56 9.60 -6.28 -28.90
CA ILE C 56 8.28 -6.82 -29.18
C ILE C 56 8.46 -8.21 -29.71
N LEU C 57 7.99 -9.20 -28.98
CA LEU C 57 8.35 -10.59 -29.27
C LEU C 57 7.39 -11.32 -30.18
N LYS C 58 6.20 -10.78 -30.36
CA LYS C 58 5.29 -11.32 -31.39
C LYS C 58 4.75 -12.72 -31.02
N ASP C 59 5.06 -13.77 -31.78
CA ASP C 59 4.60 -15.12 -31.45
C ASP C 59 5.62 -15.95 -30.59
N CYS C 60 6.66 -15.30 -30.07
CA CYS C 60 7.63 -15.99 -29.23
C CYS C 60 7.59 -15.56 -27.80
N SER C 61 7.86 -16.53 -26.94
CA SER C 61 8.11 -16.24 -25.55
C SER C 61 9.56 -15.79 -25.38
N VAL C 62 9.88 -15.18 -24.26
CA VAL C 62 11.29 -14.78 -23.97
C VAL C 62 12.16 -16.02 -24.06
N ALA C 63 11.65 -17.15 -23.61
CA ALA C 63 12.47 -18.39 -23.62
C ALA C 63 12.80 -18.85 -25.05
N GLY C 64 11.79 -18.83 -25.90
CA GLY C 64 11.95 -19.27 -27.26
C GLY C 64 12.88 -18.34 -28.01
N TRP C 65 12.71 -17.04 -27.82
CA TRP C 65 13.63 -16.04 -28.34
C TRP C 65 15.08 -16.24 -27.83
N LEU C 66 15.25 -16.41 -26.53
CA LEU C 66 16.60 -16.52 -25.95
C LEU C 66 17.34 -17.75 -26.39
N LEU C 67 16.65 -18.88 -26.27
CA LEU C 67 17.25 -20.14 -26.71
C LEU C 67 17.34 -20.32 -28.23
N GLY C 68 16.57 -19.54 -28.97
CA GLY C 68 16.54 -19.61 -30.42
C GLY C 68 15.70 -20.73 -30.99
N ASN C 69 14.51 -20.94 -30.41
CA ASN C 69 13.45 -21.72 -31.05
C ASN C 69 13.37 -21.39 -32.55
N PRO C 70 13.48 -22.41 -33.40
CA PRO C 70 13.68 -22.03 -34.81
C PRO C 70 12.46 -21.32 -35.46
N MET C 71 11.27 -21.39 -34.88
CA MET C 71 10.17 -20.52 -35.33
C MET C 71 10.30 -19.06 -34.86
N CYS C 72 11.39 -18.73 -34.19
CA CYS C 72 11.64 -17.35 -33.78
C CYS C 72 12.75 -16.73 -34.68
N ASP C 73 12.75 -17.10 -35.95
CA ASP C 73 13.80 -16.70 -36.91
C ASP C 73 13.78 -15.23 -37.33
N GLU C 74 13.24 -14.35 -36.50
CA GLU C 74 12.94 -12.99 -36.88
C GLU C 74 13.88 -12.00 -36.17
N PHE C 75 15.14 -12.41 -35.93
CA PHE C 75 16.08 -11.66 -35.06
C PHE C 75 16.52 -10.32 -35.70
N ILE C 76 15.61 -9.34 -35.74
CA ILE C 76 15.96 -7.93 -35.94
C ILE C 76 16.73 -7.66 -34.64
N ARG C 77 17.87 -7.01 -34.77
CA ARG C 77 18.93 -7.07 -33.78
C ARG C 77 18.84 -5.83 -32.87
N VAL C 78 17.87 -5.82 -31.95
CA VAL C 78 17.70 -4.68 -31.00
C VAL C 78 18.80 -4.76 -29.94
N PRO C 79 19.75 -3.81 -29.94
CA PRO C 79 20.81 -3.84 -28.91
C PRO C 79 20.42 -3.25 -27.53
N GLU C 80 19.31 -2.51 -27.45
CA GLU C 80 18.77 -2.06 -26.16
C GLU C 80 17.27 -1.93 -26.24
N TRP C 81 16.60 -2.01 -25.09
CA TRP C 81 15.14 -1.86 -25.04
C TRP C 81 14.70 -1.47 -23.66
N SER C 82 13.49 -0.93 -23.58
CA SER C 82 13.03 -0.34 -22.35
C SER C 82 12.04 -1.27 -21.62
N TYR C 83 11.31 -2.07 -22.39
CA TYR C 83 10.42 -3.06 -21.82
C TYR C 83 10.24 -4.17 -22.83
N ILE C 84 9.73 -5.33 -22.40
CA ILE C 84 9.44 -6.41 -23.30
C ILE C 84 7.92 -6.59 -23.43
N VAL C 85 7.46 -6.82 -24.66
CA VAL C 85 6.03 -7.09 -24.92
C VAL C 85 5.92 -8.50 -25.42
N GLU C 86 5.12 -9.30 -24.75
CA GLU C 86 4.79 -10.65 -25.12
C GLU C 86 3.28 -10.68 -25.39
N ARG C 87 2.83 -11.56 -26.27
CA ARG C 87 1.39 -11.87 -26.37
C ARG C 87 0.94 -12.70 -25.20
N ALA C 88 -0.36 -12.70 -24.93
CA ALA C 88 -0.89 -13.47 -23.79
C ALA C 88 -0.44 -14.94 -23.85
N ASN C 89 -0.46 -15.51 -25.04
CA ASN C 89 -0.04 -16.87 -25.25
C ASN C 89 0.82 -16.97 -26.47
N PRO C 90 2.12 -16.76 -26.29
CA PRO C 90 3.00 -16.94 -27.41
C PRO C 90 2.87 -18.38 -27.86
N ALA C 91 2.90 -18.58 -29.16
CA ALA C 91 2.80 -19.92 -29.74
C ALA C 91 4.14 -20.62 -29.69
N ASN C 92 5.22 -19.86 -29.78
CA ASN C 92 6.55 -20.46 -29.83
C ASN C 92 7.36 -20.26 -28.53
N ASP C 93 7.61 -21.35 -27.84
CA ASP C 93 8.17 -21.31 -26.51
C ASP C 93 9.23 -22.43 -26.42
N LEU C 94 9.05 -23.46 -25.61
CA LEU C 94 10.07 -24.51 -25.57
C LEU C 94 9.59 -25.59 -26.51
N CYS C 95 10.10 -25.53 -27.74
CA CYS C 95 9.65 -26.42 -28.79
C CYS C 95 9.92 -27.87 -28.33
N TYR C 96 11.12 -28.11 -27.85
CA TYR C 96 11.41 -29.36 -27.16
C TYR C 96 11.01 -29.13 -25.72
N PRO C 97 10.07 -29.93 -25.20
CA PRO C 97 9.47 -29.60 -23.90
C PRO C 97 10.40 -29.73 -22.73
N GLY C 98 10.10 -28.99 -21.65
CA GLY C 98 10.94 -29.01 -20.46
C GLY C 98 10.78 -27.78 -19.59
N ASN C 99 11.91 -27.21 -19.16
CA ASN C 99 11.90 -26.02 -18.32
C ASN C 99 13.08 -25.10 -18.58
N LEU C 100 12.91 -23.85 -18.18
CA LEU C 100 13.98 -22.92 -18.03
C LEU C 100 13.95 -22.54 -16.56
N ASN C 101 15.05 -22.84 -15.87
CA ASN C 101 15.16 -22.54 -14.47
C ASN C 101 15.08 -21.04 -14.18
N ASP C 102 14.44 -20.69 -13.07
CA ASP C 102 14.32 -19.29 -12.66
C ASP C 102 13.85 -18.42 -13.79
N TYR C 103 12.88 -18.91 -14.53
CA TYR C 103 12.47 -18.23 -15.75
C TYR C 103 11.96 -16.86 -15.46
N GLU C 104 11.16 -16.73 -14.39
CA GLU C 104 10.51 -15.43 -14.14
C GLU C 104 11.50 -14.36 -13.71
N GLU C 105 12.55 -14.77 -12.97
CA GLU C 105 13.59 -13.84 -12.54
C GLU C 105 14.45 -13.46 -13.73
N LEU C 106 14.70 -14.42 -14.60
CA LEU C 106 15.41 -14.10 -15.84
C LEU C 106 14.65 -13.06 -16.67
N LYS C 107 13.35 -13.24 -16.80
CA LYS C 107 12.57 -12.31 -17.61
C LYS C 107 12.62 -10.96 -17.00
N HIS C 108 12.60 -10.96 -15.67
CA HIS C 108 12.65 -9.70 -14.95
C HIS C 108 13.99 -9.00 -15.13
N LEU C 109 15.04 -9.78 -15.08
CA LEU C 109 16.38 -9.29 -15.43
C LEU C 109 16.42 -8.70 -16.87
N LEU C 110 15.83 -9.40 -17.82
CA LEU C 110 15.89 -8.95 -19.22
C LEU C 110 14.79 -7.94 -19.59
N SER C 111 13.95 -7.54 -18.65
CA SER C 111 12.84 -6.69 -19.01
C SER C 111 13.34 -5.37 -19.62
N ARG C 112 14.37 -4.81 -19.03
CA ARG C 112 15.05 -3.63 -19.56
C ARG C 112 16.57 -3.82 -19.57
N ILE C 113 17.16 -3.55 -20.72
CA ILE C 113 18.54 -3.87 -21.00
C ILE C 113 19.17 -2.72 -21.79
N ASN C 114 20.35 -2.30 -21.34
CA ASN C 114 21.02 -1.14 -21.88
C ASN C 114 21.88 -1.55 -23.07
N HIS C 115 22.49 -2.73 -23.03
CA HIS C 115 23.23 -3.27 -24.15
C HIS C 115 23.10 -4.79 -24.19
N PHE C 116 22.78 -5.33 -25.37
CA PHE C 116 22.54 -6.74 -25.52
C PHE C 116 23.16 -7.15 -26.82
N GLU C 117 24.08 -8.10 -26.78
CA GLU C 117 24.74 -8.54 -27.99
C GLU C 117 25.02 -10.02 -27.97
N LYS C 118 24.42 -10.72 -28.92
CA LYS C 118 24.68 -12.13 -29.15
C LYS C 118 26.09 -12.35 -29.73
N ILE C 119 26.87 -13.20 -29.07
CA ILE C 119 28.19 -13.57 -29.52
C ILE C 119 28.36 -15.08 -29.45
N LEU C 120 29.21 -15.58 -30.33
CA LEU C 120 29.54 -16.96 -30.34
C LEU C 120 30.61 -17.15 -29.28
N ILE C 121 30.41 -18.10 -28.38
CA ILE C 121 31.43 -18.40 -27.39
C ILE C 121 32.05 -19.81 -27.48
N ILE C 122 31.30 -20.75 -27.99
CA ILE C 122 31.85 -22.08 -28.22
C ILE C 122 31.42 -22.58 -29.61
N PRO C 123 32.30 -22.41 -30.61
CA PRO C 123 31.86 -22.79 -31.94
C PRO C 123 31.55 -24.28 -32.08
N LYS C 124 30.55 -24.61 -32.88
CA LYS C 124 30.18 -26.00 -33.17
C LYS C 124 31.36 -26.84 -33.63
N SER C 125 32.21 -26.27 -34.46
CA SER C 125 33.30 -26.97 -35.08
C SER C 125 34.39 -27.30 -34.08
N SER C 126 34.28 -26.81 -32.85
CA SER C 126 35.24 -27.13 -31.80
C SER C 126 35.04 -28.50 -31.19
N TRP C 127 33.85 -29.08 -31.36
CA TRP C 127 33.55 -30.40 -30.76
C TRP C 127 34.07 -31.55 -31.67
N THR C 128 35.33 -31.92 -31.51
CA THR C 128 35.95 -32.88 -32.43
C THR C 128 35.55 -34.33 -32.12
N ASN C 129 35.31 -34.62 -30.84
CA ASN C 129 35.02 -35.98 -30.40
C ASN C 129 33.56 -36.28 -30.12
N HIS C 130 32.66 -35.37 -30.48
CA HIS C 130 31.20 -35.58 -30.31
C HIS C 130 30.45 -35.16 -31.57
N GLU C 131 29.28 -35.73 -31.76
CA GLU C 131 28.45 -35.45 -32.94
C GLU C 131 27.70 -34.14 -32.67
N THR C 132 27.77 -33.20 -33.59
CA THR C 132 27.11 -31.90 -33.42
C THR C 132 25.97 -31.63 -34.40
N SER C 133 25.68 -32.59 -35.28
CA SER C 133 24.72 -32.35 -36.36
C SER C 133 23.50 -33.25 -36.28
N LEU C 134 23.46 -34.15 -35.26
CA LEU C 134 22.36 -35.11 -35.08
C LEU C 134 21.33 -34.76 -34.01
N GLY C 135 21.56 -33.67 -33.28
CA GLY C 135 20.66 -33.29 -32.20
C GLY C 135 19.56 -32.37 -32.71
N VAL C 136 18.58 -32.96 -33.41
CA VAL C 136 17.46 -32.21 -33.99
C VAL C 136 16.23 -33.02 -33.73
N SER C 137 15.06 -32.42 -33.81
CA SER C 137 13.85 -33.10 -33.42
C SER C 137 12.67 -32.55 -34.18
N ALA C 138 11.71 -33.43 -34.46
CA ALA C 138 10.45 -33.00 -35.08
C ALA C 138 9.73 -32.05 -34.16
N ALA C 139 10.08 -32.04 -32.87
CA ALA C 139 9.45 -31.06 -31.95
C ALA C 139 9.90 -29.63 -32.21
N CYS C 140 11.00 -29.46 -32.95
CA CYS C 140 11.56 -28.14 -33.25
C CYS C 140 11.80 -27.96 -34.76
N PRO C 141 10.71 -27.87 -35.54
CA PRO C 141 10.89 -27.87 -36.98
C PRO C 141 11.32 -26.52 -37.45
N TYR C 142 12.06 -26.51 -38.54
CA TYR C 142 12.27 -25.30 -39.34
C TYR C 142 11.92 -25.59 -40.80
N GLN C 143 11.03 -24.76 -41.35
CA GLN C 143 10.58 -24.94 -42.73
C GLN C 143 10.03 -26.38 -42.86
N GLY C 144 9.34 -26.85 -41.80
CA GLY C 144 8.79 -28.21 -41.77
C GLY C 144 9.72 -29.39 -41.49
N THR C 145 11.02 -29.18 -41.65
CA THR C 145 12.09 -30.18 -41.38
C THR C 145 12.62 -30.21 -39.87
N PRO C 146 12.94 -31.39 -39.30
CA PRO C 146 13.44 -31.35 -37.91
C PRO C 146 14.65 -30.46 -37.65
N SER C 147 14.61 -29.74 -36.53
CA SER C 147 15.70 -28.84 -36.17
C SER C 147 15.84 -28.73 -34.64
N PHE C 148 16.31 -27.58 -34.17
CA PHE C 148 16.56 -27.43 -32.77
C PHE C 148 16.89 -25.99 -32.44
N PHE C 149 16.80 -25.68 -31.15
CA PHE C 149 17.17 -24.36 -30.63
C PHE C 149 18.50 -23.99 -31.23
N ARG C 150 18.60 -22.79 -31.76
CA ARG C 150 19.79 -22.38 -32.52
C ARG C 150 20.96 -21.88 -31.68
N ASN C 151 20.75 -21.55 -30.40
CA ASN C 151 21.80 -20.99 -29.56
C ASN C 151 22.52 -21.97 -28.62
N VAL C 152 22.06 -23.20 -28.59
CA VAL C 152 22.70 -24.24 -27.85
C VAL C 152 22.79 -25.46 -28.76
N VAL C 153 23.57 -26.46 -28.35
CA VAL C 153 23.88 -27.63 -29.19
C VAL C 153 23.65 -28.91 -28.47
N TRP C 154 22.82 -29.75 -29.05
CA TRP C 154 22.49 -31.06 -28.47
C TRP C 154 23.51 -32.08 -28.92
N LEU C 155 24.57 -32.24 -28.14
CA LEU C 155 25.65 -33.13 -28.47
C LEU C 155 25.24 -34.57 -28.37
N ILE C 156 25.73 -35.36 -29.34
CA ILE C 156 25.45 -36.78 -29.40
C ILE C 156 26.77 -37.58 -29.42
N LYS C 157 26.72 -38.84 -29.03
CA LYS C 157 27.90 -39.73 -29.17
C LYS C 157 28.43 -39.80 -30.61
N LYS C 158 29.73 -40.02 -30.74
CA LYS C 158 30.38 -40.13 -32.04
C LYS C 158 31.21 -41.42 -32.09
N ASN C 159 31.17 -42.07 -33.24
CA ASN C 159 31.62 -43.46 -33.35
C ASN C 159 30.75 -44.14 -32.32
N ASP C 160 31.25 -44.93 -31.40
CA ASP C 160 30.28 -45.38 -30.39
C ASP C 160 30.74 -44.91 -29.03
N ALA C 161 31.11 -43.62 -28.95
CA ALA C 161 31.65 -43.08 -27.71
C ALA C 161 31.22 -41.63 -27.41
N TYR C 162 31.20 -41.33 -26.12
CA TYR C 162 30.97 -39.97 -25.62
C TYR C 162 32.06 -39.83 -24.54
N PRO C 163 33.27 -39.45 -24.94
CA PRO C 163 34.29 -39.12 -23.95
C PRO C 163 33.89 -37.91 -23.11
N THR C 164 34.45 -37.84 -21.93
CA THR C 164 34.07 -36.89 -20.96
C THR C 164 34.54 -35.54 -21.39
N ILE C 165 33.59 -34.61 -21.48
CA ILE C 165 33.87 -33.24 -21.86
C ILE C 165 34.42 -32.48 -20.63
N LYS C 166 35.50 -31.72 -20.83
CA LYS C 166 36.00 -30.77 -19.82
C LYS C 166 36.42 -29.53 -20.55
N ILE C 167 35.60 -28.49 -20.46
CA ILE C 167 35.95 -27.25 -21.16
C ILE C 167 35.74 -26.10 -20.24
N SER C 168 36.35 -25.00 -20.58
CA SER C 168 36.10 -23.80 -19.86
C SER C 168 36.07 -22.64 -20.83
N TYR C 169 35.33 -21.59 -20.49
CA TYR C 169 35.28 -20.37 -21.29
C TYR C 169 35.51 -19.21 -20.33
N ASN C 170 36.49 -18.41 -20.68
CA ASN C 170 36.84 -17.22 -19.92
C ASN C 170 36.16 -15.99 -20.54
N ASN C 171 35.42 -15.25 -19.71
CA ASN C 171 34.81 -14.03 -20.23
C ASN C 171 35.85 -12.89 -20.41
N THR C 172 36.47 -12.85 -21.57
CA THR C 172 37.45 -11.77 -21.86
C THR C 172 36.81 -10.48 -22.35
N ASN C 173 35.49 -10.45 -22.45
CA ASN C 173 34.80 -9.24 -22.83
C ASN C 173 34.78 -8.32 -21.61
N GLN C 174 34.33 -7.10 -21.80
CA GLN C 174 34.26 -6.12 -20.72
C GLN C 174 32.87 -6.10 -20.09
N GLU C 175 31.96 -6.90 -20.65
CA GLU C 175 30.61 -6.96 -20.20
C GLU C 175 30.27 -8.32 -19.62
N ASP C 176 29.35 -8.31 -18.66
CA ASP C 176 28.73 -9.55 -18.22
C ASP C 176 28.23 -10.38 -19.38
N LEU C 177 28.26 -11.70 -19.23
CA LEU C 177 27.73 -12.61 -20.21
C LEU C 177 26.59 -13.47 -19.65
N LEU C 178 25.43 -13.46 -20.32
CA LEU C 178 24.36 -14.38 -19.97
C LEU C 178 24.61 -15.68 -20.73
N ILE C 179 24.84 -16.75 -19.99
CA ILE C 179 25.09 -18.06 -20.59
C ILE C 179 24.00 -19.04 -20.21
N LEU C 180 23.61 -19.86 -21.16
CA LEU C 180 22.59 -20.91 -21.01
C LEU C 180 23.06 -22.27 -21.51
N TRP C 181 22.62 -23.31 -20.81
CA TRP C 181 22.92 -24.72 -21.13
C TRP C 181 21.79 -25.55 -20.54
N GLY C 182 21.78 -26.84 -20.83
CA GLY C 182 20.68 -27.70 -20.43
C GLY C 182 21.07 -29.14 -20.23
N VAL C 183 20.15 -29.88 -19.64
CA VAL C 183 20.28 -31.33 -19.42
C VAL C 183 19.10 -31.99 -20.09
N HIS C 184 19.40 -33.09 -20.79
CA HIS C 184 18.38 -33.88 -21.48
C HIS C 184 18.02 -35.05 -20.62
N HIS C 185 16.75 -35.10 -20.25
CA HIS C 185 16.17 -36.25 -19.57
C HIS C 185 15.67 -37.26 -20.60
N SER C 186 16.38 -38.38 -20.71
CA SER C 186 16.09 -39.40 -21.69
C SER C 186 15.01 -40.27 -21.11
N ASN C 187 14.44 -41.16 -21.92
CA ASN C 187 13.24 -41.95 -21.56
C ASN C 187 13.44 -43.36 -20.99
N ASN C 188 14.58 -43.96 -21.30
CA ASN C 188 14.92 -45.30 -20.82
C ASN C 188 16.37 -45.63 -21.15
N ALA C 189 16.85 -46.74 -20.60
CA ALA C 189 18.24 -47.17 -20.78
C ALA C 189 18.68 -47.33 -22.23
N ALA C 190 17.80 -47.85 -23.07
CA ALA C 190 18.14 -48.05 -24.49
C ALA C 190 18.38 -46.73 -25.23
N GLU C 191 17.50 -45.77 -25.00
CA GLU C 191 17.63 -44.46 -25.61
C GLU C 191 18.90 -43.77 -25.10
N GLN C 192 19.16 -43.93 -23.81
CA GLN C 192 20.35 -43.38 -23.17
C GLN C 192 21.65 -43.87 -23.82
N THR C 193 21.80 -45.18 -24.00
CA THR C 193 23.01 -45.69 -24.69
C THR C 193 22.97 -45.34 -26.16
N ASN C 194 21.78 -45.31 -26.72
CA ASN C 194 21.65 -44.96 -28.13
C ASN C 194 22.15 -43.57 -28.47
N LEU C 195 21.90 -42.62 -27.56
CA LEU C 195 22.29 -41.21 -27.77
C LEU C 195 23.65 -40.86 -27.20
N TYR C 196 24.00 -41.44 -26.07
CA TYR C 196 25.18 -41.02 -25.30
C TYR C 196 26.15 -42.13 -24.89
N LYS C 197 25.80 -43.38 -25.18
CA LYS C 197 26.62 -44.54 -24.83
C LYS C 197 26.68 -44.78 -23.33
N ASN C 198 27.21 -43.79 -22.60
CA ASN C 198 27.37 -43.91 -21.16
C ASN C 198 26.02 -43.93 -20.48
N PRO C 199 25.75 -44.95 -19.67
CA PRO C 199 24.43 -45.06 -19.02
C PRO C 199 24.18 -44.11 -17.82
N THR C 200 25.22 -43.89 -17.03
CA THR C 200 25.14 -43.10 -15.83
C THR C 200 25.90 -41.78 -16.07
N THR C 201 25.17 -40.69 -16.22
CA THR C 201 25.78 -39.45 -16.66
C THR C 201 25.49 -38.29 -15.74
N TYR C 202 26.22 -37.20 -15.96
CA TYR C 202 26.13 -36.01 -15.16
C TYR C 202 26.61 -34.81 -15.95
N ILE C 203 26.25 -33.63 -15.47
CA ILE C 203 26.86 -32.39 -15.91
C ILE C 203 27.28 -31.58 -14.68
N SER C 204 28.50 -31.09 -14.68
CA SER C 204 28.97 -30.19 -13.62
C SER C 204 29.25 -28.82 -14.21
N VAL C 205 28.85 -27.78 -13.53
CA VAL C 205 29.09 -26.43 -14.00
C VAL C 205 29.61 -25.61 -12.84
N GLY C 206 30.73 -24.92 -13.06
CA GLY C 206 31.38 -24.15 -12.02
C GLY C 206 31.85 -22.79 -12.52
N THR C 207 31.64 -21.75 -11.71
CA THR C 207 32.23 -20.44 -11.93
C THR C 207 32.85 -20.00 -10.61
N SER C 208 32.96 -18.70 -10.37
CA SER C 208 33.42 -18.26 -9.09
C SER C 208 32.32 -18.34 -8.05
N THR C 209 31.06 -18.39 -8.48
CA THR C 209 29.92 -18.50 -7.58
C THR C 209 29.10 -19.74 -7.80
N LEU C 210 29.06 -20.21 -9.04
CA LEU C 210 28.15 -21.30 -9.38
C LEU C 210 28.79 -22.62 -9.05
N ASN C 211 28.02 -23.55 -8.55
CA ASN C 211 28.56 -24.92 -8.27
C ASN C 211 27.46 -25.92 -8.47
N GLN C 212 27.22 -26.29 -9.71
CA GLN C 212 26.03 -27.02 -10.08
C GLN C 212 26.33 -28.41 -10.53
N ARG C 213 25.41 -29.32 -10.25
CA ARG C 213 25.50 -30.69 -10.78
C ARG C 213 24.15 -31.21 -11.23
N LEU C 214 24.07 -31.58 -12.48
CA LEU C 214 22.80 -32.00 -13.03
C LEU C 214 22.92 -33.47 -13.35
N VAL C 215 21.83 -34.19 -13.08
CA VAL C 215 21.73 -35.61 -13.36
C VAL C 215 20.42 -35.87 -14.09
N PRO C 216 20.47 -36.58 -15.20
CA PRO C 216 19.27 -36.91 -15.92
C PRO C 216 18.33 -37.80 -15.13
N LYS C 217 17.03 -37.57 -15.34
CA LYS C 217 15.96 -38.34 -14.73
C LYS C 217 15.38 -39.19 -15.82
N ILE C 218 15.79 -40.43 -15.83
CA ILE C 218 15.44 -41.35 -16.87
C ILE C 218 14.19 -42.05 -16.40
N ALA C 219 13.05 -41.68 -16.97
CA ALA C 219 11.76 -42.12 -16.46
C ALA C 219 10.67 -41.96 -17.51
N THR C 220 9.50 -42.52 -17.22
CA THR C 220 8.33 -42.40 -18.10
C THR C 220 7.50 -41.14 -17.86
N ARG C 221 7.23 -40.41 -18.93
CA ARG C 221 6.48 -39.15 -18.90
C ARG C 221 5.46 -39.12 -20.05
N SER C 222 4.51 -38.21 -19.99
CA SER C 222 3.52 -38.07 -21.05
C SER C 222 4.15 -37.38 -22.28
N GLN C 223 3.50 -37.47 -23.44
CA GLN C 223 4.02 -36.82 -24.65
C GLN C 223 3.64 -35.38 -24.62
N VAL C 224 4.60 -34.52 -24.97
CA VAL C 224 4.32 -33.11 -25.25
C VAL C 224 5.09 -32.76 -26.52
N ASN C 225 4.42 -32.08 -27.44
CA ASN C 225 4.94 -31.82 -28.80
C ASN C 225 5.57 -33.07 -29.39
N GLY C 226 4.94 -34.22 -29.19
CA GLY C 226 5.41 -35.48 -29.74
C GLY C 226 6.52 -36.17 -28.97
N GLN C 227 6.95 -35.62 -27.84
CA GLN C 227 8.13 -36.13 -27.13
C GLN C 227 7.87 -36.49 -25.69
N ARG C 228 8.52 -37.55 -25.23
CA ARG C 228 8.47 -37.93 -23.81
C ARG C 228 9.71 -37.45 -23.05
N GLY C 229 10.76 -37.11 -23.79
CA GLY C 229 11.95 -36.53 -23.19
C GLY C 229 11.70 -35.08 -22.74
N ARG C 230 12.63 -34.57 -21.96
CA ARG C 230 12.52 -33.22 -21.48
C ARG C 230 13.89 -32.62 -21.46
N MET C 231 13.92 -31.31 -21.60
CA MET C 231 15.15 -30.58 -21.46
C MET C 231 15.00 -29.46 -20.45
N ASP C 232 15.84 -29.50 -19.44
CA ASP C 232 15.85 -28.50 -18.39
C ASP C 232 17.05 -27.59 -18.64
N PHE C 233 16.76 -26.30 -18.86
CA PHE C 233 17.79 -25.33 -19.16
C PHE C 233 18.09 -24.51 -17.88
N PHE C 234 19.33 -24.04 -17.81
CA PHE C 234 19.81 -23.28 -16.67
C PHE C 234 20.68 -22.13 -17.18
N TRP C 235 20.89 -21.11 -16.36
CA TRP C 235 21.66 -19.94 -16.80
C TRP C 235 22.49 -19.33 -15.72
N THR C 236 23.41 -18.48 -16.11
CA THR C 236 24.20 -17.72 -15.15
C THR C 236 24.72 -16.44 -15.80
N ILE C 237 25.09 -15.49 -14.96
CA ILE C 237 25.77 -14.26 -15.40
C ILE C 237 27.24 -14.44 -15.08
N LEU C 238 28.05 -14.58 -16.14
CA LEU C 238 29.50 -14.80 -15.97
C LEU C 238 30.18 -13.44 -16.00
N LYS C 239 30.82 -13.05 -14.89
CA LYS C 239 31.35 -11.69 -14.75
C LYS C 239 32.58 -11.52 -15.60
N PRO C 240 32.91 -10.26 -15.96
CA PRO C 240 34.01 -10.02 -16.85
C PRO C 240 35.28 -10.77 -16.57
N ASN C 241 35.84 -10.91 -15.39
CA ASN C 241 37.09 -11.82 -15.62
C ASN C 241 37.03 -13.26 -15.15
N ASP C 242 35.83 -13.81 -15.11
CA ASP C 242 35.61 -15.12 -14.55
C ASP C 242 35.56 -16.12 -15.67
N ALA C 243 35.64 -17.39 -15.32
CA ALA C 243 35.49 -18.44 -16.28
C ALA C 243 34.47 -19.40 -15.81
N ILE C 244 33.83 -20.07 -16.77
CA ILE C 244 32.81 -21.08 -16.49
C ILE C 244 33.38 -22.43 -16.90
N HIS C 245 33.19 -23.44 -16.07
CA HIS C 245 33.81 -24.75 -16.30
C HIS C 245 32.76 -25.81 -16.41
N PHE C 246 32.69 -26.45 -17.58
CA PHE C 246 31.73 -27.49 -17.86
C PHE C 246 32.39 -28.83 -17.88
N GLU C 247 31.71 -29.84 -17.36
CA GLU C 247 32.18 -31.23 -17.44
C GLU C 247 30.98 -32.15 -17.53
N SER C 248 30.99 -33.02 -18.52
CA SER C 248 29.88 -33.93 -18.71
C SER C 248 30.27 -35.17 -19.48
N ASN C 249 29.62 -36.27 -19.17
CA ASN C 249 29.75 -37.47 -19.99
C ASN C 249 28.45 -37.88 -20.63
N GLY C 250 27.53 -36.93 -20.82
CA GLY C 250 26.31 -37.22 -21.49
C GLY C 250 25.19 -36.27 -21.20
N ASN C 251 24.16 -36.27 -22.06
CA ASN C 251 22.92 -35.51 -21.82
C ASN C 251 23.10 -34.02 -21.69
N PHE C 252 24.19 -33.52 -22.24
CA PHE C 252 24.58 -32.12 -22.11
C PHE C 252 24.10 -31.31 -23.36
N ILE C 253 23.35 -30.25 -23.12
CA ILE C 253 22.97 -29.34 -24.16
C ILE C 253 23.86 -28.11 -23.95
N ALA C 254 24.87 -27.95 -24.82
CA ALA C 254 25.96 -27.05 -24.57
C ALA C 254 25.71 -25.64 -25.07
N PRO C 255 26.27 -24.65 -24.37
CA PRO C 255 26.21 -23.35 -24.99
C PRO C 255 26.88 -23.36 -26.35
N GLU C 256 26.40 -22.51 -27.25
CA GLU C 256 27.09 -22.18 -28.47
C GLU C 256 27.19 -20.66 -28.51
N TYR C 257 26.05 -19.98 -28.55
CA TYR C 257 26.01 -18.54 -28.41
C TYR C 257 25.62 -18.14 -26.97
N ALA C 258 25.87 -16.89 -26.65
CA ALA C 258 25.63 -16.34 -25.33
C ALA C 258 25.37 -14.87 -25.55
N TYR C 259 25.15 -14.11 -24.49
CA TYR C 259 24.82 -12.71 -24.71
C TYR C 259 25.60 -11.75 -23.83
N LYS C 260 26.30 -10.79 -24.43
CA LYS C 260 26.86 -9.66 -23.68
C LYS C 260 25.67 -8.82 -23.20
N ILE C 261 25.68 -8.43 -21.93
CA ILE C 261 24.56 -7.81 -21.35
C ILE C 261 25.05 -6.68 -20.47
N VAL C 262 24.45 -5.50 -20.61
CA VAL C 262 24.67 -4.39 -19.64
C VAL C 262 23.35 -3.94 -19.10
N LYS C 263 23.23 -3.86 -17.79
CA LYS C 263 21.93 -3.77 -17.14
C LYS C 263 21.38 -2.37 -16.82
N LYS C 264 21.95 -1.69 -15.85
CA LYS C 264 21.47 -0.25 -15.60
C LYS C 264 20.11 0.12 -14.97
N GLY C 265 19.02 -0.44 -15.49
CA GLY C 265 17.64 -0.19 -15.04
C GLY C 265 16.67 -1.39 -15.08
N ASP C 266 15.52 -1.25 -14.44
CA ASP C 266 14.52 -2.32 -14.30
C ASP C 266 13.16 -1.94 -14.91
N SER C 267 12.43 -2.95 -15.34
CA SER C 267 11.15 -2.75 -15.97
C SER C 267 10.32 -4.00 -15.67
N THR C 268 9.48 -4.45 -16.61
CA THR C 268 8.76 -5.69 -16.46
C THR C 268 8.30 -6.16 -17.81
N ILE C 269 7.60 -7.27 -17.84
CA ILE C 269 7.07 -7.81 -19.08
C ILE C 269 5.63 -7.35 -19.29
N MET C 270 5.35 -6.71 -20.41
CA MET C 270 4.01 -6.28 -20.74
C MET C 270 3.32 -7.33 -21.63
N LYS C 271 2.10 -7.71 -21.27
CA LYS C 271 1.27 -8.58 -22.09
C LYS C 271 0.36 -7.70 -22.93
N SER C 272 0.53 -7.72 -24.25
CA SER C 272 -0.32 -6.94 -25.16
C SER C 272 -0.45 -7.59 -26.51
N GLU C 273 -1.59 -7.39 -27.15
CA GLU C 273 -1.84 -7.96 -28.49
C GLU C 273 -1.59 -6.92 -29.59
N MET C 274 -1.35 -5.69 -29.16
CA MET C 274 -1.13 -4.59 -30.05
C MET C 274 0.22 -4.49 -30.71
N GLU C 275 0.28 -3.39 -31.45
CA GLU C 275 1.24 -3.17 -32.49
C GLU C 275 2.09 -1.96 -32.20
N TYR C 276 3.36 -1.97 -32.65
CA TYR C 276 4.28 -0.80 -32.52
C TYR C 276 3.70 0.35 -33.35
N GLY C 277 3.69 1.54 -32.77
CA GLY C 277 3.13 2.71 -33.41
C GLY C 277 4.08 3.87 -33.71
N HIS C 278 5.38 3.59 -33.70
CA HIS C 278 6.35 4.60 -34.12
C HIS C 278 6.13 5.90 -33.36
N CYS C 279 5.92 5.78 -32.06
CA CYS C 279 5.54 6.88 -31.18
C CYS C 279 6.43 6.83 -29.97
N ASN C 280 6.36 7.85 -29.14
CA ASN C 280 7.11 7.88 -27.91
C ASN C 280 6.15 8.26 -26.79
N THR C 281 6.44 7.76 -25.59
CA THR C 281 5.63 8.07 -24.42
C THR C 281 6.41 8.00 -23.10
N LYS C 282 5.84 8.59 -22.06
CA LYS C 282 6.31 8.46 -20.67
C LYS C 282 5.61 7.32 -19.97
N CYS C 283 4.45 6.94 -20.49
CA CYS C 283 3.51 6.06 -19.81
C CYS C 283 2.86 5.11 -20.80
N GLN C 284 3.23 3.83 -20.77
CA GLN C 284 2.62 2.81 -21.65
C GLN C 284 1.64 1.93 -20.90
N THR C 285 0.49 1.65 -21.53
CA THR C 285 -0.43 0.64 -21.06
C THR C 285 -0.61 -0.42 -22.12
N PRO C 286 -1.09 -1.60 -21.74
CA PRO C 286 -1.18 -2.65 -22.74
C PRO C 286 -2.22 -2.41 -23.80
N ILE C 287 -3.11 -1.41 -23.63
CA ILE C 287 -4.06 -1.05 -24.70
C ILE C 287 -3.75 0.29 -25.39
N GLY C 288 -2.64 0.93 -24.97
CA GLY C 288 -2.19 2.19 -25.56
C GLY C 288 -1.44 3.08 -24.60
N ALA C 289 -0.67 4.00 -25.18
CA ALA C 289 0.10 5.00 -24.42
C ALA C 289 -0.76 6.18 -23.96
N ILE C 290 -0.35 6.78 -22.87
CA ILE C 290 -1.09 7.87 -22.21
C ILE C 290 -0.21 9.08 -22.36
N ASN C 291 -0.82 10.19 -22.72
CA ASN C 291 -0.09 11.44 -22.93
C ASN C 291 -0.88 12.50 -22.20
N SER C 292 -0.47 12.80 -20.97
CA SER C 292 -1.32 13.57 -20.05
C SER C 292 -0.57 14.17 -18.88
N SER C 293 -1.09 15.28 -18.39
CA SER C 293 -0.59 15.94 -17.19
C SER C 293 -1.61 15.78 -16.07
N MET C 294 -2.75 15.14 -16.37
CA MET C 294 -3.75 14.90 -15.36
C MET C 294 -3.23 14.00 -14.25
N PRO C 295 -3.69 14.24 -13.02
CA PRO C 295 -3.29 13.48 -11.86
C PRO C 295 -3.90 12.09 -11.73
N PHE C 296 -5.00 11.83 -12.43
CA PHE C 296 -5.65 10.53 -12.40
C PHE C 296 -5.95 9.96 -13.78
N HIS C 297 -6.09 8.64 -13.87
CA HIS C 297 -6.55 8.02 -15.12
C HIS C 297 -7.33 6.74 -14.83
N ASN C 298 -8.11 6.27 -15.80
CA ASN C 298 -8.85 5.06 -15.61
C ASN C 298 -8.65 4.06 -16.74
N ILE C 299 -7.54 4.20 -17.45
CA ILE C 299 -7.32 3.41 -18.65
C ILE C 299 -7.06 1.91 -18.38
N HIS C 300 -6.08 1.61 -17.52
CA HIS C 300 -5.62 0.22 -17.31
C HIS C 300 -4.67 0.17 -16.16
N PRO C 301 -4.67 -0.91 -15.37
CA PRO C 301 -3.74 -0.96 -14.22
C PRO C 301 -2.28 -1.35 -14.53
N LEU C 302 -2.06 -2.11 -15.59
CA LEU C 302 -0.77 -2.70 -15.83
C LEU C 302 0.14 -1.78 -16.64
N THR C 303 0.44 -0.62 -16.04
CA THR C 303 1.20 0.46 -16.71
C THR C 303 2.70 0.31 -16.47
N ILE C 304 3.47 0.75 -17.44
CA ILE C 304 4.89 0.91 -17.27
C ILE C 304 5.25 2.33 -17.62
N GLY C 305 5.89 3.00 -16.66
CA GLY C 305 6.31 4.37 -16.85
C GLY C 305 5.87 5.23 -15.68
N GLU C 306 5.81 6.55 -15.93
CA GLU C 306 5.35 7.47 -14.94
C GLU C 306 3.99 7.87 -15.31
N CYS C 307 3.01 7.42 -14.56
CA CYS C 307 1.66 7.57 -14.96
C CYS C 307 0.87 8.32 -13.93
N PRO C 308 -0.31 8.78 -14.30
CA PRO C 308 -1.23 9.33 -13.28
C PRO C 308 -1.66 8.19 -12.39
N LYS C 309 -2.35 8.50 -11.32
CA LYS C 309 -2.76 7.50 -10.36
C LYS C 309 -4.00 6.82 -10.89
N TYR C 310 -3.99 5.49 -10.91
CA TYR C 310 -5.09 4.72 -11.49
C TYR C 310 -6.27 4.70 -10.53
N VAL C 311 -7.47 5.00 -11.05
CA VAL C 311 -8.69 4.98 -10.23
C VAL C 311 -9.89 4.35 -10.93
N LYS C 312 -10.88 4.01 -10.14
CA LYS C 312 -12.13 3.48 -10.64
C LYS C 312 -13.17 4.64 -10.72
N SER C 313 -13.14 5.43 -11.79
CA SER C 313 -14.10 6.55 -12.00
C SER C 313 -14.34 6.74 -13.45
N ASN C 314 -15.48 7.35 -13.77
CA ASN C 314 -15.77 7.75 -15.16
C ASN C 314 -15.42 9.18 -15.44
N LYS C 315 -15.21 9.94 -14.38
CA LYS C 315 -15.48 11.36 -14.40
C LYS C 315 -14.95 11.97 -13.11
N LEU C 316 -14.03 12.92 -13.22
CA LEU C 316 -13.68 13.74 -12.05
C LEU C 316 -13.73 15.22 -12.45
N VAL C 317 -14.90 15.82 -12.29
CA VAL C 317 -15.13 17.15 -12.86
C VAL C 317 -15.13 18.23 -11.80
N LEU C 318 -14.16 19.14 -11.91
CA LEU C 318 -14.12 20.32 -11.08
C LEU C 318 -14.90 21.46 -11.70
N ALA C 319 -15.74 22.10 -10.90
CA ALA C 319 -16.31 23.39 -11.30
C ALA C 319 -15.22 24.46 -11.40
N THR C 320 -15.28 25.23 -12.47
CA THR C 320 -14.46 26.42 -12.62
C THR C 320 -15.33 27.68 -12.65
N GLY C 321 -16.52 27.58 -13.22
CA GLY C 321 -17.42 28.71 -13.31
C GLY C 321 -18.47 28.77 -12.21
N LEU C 322 -19.60 29.39 -12.53
CA LEU C 322 -20.68 29.65 -11.58
C LEU C 322 -21.84 28.70 -11.79
N ARG C 323 -22.77 28.64 -10.84
CA ARG C 323 -24.08 28.00 -11.13
C ARG C 323 -24.77 28.67 -12.30
N ASN C 324 -25.45 27.87 -13.12
CA ASN C 324 -26.05 28.32 -14.37
C ASN C 324 -27.54 28.07 -14.36
N GLY D 12 -5.73 47.06 4.83
CA GLY D 12 -4.45 46.62 5.45
C GLY D 12 -4.50 46.33 6.98
N GLY D 13 -3.43 45.72 7.50
CA GLY D 13 -3.29 45.37 8.94
C GLY D 13 -2.44 46.40 9.65
N TRP D 14 -2.32 46.29 10.98
CA TRP D 14 -1.74 47.38 11.85
C TRP D 14 -0.47 47.03 12.61
N GLN D 15 0.67 47.52 12.13
CA GLN D 15 1.95 47.37 12.84
C GLN D 15 1.87 47.76 14.34
N GLY D 16 1.07 48.78 14.61
CA GLY D 16 0.93 49.35 15.96
C GLY D 16 0.30 48.47 17.02
N MET D 17 -0.66 47.64 16.62
CA MET D 17 -1.27 46.69 17.57
C MET D 17 -0.32 45.56 17.91
N VAL D 18 0.16 45.57 19.15
CA VAL D 18 1.16 44.63 19.63
C VAL D 18 0.63 43.58 20.60
N ASP D 19 -0.49 43.82 21.28
CA ASP D 19 -0.92 42.92 22.36
C ASP D 19 -2.01 41.89 21.96
N GLY D 20 -2.25 41.70 20.66
CA GLY D 20 -3.29 40.74 20.21
C GLY D 20 -3.47 40.60 18.70
N TRP D 21 -4.51 39.86 18.28
CA TRP D 21 -4.70 39.55 16.84
C TRP D 21 -5.73 40.45 16.18
N TYR D 22 -6.80 40.69 16.89
CA TYR D 22 -7.83 41.60 16.44
C TYR D 22 -8.09 42.68 17.49
N GLY D 23 -8.34 43.90 17.06
CA GLY D 23 -8.65 44.96 18.00
C GLY D 23 -9.10 46.29 17.43
N TYR D 24 -8.79 47.34 18.20
CA TYR D 24 -9.30 48.68 17.95
C TYR D 24 -8.21 49.71 17.86
N HIS D 25 -8.37 50.66 16.94
CA HIS D 25 -7.65 51.94 16.99
C HIS D 25 -8.67 53.05 17.26
N HIS D 26 -8.42 53.81 18.31
CA HIS D 26 -9.34 54.88 18.69
C HIS D 26 -8.69 56.23 18.48
N SER D 27 -9.43 57.12 17.84
CA SER D 27 -8.93 58.44 17.47
C SER D 27 -9.86 59.52 18.05
N ASN D 28 -9.47 60.07 19.21
CA ASN D 28 -10.24 61.14 19.87
C ASN D 28 -9.34 62.31 20.35
N GLU D 29 -9.89 63.17 21.22
CA GLU D 29 -9.17 64.38 21.64
C GLU D 29 -7.92 64.13 22.45
N GLN D 30 -7.98 63.14 23.34
CA GLN D 30 -6.91 62.89 24.31
C GLN D 30 -5.70 62.22 23.67
N GLY D 31 -5.75 62.00 22.36
CA GLY D 31 -4.71 61.28 21.64
C GLY D 31 -5.27 59.93 21.20
N SER D 32 -4.57 59.30 20.27
CA SER D 32 -5.00 58.03 19.71
C SER D 32 -4.18 56.87 20.26
N GLY D 33 -4.53 55.65 19.84
CA GLY D 33 -3.87 54.44 20.34
C GLY D 33 -4.61 53.14 20.03
N TYR D 34 -3.87 52.04 20.12
CA TYR D 34 -4.38 50.72 19.74
C TYR D 34 -4.67 49.90 20.96
N ALA D 35 -5.74 49.12 20.89
CA ALA D 35 -6.01 48.11 21.93
C ALA D 35 -6.57 46.80 21.36
N ALA D 36 -6.09 45.69 21.86
CA ALA D 36 -6.52 44.41 21.35
C ALA D 36 -7.84 43.96 22.00
N ASP D 37 -8.70 43.33 21.20
CA ASP D 37 -9.85 42.60 21.73
C ASP D 37 -9.36 41.24 22.25
N LYS D 38 -9.34 41.11 23.58
CA LYS D 38 -8.90 39.90 24.26
C LYS D 38 -9.69 38.66 23.86
N GLU D 39 -11.00 38.70 24.04
CA GLU D 39 -11.82 37.51 23.92
C GLU D 39 -11.65 36.86 22.55
N SER D 40 -11.88 37.62 21.49
CA SER D 40 -11.90 37.03 20.13
C SER D 40 -10.49 36.65 19.63
N THR D 41 -9.46 37.36 20.10
CA THR D 41 -8.06 36.95 19.92
C THR D 41 -7.77 35.58 20.54
N GLN D 42 -8.21 35.37 21.77
CA GLN D 42 -8.05 34.09 22.47
C GLN D 42 -8.81 32.97 21.76
N LYS D 43 -10.00 33.28 21.23
CA LYS D 43 -10.80 32.28 20.52
C LYS D 43 -10.08 31.76 19.26
N ALA D 44 -9.44 32.68 18.56
CA ALA D 44 -8.63 32.35 17.40
C ALA D 44 -7.34 31.61 17.73
N ILE D 45 -6.64 32.02 18.78
CA ILE D 45 -5.47 31.28 19.24
C ILE D 45 -5.87 29.85 19.64
N ASP D 46 -6.94 29.67 20.38
CA ASP D 46 -7.39 28.33 20.75
C ASP D 46 -7.70 27.48 19.52
N GLY D 47 -8.36 28.09 18.55
CA GLY D 47 -8.84 27.36 17.40
C GLY D 47 -7.73 26.95 16.47
N VAL D 48 -6.83 27.87 16.24
CA VAL D 48 -5.68 27.63 15.37
C VAL D 48 -4.72 26.63 16.02
N THR D 49 -4.59 26.72 17.34
CA THR D 49 -3.77 25.80 18.10
C THR D 49 -4.38 24.40 18.03
N ASN D 50 -5.70 24.32 18.14
CA ASN D 50 -6.36 23.03 18.00
C ASN D 50 -6.16 22.41 16.65
N LYS D 51 -6.14 23.25 15.64
CA LYS D 51 -6.07 22.78 14.28
C LYS D 51 -4.74 22.09 14.04
N VAL D 52 -3.68 22.77 14.44
CA VAL D 52 -2.38 22.26 14.28
C VAL D 52 -2.24 20.92 15.05
N ASN D 53 -2.66 20.92 16.30
CA ASN D 53 -2.53 19.73 17.14
C ASN D 53 -3.35 18.58 16.63
N SER D 54 -4.47 18.87 16.01
CA SER D 54 -5.30 17.84 15.39
C SER D 54 -4.59 17.21 14.17
N ILE D 55 -3.99 18.04 13.34
CA ILE D 55 -3.27 17.57 12.17
C ILE D 55 -2.05 16.74 12.56
N ILE D 56 -1.47 17.07 13.71
CA ILE D 56 -0.36 16.31 14.29
C ILE D 56 -0.83 15.04 15.05
N ASP D 57 -1.79 15.19 15.96
CA ASP D 57 -2.13 14.16 16.94
C ASP D 57 -2.93 13.00 16.30
N LYS D 58 -3.61 13.23 15.18
CA LYS D 58 -4.41 12.20 14.49
C LYS D 58 -3.59 11.21 13.69
N MET D 59 -2.32 11.52 13.45
CA MET D 59 -1.40 10.60 12.81
C MET D 59 -1.14 9.38 13.71
N ASN D 60 -1.50 8.22 13.21
CA ASN D 60 -1.16 6.99 13.85
C ASN D 60 0.25 6.56 13.41
N THR D 61 1.10 6.34 14.40
CA THR D 61 2.49 6.04 14.19
C THR D 61 2.67 4.60 14.63
N GLN D 62 3.32 3.75 13.81
CA GLN D 62 3.66 2.44 14.32
C GLN D 62 5.05 1.95 14.01
N PHE D 63 5.51 1.00 14.82
CA PHE D 63 6.81 0.46 14.63
C PHE D 63 6.89 -0.22 13.27
N GLU D 64 7.90 0.14 12.46
CA GLU D 64 8.26 -0.69 11.29
C GLU D 64 9.76 -0.72 11.08
N ALA D 65 10.23 -1.82 10.48
CA ALA D 65 11.61 -1.98 10.15
C ALA D 65 11.73 -2.07 8.64
N VAL D 66 12.31 -1.03 8.05
CA VAL D 66 12.39 -0.92 6.59
C VAL D 66 13.84 -1.14 6.19
N GLY D 67 14.08 -2.22 5.46
CA GLY D 67 15.38 -2.54 4.92
C GLY D 67 15.30 -3.07 3.49
N ARG D 68 16.29 -3.84 3.10
CA ARG D 68 16.41 -4.36 1.76
C ARG D 68 16.90 -5.76 1.92
N GLU D 69 15.99 -6.69 2.20
CA GLU D 69 16.36 -8.04 2.67
C GLU D 69 16.31 -9.07 1.57
N PHE D 70 15.91 -8.67 0.36
CA PHE D 70 15.82 -9.64 -0.77
C PHE D 70 17.09 -9.76 -1.63
N ASN D 71 17.41 -10.97 -2.05
CA ASN D 71 18.65 -11.17 -2.79
C ASN D 71 18.50 -10.99 -4.30
N ASN D 72 19.57 -11.29 -5.04
CA ASN D 72 19.60 -10.98 -6.46
C ASN D 72 18.67 -11.88 -7.34
N LEU D 73 18.17 -12.96 -6.78
CA LEU D 73 17.14 -13.78 -7.45
C LEU D 73 15.77 -13.67 -6.83
N GLU D 74 15.52 -12.52 -6.20
CA GLU D 74 14.27 -12.19 -5.58
C GLU D 74 13.95 -10.77 -5.95
N ARG D 75 14.30 -10.39 -7.18
CA ARG D 75 14.06 -9.05 -7.69
C ARG D 75 12.58 -8.81 -7.93
N ARG D 76 11.78 -9.86 -8.18
CA ARG D 76 10.36 -9.61 -8.35
C ARG D 76 9.74 -9.12 -7.07
N ILE D 77 10.08 -9.77 -5.96
CA ILE D 77 9.55 -9.40 -4.65
C ILE D 77 10.07 -8.04 -4.26
N GLU D 78 11.35 -7.80 -4.51
CA GLU D 78 11.90 -6.48 -4.24
C GLU D 78 11.10 -5.45 -5.00
N ASN D 79 10.77 -5.73 -6.27
CA ASN D 79 9.97 -4.75 -7.04
C ASN D 79 8.61 -4.51 -6.40
N LEU D 80 8.06 -5.57 -5.82
CA LEU D 80 6.74 -5.47 -5.15
C LEU D 80 6.86 -4.53 -3.98
N ASN D 81 7.94 -4.65 -3.21
CA ASN D 81 8.20 -3.73 -2.12
C ASN D 81 8.41 -2.32 -2.59
N LYS D 82 9.15 -2.15 -3.68
CA LYS D 82 9.32 -0.82 -4.23
C LYS D 82 8.00 -0.16 -4.57
N LYS D 83 7.11 -0.93 -5.19
CA LYS D 83 5.87 -0.32 -5.65
C LYS D 83 5.03 0.08 -4.41
N MET D 84 5.11 -0.72 -3.36
CA MET D 84 4.38 -0.40 -2.11
C MET D 84 4.95 0.84 -1.43
N GLU D 85 6.26 0.87 -1.24
CA GLU D 85 6.91 2.05 -0.65
C GLU D 85 6.63 3.33 -1.40
N ASP D 86 6.89 3.31 -2.69
CA ASP D 86 6.63 4.50 -3.56
C ASP D 86 5.16 4.89 -3.50
N GLY D 87 4.31 3.87 -3.49
CA GLY D 87 2.89 4.04 -3.40
C GLY D 87 2.51 4.88 -2.22
N PHE D 88 3.03 4.51 -1.06
CA PHE D 88 2.66 5.21 0.16
C PHE D 88 3.29 6.57 0.18
N LEU D 89 4.50 6.67 -0.30
CA LEU D 89 5.08 8.01 -0.44
C LEU D 89 4.21 8.95 -1.31
N ASP D 90 3.67 8.42 -2.41
CA ASP D 90 2.84 9.25 -3.31
C ASP D 90 1.55 9.66 -2.62
N VAL D 91 0.92 8.69 -1.95
CA VAL D 91 -0.25 8.97 -1.13
C VAL D 91 0.04 10.05 -0.05
N TRP D 92 1.07 9.86 0.77
CA TRP D 92 1.29 10.79 1.87
C TRP D 92 1.75 12.16 1.41
N THR D 93 2.55 12.20 0.35
CA THR D 93 2.98 13.49 -0.21
C THR D 93 1.80 14.33 -0.69
N TYR D 94 0.94 13.74 -1.52
CA TYR D 94 -0.24 14.45 -2.05
C TYR D 94 -1.20 14.89 -0.93
N ASN D 95 -1.49 13.98 -0.02
CA ASN D 95 -2.40 14.29 1.06
C ASN D 95 -1.85 15.37 1.97
N ALA D 96 -0.57 15.30 2.28
CA ALA D 96 0.02 16.31 3.12
C ALA D 96 0.02 17.67 2.43
N GLU D 97 0.43 17.71 1.16
CA GLU D 97 0.54 18.97 0.43
C GLU D 97 -0.81 19.63 0.26
N LEU D 98 -1.81 18.85 -0.09
CA LEU D 98 -3.13 19.38 -0.27
C LEU D 98 -3.83 19.79 1.02
N LEU D 99 -3.62 18.99 2.05
CA LEU D 99 -4.11 19.32 3.35
C LEU D 99 -3.59 20.71 3.82
N VAL D 100 -2.32 20.94 3.64
CA VAL D 100 -1.72 22.19 4.07
C VAL D 100 -2.32 23.34 3.23
N LEU D 101 -2.40 23.16 1.93
CA LEU D 101 -3.02 24.15 1.04
C LEU D 101 -4.47 24.49 1.47
N MET D 102 -5.26 23.48 1.81
CA MET D 102 -6.67 23.67 2.08
C MET D 102 -6.88 24.29 3.44
N GLU D 103 -6.13 23.83 4.41
CA GLU D 103 -6.28 24.35 5.73
C GLU D 103 -5.71 25.77 5.84
N ASN D 104 -4.68 26.07 5.08
CA ASN D 104 -4.25 27.44 5.01
C ASN D 104 -5.36 28.37 4.49
N GLU D 105 -6.06 27.97 3.42
CA GLU D 105 -7.15 28.77 2.90
C GLU D 105 -8.12 29.04 4.03
N ARG D 106 -8.43 28.01 4.81
CA ARG D 106 -9.48 28.12 5.84
C ARG D 106 -9.08 28.94 7.04
N THR D 107 -7.82 28.85 7.41
CA THR D 107 -7.29 29.63 8.51
C THR D 107 -7.40 31.10 8.16
N LEU D 108 -7.02 31.48 6.96
CA LEU D 108 -7.13 32.88 6.51
C LEU D 108 -8.58 33.37 6.42
N ASP D 109 -9.47 32.52 5.90
CA ASP D 109 -10.89 32.85 5.89
C ASP D 109 -11.46 32.97 7.33
N PHE D 110 -10.89 32.19 8.25
CA PHE D 110 -11.31 32.21 9.64
C PHE D 110 -10.97 33.57 10.27
N HIS D 111 -9.80 34.10 9.95
CA HIS D 111 -9.39 35.37 10.50
C HIS D 111 -10.31 36.47 10.00
N ASP D 112 -10.45 36.55 8.70
CA ASP D 112 -11.44 37.38 8.02
C ASP D 112 -12.78 37.42 8.76
N SER D 113 -13.34 36.23 8.97
CA SER D 113 -14.68 36.08 9.52
C SER D 113 -14.70 36.62 10.96
N ASN D 114 -13.61 36.40 11.70
CA ASN D 114 -13.51 36.90 13.08
C ASN D 114 -13.50 38.44 13.16
N VAL D 115 -12.76 39.06 12.26
CA VAL D 115 -12.62 40.50 12.19
C VAL D 115 -13.96 41.12 11.80
N LYS D 116 -14.63 40.54 10.81
CA LYS D 116 -15.93 41.02 10.37
C LYS D 116 -17.03 40.83 11.42
N ASN D 117 -16.84 39.90 12.35
CA ASN D 117 -17.75 39.78 13.44
C ASN D 117 -17.48 40.81 14.55
N LEU D 118 -16.20 41.17 14.75
CA LEU D 118 -15.90 42.29 15.65
C LEU D 118 -16.60 43.57 15.19
N TYR D 119 -16.29 43.94 13.95
CA TYR D 119 -16.86 45.06 13.29
C TYR D 119 -18.38 45.11 13.46
N ASP D 120 -19.05 43.98 13.35
CA ASP D 120 -20.52 43.93 13.47
C ASP D 120 -21.03 44.15 14.88
N LYS D 121 -20.33 43.63 15.87
CA LYS D 121 -20.74 43.82 17.26
C LYS D 121 -20.52 45.29 17.76
N VAL D 122 -19.58 45.99 17.15
CA VAL D 122 -19.47 47.44 17.33
C VAL D 122 -20.58 48.19 16.56
N ARG D 123 -20.66 47.98 15.25
CA ARG D 123 -21.79 48.49 14.44
C ARG D 123 -23.14 48.40 15.19
N LEU D 124 -23.39 47.28 15.90
CA LEU D 124 -24.64 47.11 16.67
C LEU D 124 -24.82 47.98 17.92
N GLN D 125 -23.73 48.26 18.63
CA GLN D 125 -23.76 49.14 19.80
C GLN D 125 -23.98 50.60 19.43
N LEU D 126 -23.34 51.03 18.32
CA LEU D 126 -23.38 52.40 17.82
C LEU D 126 -24.60 52.83 17.04
N ARG D 127 -25.11 51.97 16.17
CA ARG D 127 -26.23 52.31 15.24
C ARG D 127 -26.02 53.67 14.59
N ASP D 128 -26.97 54.61 14.75
CA ASP D 128 -26.91 55.90 14.05
C ASP D 128 -26.14 56.98 14.81
N ASN D 129 -25.71 56.71 16.05
CA ASN D 129 -24.78 57.61 16.78
C ASN D 129 -23.41 57.73 16.08
N ALA D 130 -23.17 56.91 15.08
CA ALA D 130 -21.97 57.03 14.26
C ALA D 130 -22.22 56.63 12.80
N LYS D 131 -21.25 57.00 11.98
CA LYS D 131 -21.28 56.86 10.53
C LYS D 131 -20.27 55.80 10.10
N GLU D 132 -20.76 54.74 9.46
CA GLU D 132 -19.88 53.72 8.85
C GLU D 132 -19.06 54.32 7.69
N LEU D 133 -17.78 54.57 7.94
CA LEU D 133 -16.91 55.13 6.92
C LEU D 133 -16.65 54.14 5.77
N GLY D 134 -16.81 52.84 6.05
CA GLY D 134 -16.65 51.80 5.02
C GLY D 134 -15.20 51.36 4.79
N ASN D 135 -14.34 51.62 5.76
CA ASN D 135 -12.94 51.18 5.71
C ASN D 135 -12.55 50.48 7.01
N GLY D 136 -13.57 49.98 7.70
CA GLY D 136 -13.40 49.43 9.04
C GLY D 136 -13.56 50.44 10.16
N CYS D 137 -13.67 51.73 9.83
CA CYS D 137 -13.81 52.77 10.86
C CYS D 137 -15.21 53.34 11.03
N PHE D 138 -15.48 53.78 12.25
CA PHE D 138 -16.73 54.42 12.63
C PHE D 138 -16.44 55.87 12.99
N GLU D 139 -17.15 56.80 12.34
CA GLU D 139 -17.00 58.22 12.66
C GLU D 139 -18.15 58.67 13.54
N PHE D 140 -17.83 58.96 14.78
CA PHE D 140 -18.84 59.36 15.75
C PHE D 140 -19.51 60.71 15.38
N TYR D 141 -20.81 60.78 15.64
CA TYR D 141 -21.57 62.02 15.51
C TYR D 141 -21.60 62.76 16.85
N HIS D 142 -20.69 62.39 17.73
CA HIS D 142 -20.59 63.00 19.03
C HIS D 142 -19.18 62.81 19.57
N LYS D 143 -18.96 63.33 20.76
CA LYS D 143 -17.63 63.42 21.32
C LYS D 143 -17.45 62.23 22.28
N CYS D 144 -16.43 61.42 21.98
CA CYS D 144 -16.22 60.14 22.65
C CYS D 144 -14.83 60.14 23.31
N ASP D 145 -14.83 60.44 24.61
CA ASP D 145 -13.58 60.54 25.34
C ASP D 145 -13.00 59.13 25.57
N ASN D 146 -11.89 59.05 26.29
CA ASN D 146 -11.18 57.78 26.53
C ASN D 146 -12.01 56.78 27.35
N LYS D 147 -12.96 57.26 28.13
CA LYS D 147 -13.87 56.38 28.89
C LYS D 147 -15.03 55.92 28.01
N CYS D 148 -15.42 56.76 27.06
CA CYS D 148 -16.45 56.41 26.10
C CYS D 148 -15.85 55.31 25.20
N MET D 149 -14.68 55.60 24.63
CA MET D 149 -13.90 54.61 23.87
C MET D 149 -13.75 53.26 24.59
N GLU D 150 -13.21 53.28 25.80
CA GLU D 150 -13.14 52.08 26.62
C GLU D 150 -14.49 51.36 26.70
N SER D 151 -15.59 52.12 26.76
CA SER D 151 -16.92 51.52 26.89
C SER D 151 -17.33 50.75 25.64
N VAL D 152 -17.07 51.26 24.43
CA VAL D 152 -17.38 50.47 23.21
C VAL D 152 -16.56 49.19 23.16
N ARG D 153 -15.32 49.28 23.64
CA ARG D 153 -14.40 48.14 23.69
C ARG D 153 -14.87 46.97 24.58
N ASN D 154 -15.38 47.26 25.78
CA ASN D 154 -15.88 46.19 26.65
C ASN D 154 -17.40 45.98 26.55
N GLY D 155 -17.99 46.46 25.45
CA GLY D 155 -19.38 46.14 25.13
C GLY D 155 -20.46 46.82 25.97
N THR D 156 -20.09 47.87 26.73
CA THR D 156 -21.03 48.61 27.63
C THR D 156 -21.46 50.02 27.16
N TYR D 157 -20.93 50.47 26.03
CA TYR D 157 -21.30 51.74 25.45
C TYR D 157 -22.77 52.00 25.61
N ASP D 158 -23.10 53.17 26.17
CA ASP D 158 -24.45 53.55 26.53
C ASP D 158 -25.02 54.55 25.48
N TYR D 159 -25.78 53.96 24.53
CA TYR D 159 -26.41 54.68 23.39
C TYR D 159 -27.29 55.83 23.88
N PRO D 160 -28.07 55.59 24.96
CA PRO D 160 -28.93 56.67 25.45
C PRO D 160 -28.23 58.00 25.69
N GLN D 161 -27.18 57.99 26.52
CA GLN D 161 -26.39 59.20 26.80
C GLN D 161 -26.18 60.16 25.61
N TYR D 162 -25.99 59.60 24.40
CA TYR D 162 -25.48 60.37 23.27
C TYR D 162 -26.46 60.57 22.12
N SER D 163 -27.65 59.96 22.18
CA SER D 163 -28.60 59.96 21.03
C SER D 163 -28.81 61.37 20.44
N GLU D 164 -29.09 62.30 21.36
CA GLU D 164 -29.52 63.69 21.07
C GLU D 164 -28.44 64.49 20.38
N GLU D 165 -27.30 64.52 21.01
CA GLU D 165 -26.13 65.20 20.46
C GLU D 165 -25.80 64.72 19.04
N ALA D 166 -26.05 63.43 18.82
CA ALA D 166 -25.80 62.81 17.51
C ALA D 166 -26.92 63.09 16.56
N ARG D 167 -28.14 62.91 17.03
CA ARG D 167 -29.29 63.35 16.24
C ARG D 167 -29.04 64.76 15.64
N LEU D 168 -28.55 65.69 16.48
CA LEU D 168 -28.44 67.12 16.08
C LEU D 168 -27.36 67.31 15.06
N LYS D 169 -26.24 66.64 15.31
CA LYS D 169 -25.07 66.70 14.41
C LYS D 169 -25.27 65.92 13.08
N ARG D 170 -26.25 65.02 13.05
CA ARG D 170 -26.57 64.24 11.86
C ARG D 170 -27.49 65.06 10.97
N GLU D 171 -28.56 65.59 11.54
CA GLU D 171 -29.51 66.45 10.81
C GLU D 171 -28.87 67.74 10.30
N GLU D 172 -27.74 68.08 10.92
CA GLU D 172 -26.98 69.24 10.54
C GLU D 172 -26.30 69.01 9.18
N ILE D 173 -26.43 67.80 8.61
CA ILE D 173 -25.92 67.47 7.29
C ILE D 173 -26.82 66.44 6.55
N GLY E 12 -27.84 31.94 21.99
CA GLY E 12 -28.45 30.59 22.28
C GLY E 12 -29.47 30.06 21.26
N GLY E 13 -29.85 28.79 21.43
CA GLY E 13 -30.91 28.11 20.59
C GLY E 13 -32.24 27.90 21.34
N TRP E 14 -33.26 27.35 20.66
CA TRP E 14 -34.66 27.23 21.24
C TRP E 14 -35.27 25.80 21.38
N GLN E 15 -35.39 25.30 22.61
CA GLN E 15 -36.16 24.04 22.87
C GLN E 15 -37.57 24.02 22.25
N GLY E 16 -38.22 25.18 22.27
CA GLY E 16 -39.61 25.33 21.83
C GLY E 16 -39.87 25.09 20.36
N MET E 17 -38.91 25.41 19.51
CA MET E 17 -39.05 25.08 18.12
C MET E 17 -38.82 23.59 17.85
N VAL E 18 -39.90 22.90 17.51
CA VAL E 18 -39.89 21.43 17.33
C VAL E 18 -40.13 21.00 15.90
N ASP E 19 -40.71 21.86 15.09
CA ASP E 19 -41.11 21.40 13.75
C ASP E 19 -40.04 21.67 12.67
N GLY E 20 -38.82 22.03 13.08
CA GLY E 20 -37.76 22.34 12.12
C GLY E 20 -36.40 22.74 12.67
N TRP E 21 -35.49 23.16 11.79
CA TRP E 21 -34.09 23.48 12.19
C TRP E 21 -33.84 24.96 12.42
N TYR E 22 -34.42 25.75 11.53
CA TYR E 22 -34.35 27.18 11.64
C TYR E 22 -35.73 27.79 11.60
N GLY E 23 -35.94 28.84 12.39
CA GLY E 23 -37.21 29.55 12.33
C GLY E 23 -37.35 30.83 13.15
N TYR E 24 -38.60 31.10 13.55
CA TYR E 24 -38.99 32.38 14.10
C TYR E 24 -39.77 32.24 15.39
N HIS E 25 -39.52 33.16 16.33
CA HIS E 25 -40.38 33.37 17.49
C HIS E 25 -41.03 34.75 17.39
N HIS E 26 -42.36 34.79 17.33
CA HIS E 26 -43.06 36.05 17.11
C HIS E 26 -43.84 36.40 18.35
N SER E 27 -43.73 37.66 18.76
CA SER E 27 -44.30 38.15 20.01
C SER E 27 -45.18 39.36 19.74
N ASN E 28 -46.50 39.11 19.60
CA ASN E 28 -47.47 40.18 19.36
C ASN E 28 -48.72 40.06 20.25
N GLU E 29 -49.78 40.79 19.91
CA GLU E 29 -50.97 40.87 20.75
C GLU E 29 -51.70 39.55 20.90
N GLN E 30 -51.81 38.79 19.80
CA GLN E 30 -52.63 37.55 19.74
C GLN E 30 -51.99 36.36 20.44
N GLY E 31 -50.82 36.60 21.05
CA GLY E 31 -50.05 35.57 21.72
C GLY E 31 -48.80 35.35 20.90
N SER E 32 -47.85 34.68 21.54
CA SER E 32 -46.58 34.36 20.91
C SER E 32 -46.51 32.89 20.50
N GLY E 33 -45.40 32.51 19.87
CA GLY E 33 -45.24 31.14 19.37
C GLY E 33 -44.10 31.01 18.37
N TYR E 34 -43.68 29.77 18.18
CA TYR E 34 -42.57 29.46 17.32
C TYR E 34 -43.08 28.97 15.98
N ALA E 35 -42.38 29.30 14.90
CA ALA E 35 -42.67 28.71 13.60
C ALA E 35 -41.38 28.42 12.86
N ALA E 36 -41.30 27.21 12.32
CA ALA E 36 -40.10 26.80 11.61
C ALA E 36 -40.15 27.28 10.16
N ASP E 37 -39.03 27.76 9.66
CA ASP E 37 -38.91 28.07 8.25
C ASP E 37 -38.75 26.75 7.52
N LYS E 38 -39.79 26.35 6.80
CA LYS E 38 -39.83 25.05 6.13
C LYS E 38 -38.75 24.95 5.07
N GLU E 39 -38.72 25.91 4.16
CA GLU E 39 -37.88 25.79 2.97
C GLU E 39 -36.41 25.60 3.35
N SER E 40 -35.86 26.49 4.17
CA SER E 40 -34.44 26.48 4.47
C SER E 40 -34.04 25.33 5.40
N THR E 41 -34.96 24.91 6.26
CA THR E 41 -34.81 23.66 7.00
C THR E 41 -34.65 22.44 6.07
N GLN E 42 -35.50 22.35 5.05
CA GLN E 42 -35.43 21.27 4.08
C GLN E 42 -34.14 21.30 3.31
N LYS E 43 -33.67 22.50 2.99
CA LYS E 43 -32.42 22.67 2.25
C LYS E 43 -31.30 22.00 3.05
N ALA E 44 -31.24 22.36 4.31
CA ALA E 44 -30.19 21.87 5.17
C ALA E 44 -30.27 20.36 5.38
N ILE E 45 -31.47 19.83 5.55
CA ILE E 45 -31.65 18.39 5.67
C ILE E 45 -31.19 17.66 4.39
N ASP E 46 -31.59 18.14 3.22
CA ASP E 46 -31.16 17.53 1.98
C ASP E 46 -29.64 17.56 1.89
N GLY E 47 -29.04 18.69 2.27
CA GLY E 47 -27.63 18.91 2.06
C GLY E 47 -26.81 18.03 2.98
N VAL E 48 -27.18 18.03 4.24
CA VAL E 48 -26.49 17.30 5.26
C VAL E 48 -26.66 15.81 4.99
N THR E 49 -27.84 15.44 4.49
CA THR E 49 -28.07 14.06 4.11
C THR E 49 -27.18 13.64 2.93
N ASN E 50 -27.06 14.52 1.94
CA ASN E 50 -26.21 14.24 0.81
C ASN E 50 -24.76 14.10 1.19
N LYS E 51 -24.35 14.88 2.19
CA LYS E 51 -23.01 14.87 2.63
C LYS E 51 -22.66 13.49 3.17
N VAL E 52 -23.48 13.01 4.08
CA VAL E 52 -23.26 11.76 4.77
C VAL E 52 -23.24 10.64 3.75
N ASN E 53 -24.22 10.64 2.88
CA ASN E 53 -24.30 9.63 1.84
C ASN E 53 -23.09 9.67 0.89
N SER E 54 -22.58 10.85 0.62
CA SER E 54 -21.43 11.00 -0.26
C SER E 54 -20.18 10.39 0.40
N ILE E 55 -20.01 10.66 1.68
CA ILE E 55 -18.93 10.12 2.43
C ILE E 55 -18.99 8.60 2.47
N ILE E 56 -20.21 8.06 2.45
CA ILE E 56 -20.45 6.61 2.49
C ILE E 56 -20.37 5.99 1.10
N ASP E 57 -21.05 6.60 0.14
CA ASP E 57 -21.28 6.00 -1.17
C ASP E 57 -20.05 6.05 -2.07
N LYS E 58 -19.14 6.98 -1.82
CA LYS E 58 -17.95 7.14 -2.65
C LYS E 58 -16.87 6.09 -2.37
N MET E 59 -16.98 5.39 -1.24
CA MET E 59 -16.12 4.28 -0.91
C MET E 59 -16.29 3.10 -1.87
N ASN E 60 -15.21 2.77 -2.56
CA ASN E 60 -15.13 1.59 -3.37
C ASN E 60 -14.71 0.42 -2.48
N THR E 61 -15.51 -0.62 -2.54
CA THR E 61 -15.36 -1.80 -1.75
C THR E 61 -15.01 -2.93 -2.73
N GLN E 62 -14.00 -3.74 -2.41
CA GLN E 62 -13.78 -4.96 -3.20
C GLN E 62 -13.43 -6.19 -2.41
N PHE E 63 -13.70 -7.34 -3.04
CA PHE E 63 -13.38 -8.61 -2.42
C PHE E 63 -11.88 -8.71 -2.15
N GLU E 64 -11.52 -8.99 -0.91
CA GLU E 64 -10.17 -9.44 -0.60
C GLU E 64 -10.22 -10.54 0.45
N ALA E 65 -9.22 -11.39 0.40
CA ALA E 65 -9.08 -12.43 1.38
C ALA E 65 -7.78 -12.18 2.15
N VAL E 66 -7.91 -11.82 3.41
CA VAL E 66 -6.76 -11.50 4.25
C VAL E 66 -6.52 -12.62 5.27
N GLY E 67 -5.38 -13.28 5.17
CA GLY E 67 -4.96 -14.29 6.13
C GLY E 67 -3.46 -14.20 6.45
N ARG E 68 -2.88 -15.33 6.77
CA ARG E 68 -1.48 -15.43 7.16
C ARG E 68 -0.93 -16.68 6.57
N GLU E 69 -0.55 -16.61 5.30
CA GLU E 69 -0.26 -17.80 4.51
C GLU E 69 1.24 -18.10 4.44
N PHE E 70 2.09 -17.26 5.05
CA PHE E 70 3.56 -17.49 4.95
C PHE E 70 4.18 -18.27 6.10
N ASN E 71 5.10 -19.18 5.78
CA ASN E 71 5.70 -20.04 6.81
C ASN E 71 6.93 -19.44 7.54
N ASN E 72 7.57 -20.24 8.39
CA ASN E 72 8.62 -19.79 9.27
C ASN E 72 9.92 -19.45 8.56
N LEU E 73 10.07 -19.88 7.31
CA LEU E 73 11.14 -19.43 6.47
C LEU E 73 10.69 -18.48 5.33
N GLU E 74 9.61 -17.75 5.57
CA GLU E 74 9.13 -16.71 4.67
C GLU E 74 8.78 -15.45 5.45
N ARG E 75 9.57 -15.18 6.50
CA ARG E 75 9.31 -14.05 7.35
C ARG E 75 9.59 -12.72 6.64
N ARG E 76 10.53 -12.68 5.70
CA ARG E 76 10.73 -11.39 4.97
C ARG E 76 9.50 -10.98 4.20
N ILE E 77 8.86 -11.93 3.52
CA ILE E 77 7.61 -11.67 2.77
C ILE E 77 6.45 -11.34 3.72
N GLU E 78 6.34 -12.09 4.82
CA GLU E 78 5.39 -11.75 5.88
C GLU E 78 5.61 -10.32 6.37
N ASN E 79 6.88 -9.90 6.54
CA ASN E 79 7.12 -8.51 6.94
C ASN E 79 6.64 -7.52 5.89
N LEU E 80 6.80 -7.90 4.63
CA LEU E 80 6.35 -7.02 3.53
C LEU E 80 4.84 -6.87 3.66
N ASN E 81 4.12 -7.96 3.91
CA ASN E 81 2.67 -7.82 4.09
C ASN E 81 2.33 -6.97 5.28
N LYS E 82 3.07 -7.11 6.35
CA LYS E 82 2.78 -6.34 7.53
C LYS E 82 2.92 -4.89 7.24
N LYS E 83 3.96 -4.54 6.52
CA LYS E 83 4.18 -3.09 6.29
C LYS E 83 3.05 -2.54 5.43
N MET E 84 2.57 -3.37 4.48
CA MET E 84 1.49 -3.00 3.61
C MET E 84 0.22 -2.79 4.40
N GLU E 85 -0.15 -3.80 5.17
CA GLU E 85 -1.36 -3.71 6.01
C GLU E 85 -1.34 -2.49 6.92
N ASP E 86 -0.27 -2.37 7.69
CA ASP E 86 -0.11 -1.26 8.63
C ASP E 86 -0.16 0.11 7.88
N GLY E 87 0.46 0.13 6.70
CA GLY E 87 0.48 1.29 5.84
C GLY E 87 -0.89 1.76 5.49
N PHE E 88 -1.73 0.85 5.03
CA PHE E 88 -3.11 1.22 4.64
C PHE E 88 -3.94 1.58 5.86
N LEU E 89 -3.69 0.88 6.97
CA LEU E 89 -4.38 1.23 8.20
C LEU E 89 -4.04 2.67 8.59
N ASP E 90 -2.78 3.06 8.43
CA ASP E 90 -2.37 4.41 8.79
C ASP E 90 -3.05 5.41 7.88
N VAL E 91 -3.02 5.13 6.58
CA VAL E 91 -3.67 6.01 5.57
C VAL E 91 -5.17 6.17 5.85
N TRP E 92 -5.89 5.06 6.04
CA TRP E 92 -7.33 5.19 6.21
C TRP E 92 -7.64 5.85 7.56
N THR E 93 -6.89 5.53 8.61
CA THR E 93 -7.19 6.11 9.90
C THR E 93 -7.07 7.64 9.84
N TYR E 94 -5.94 8.14 9.34
CA TYR E 94 -5.67 9.56 9.30
C TYR E 94 -6.71 10.26 8.42
N ASN E 95 -6.99 9.69 7.25
CA ASN E 95 -7.95 10.29 6.35
C ASN E 95 -9.34 10.33 6.95
N ALA E 96 -9.75 9.24 7.59
CA ALA E 96 -11.11 9.16 8.12
C ALA E 96 -11.25 10.16 9.25
N GLU E 97 -10.24 10.23 10.12
CA GLU E 97 -10.32 11.07 11.31
C GLU E 97 -10.34 12.54 10.89
N LEU E 98 -9.48 12.90 9.95
CA LEU E 98 -9.42 14.29 9.51
C LEU E 98 -10.61 14.74 8.68
N LEU E 99 -11.09 13.85 7.85
CA LEU E 99 -12.27 14.05 7.08
C LEU E 99 -13.46 14.37 8.01
N VAL E 100 -13.64 13.59 9.06
CA VAL E 100 -14.70 13.83 10.03
C VAL E 100 -14.53 15.20 10.70
N LEU E 101 -13.33 15.50 11.13
CA LEU E 101 -13.03 16.79 11.75
C LEU E 101 -13.36 17.97 10.84
N MET E 102 -13.01 17.86 9.58
CA MET E 102 -13.12 18.98 8.65
C MET E 102 -14.57 19.17 8.25
N GLU E 103 -15.25 18.06 7.97
CA GLU E 103 -16.61 18.14 7.55
C GLU E 103 -17.53 18.54 8.72
N ASN E 104 -17.17 18.17 9.94
CA ASN E 104 -17.88 18.71 11.08
C ASN E 104 -17.77 20.23 11.19
N GLU E 105 -16.58 20.77 11.01
CA GLU E 105 -16.39 22.21 11.05
C GLU E 105 -17.32 22.85 10.04
N ARG E 106 -17.40 22.26 8.86
CA ARG E 106 -18.18 22.84 7.76
C ARG E 106 -19.67 22.74 7.96
N THR E 107 -20.10 21.64 8.52
CA THR E 107 -21.50 21.43 8.79
C THR E 107 -22.00 22.51 9.77
N LEU E 108 -21.23 22.76 10.81
CA LEU E 108 -21.59 23.77 11.79
C LEU E 108 -21.57 25.17 11.21
N ASP E 109 -20.58 25.46 10.37
CA ASP E 109 -20.53 26.75 9.69
C ASP E 109 -21.71 26.89 8.71
N PHE E 110 -22.15 25.78 8.13
CA PHE E 110 -23.26 25.79 7.20
C PHE E 110 -24.56 26.19 7.93
N HIS E 111 -24.73 25.71 9.15
CA HIS E 111 -25.93 26.03 9.91
C HIS E 111 -25.97 27.52 10.23
N ASP E 112 -24.88 27.99 10.83
CA ASP E 112 -24.57 29.39 11.04
C ASP E 112 -24.97 30.27 9.87
N SER E 113 -24.48 29.92 8.69
CA SER E 113 -24.68 30.70 7.48
C SER E 113 -26.16 30.71 7.09
N ASN E 114 -26.84 29.58 7.27
CA ASN E 114 -28.25 29.46 6.94
C ASN E 114 -29.12 30.39 7.83
N VAL E 115 -28.78 30.44 9.12
CA VAL E 115 -29.49 31.23 10.12
C VAL E 115 -29.27 32.72 9.86
N LYS E 116 -28.03 33.09 9.59
CA LYS E 116 -27.68 34.47 9.26
C LYS E 116 -28.26 34.91 7.90
N ASN E 117 -28.61 33.99 7.02
CA ASN E 117 -29.32 34.38 5.81
C ASN E 117 -30.81 34.64 6.11
N LEU E 118 -31.39 33.88 7.02
CA LEU E 118 -32.75 34.15 7.44
C LEU E 118 -32.84 35.56 8.04
N TYR E 119 -32.02 35.82 9.06
CA TYR E 119 -31.91 37.14 9.73
C TYR E 119 -31.78 38.26 8.76
N ASP E 120 -30.96 38.08 7.73
CA ASP E 120 -30.71 39.11 6.72
C ASP E 120 -31.92 39.40 5.87
N LYS E 121 -32.60 38.35 5.42
CA LYS E 121 -33.71 38.55 4.52
C LYS E 121 -34.90 39.23 5.28
N VAL E 122 -34.98 39.03 6.59
CA VAL E 122 -35.90 39.78 7.43
C VAL E 122 -35.43 41.23 7.61
N ARG E 123 -34.24 41.43 8.16
CA ARG E 123 -33.65 42.78 8.22
C ARG E 123 -33.93 43.61 6.93
N LEU E 124 -33.83 42.99 5.76
CA LEU E 124 -34.08 43.66 4.47
C LEU E 124 -35.49 44.21 4.31
N GLN E 125 -36.45 43.41 4.72
CA GLN E 125 -37.86 43.74 4.54
C GLN E 125 -38.24 44.87 5.47
N LEU E 126 -37.84 44.73 6.72
CA LEU E 126 -38.21 45.66 7.79
C LEU E 126 -37.58 47.03 7.76
N ARG E 127 -36.30 47.11 7.43
CA ARG E 127 -35.60 48.40 7.39
C ARG E 127 -35.80 49.20 8.68
N ASP E 128 -36.22 50.46 8.60
CA ASP E 128 -36.40 51.31 9.78
C ASP E 128 -37.77 51.19 10.45
N ASN E 129 -38.69 50.42 9.85
CA ASN E 129 -39.96 50.07 10.50
C ASN E 129 -39.76 49.25 11.76
N ALA E 130 -38.54 48.77 11.98
CA ALA E 130 -38.21 48.09 13.23
C ALA E 130 -36.76 48.34 13.64
N LYS E 131 -36.50 47.99 14.88
CA LYS E 131 -35.25 48.27 15.58
C LYS E 131 -34.50 46.96 15.80
N GLU E 132 -33.32 46.84 15.19
CA GLU E 132 -32.44 45.70 15.42
C GLU E 132 -31.98 45.70 16.87
N LEU E 133 -32.58 44.83 17.68
CA LEU E 133 -32.22 44.73 19.10
C LEU E 133 -30.79 44.20 19.30
N GLY E 134 -30.25 43.50 18.29
CA GLY E 134 -28.89 43.00 18.33
C GLY E 134 -28.71 41.70 19.09
N ASN E 135 -29.81 40.96 19.26
CA ASN E 135 -29.77 39.63 19.87
C ASN E 135 -30.52 38.62 19.00
N GLY E 136 -30.64 38.95 17.71
CA GLY E 136 -31.42 38.16 16.78
C GLY E 136 -32.84 38.64 16.62
N CYS E 137 -33.27 39.56 17.48
CA CYS E 137 -34.65 40.04 17.48
C CYS E 137 -34.84 41.40 16.86
N PHE E 138 -36.04 41.57 16.29
CA PHE E 138 -36.47 42.84 15.74
C PHE E 138 -37.61 43.40 16.57
N GLU E 139 -37.47 44.64 17.04
CA GLU E 139 -38.55 45.31 17.75
C GLU E 139 -39.29 46.28 16.83
N PHE E 140 -40.52 45.92 16.50
CA PHE E 140 -41.33 46.74 15.59
C PHE E 140 -41.69 48.13 16.18
N TYR E 141 -41.67 49.14 15.31
CA TYR E 141 -42.13 50.49 15.64
C TYR E 141 -43.61 50.65 15.30
N HIS E 142 -44.29 49.53 15.14
CA HIS E 142 -45.68 49.50 14.76
C HIS E 142 -46.32 48.17 15.18
N LYS E 143 -47.59 48.04 14.86
CA LYS E 143 -48.43 46.98 15.36
C LYS E 143 -48.53 45.87 14.27
N CYS E 144 -48.02 44.68 14.61
CA CYS E 144 -47.83 43.58 13.66
C CYS E 144 -48.61 42.34 14.09
N ASP E 145 -49.80 42.20 13.50
CA ASP E 145 -50.70 41.12 13.86
C ASP E 145 -50.18 39.79 13.28
N ASN E 146 -50.93 38.71 13.50
CA ASN E 146 -50.51 37.37 13.08
C ASN E 146 -50.39 37.23 11.55
N LYS E 147 -51.09 38.07 10.80
CA LYS E 147 -50.96 38.06 9.33
C LYS E 147 -49.80 38.91 8.88
N CYS E 148 -49.47 39.93 9.68
CA CYS E 148 -48.27 40.75 9.44
C CYS E 148 -47.04 39.86 9.69
N MET E 149 -46.97 39.26 10.88
CA MET E 149 -45.97 38.24 11.21
C MET E 149 -45.82 37.17 10.11
N GLU E 150 -46.90 36.50 9.74
CA GLU E 150 -46.87 35.51 8.64
C GLU E 150 -46.25 36.10 7.39
N SER E 151 -46.52 37.37 7.12
CA SER E 151 -46.03 38.00 5.91
C SER E 151 -44.49 38.15 5.93
N VAL E 152 -43.90 38.56 7.04
CA VAL E 152 -42.43 38.65 7.08
C VAL E 152 -41.81 37.28 6.87
N ARG E 153 -42.48 36.25 7.39
CA ARG E 153 -42.03 34.84 7.29
C ARG E 153 -41.98 34.28 5.86
N ASN E 154 -42.95 34.61 5.02
CA ASN E 154 -42.90 34.17 3.61
C ASN E 154 -42.41 35.27 2.64
N GLY E 155 -41.72 36.28 3.18
CA GLY E 155 -41.05 37.26 2.34
C GLY E 155 -41.93 38.26 1.61
N THR E 156 -43.19 38.40 2.01
CA THR E 156 -44.17 39.33 1.38
C THR E 156 -44.53 40.59 2.17
N TYR E 157 -44.00 40.73 3.38
CA TYR E 157 -44.20 41.94 4.18
C TYR E 157 -44.08 43.20 3.34
N ASP E 158 -45.07 44.09 3.45
CA ASP E 158 -45.13 45.33 2.64
C ASP E 158 -44.75 46.56 3.48
N TYR E 159 -43.59 47.14 3.15
CA TYR E 159 -42.99 48.27 3.89
C TYR E 159 -43.81 49.57 3.86
N PRO E 160 -44.31 49.99 2.68
CA PRO E 160 -45.13 51.21 2.63
C PRO E 160 -46.27 51.21 3.64
N GLN E 161 -47.08 50.17 3.61
CA GLN E 161 -48.20 50.03 4.53
C GLN E 161 -47.95 50.58 5.94
N TYR E 162 -46.74 50.44 6.46
CA TYR E 162 -46.45 50.77 7.87
C TYR E 162 -45.47 51.94 8.11
N SER E 163 -44.91 52.50 7.05
CA SER E 163 -43.78 53.47 7.17
C SER E 163 -44.09 54.56 8.17
N GLU E 164 -45.26 55.14 7.97
CA GLU E 164 -45.65 56.37 8.60
C GLU E 164 -46.00 56.20 10.09
N GLU E 165 -46.74 55.15 10.44
CA GLU E 165 -46.96 54.77 11.84
C GLU E 165 -45.62 54.57 12.61
N ALA E 166 -44.63 54.05 11.88
CA ALA E 166 -43.30 53.83 12.42
C ALA E 166 -42.52 55.13 12.43
N ARG E 167 -42.57 55.86 11.32
CA ARG E 167 -42.00 57.23 11.21
C ARG E 167 -42.34 58.20 12.38
N LEU E 168 -43.50 58.01 12.99
CA LEU E 168 -43.98 58.90 14.06
C LEU E 168 -43.91 58.31 15.48
N LYS E 169 -43.86 56.99 15.61
CA LYS E 169 -43.51 56.34 16.90
C LYS E 169 -42.02 56.53 17.25
N ARG E 170 -41.23 56.92 16.26
CA ARG E 170 -39.79 57.01 16.46
C ARG E 170 -39.39 58.22 17.35
N GLU E 171 -39.48 59.45 16.85
CA GLU E 171 -38.89 60.64 17.52
C GLU E 171 -39.54 61.08 18.84
N GLU E 172 -40.32 60.19 19.45
CA GLU E 172 -41.08 60.46 20.69
C GLU E 172 -40.30 60.41 22.04
N ILE E 173 -39.41 59.44 22.14
CA ILE E 173 -38.75 59.09 23.43
C ILE E 173 -37.46 59.91 23.59
N GLY F 12 -31.07 34.55 -9.49
CA GLY F 12 -30.58 34.11 -10.86
C GLY F 12 -29.37 34.86 -11.46
N GLY F 13 -28.83 34.36 -12.57
CA GLY F 13 -27.67 34.96 -13.27
C GLY F 13 -28.05 35.65 -14.57
N TRP F 14 -27.10 36.33 -15.24
CA TRP F 14 -27.41 37.20 -16.43
C TRP F 14 -26.79 36.81 -17.78
N GLN F 15 -27.58 36.17 -18.64
CA GLN F 15 -27.12 35.80 -19.99
C GLN F 15 -26.45 36.95 -20.71
N GLY F 16 -26.89 38.18 -20.41
CA GLY F 16 -26.36 39.38 -21.06
C GLY F 16 -24.88 39.60 -20.77
N MET F 17 -24.50 39.65 -19.51
CA MET F 17 -23.14 40.03 -19.11
C MET F 17 -22.15 39.03 -19.70
N VAL F 18 -21.34 39.48 -20.66
CA VAL F 18 -20.37 38.61 -21.36
C VAL F 18 -18.90 39.00 -21.09
N ASP F 19 -18.62 40.19 -20.55
CA ASP F 19 -17.21 40.62 -20.42
C ASP F 19 -16.60 40.30 -19.04
N GLY F 20 -17.27 39.48 -18.24
CA GLY F 20 -16.77 39.12 -16.92
C GLY F 20 -17.63 38.14 -16.11
N TRP F 21 -17.26 37.93 -14.85
CA TRP F 21 -17.94 36.93 -13.99
C TRP F 21 -18.96 37.57 -13.04
N TYR F 22 -18.55 38.70 -12.47
CA TYR F 22 -19.42 39.47 -11.61
C TYR F 22 -19.52 40.91 -12.09
N GLY F 23 -20.71 41.51 -11.98
CA GLY F 23 -20.87 42.92 -12.35
C GLY F 23 -22.22 43.58 -12.05
N TYR F 24 -22.54 44.57 -12.87
CA TYR F 24 -23.67 45.46 -12.63
C TYR F 24 -24.60 45.60 -13.83
N HIS F 25 -25.90 45.66 -13.59
CA HIS F 25 -26.89 46.11 -14.59
C HIS F 25 -27.46 47.40 -14.09
N HIS F 26 -27.38 48.42 -14.94
CA HIS F 26 -27.86 49.74 -14.57
C HIS F 26 -29.03 50.14 -15.46
N SER F 27 -30.09 50.61 -14.82
CA SER F 27 -31.35 50.93 -15.47
C SER F 27 -31.72 52.40 -15.17
N ASN F 28 -31.37 53.32 -16.08
CA ASN F 28 -31.69 54.74 -15.95
C ASN F 28 -32.28 55.38 -17.23
N GLU F 29 -32.30 56.71 -17.30
CA GLU F 29 -32.94 57.41 -18.43
C GLU F 29 -32.25 57.16 -19.77
N GLN F 30 -30.91 57.14 -19.76
CA GLN F 30 -30.11 57.10 -21.00
C GLN F 30 -30.11 55.72 -21.66
N GLY F 31 -30.84 54.79 -21.06
CA GLY F 31 -30.86 53.41 -21.52
C GLY F 31 -30.12 52.58 -20.50
N SER F 32 -30.30 51.26 -20.61
CA SER F 32 -29.71 50.31 -19.67
C SER F 32 -28.51 49.59 -20.28
N GLY F 33 -27.89 48.73 -19.49
CA GLY F 33 -26.70 48.01 -19.93
C GLY F 33 -25.91 47.36 -18.80
N TYR F 34 -25.07 46.40 -19.17
CA TYR F 34 -24.33 45.61 -18.20
C TYR F 34 -22.88 46.09 -18.17
N ALA F 35 -22.27 46.08 -17.00
CA ALA F 35 -20.82 46.32 -16.90
C ALA F 35 -20.15 45.36 -15.90
N ALA F 36 -19.19 44.59 -16.37
CA ALA F 36 -18.52 43.62 -15.50
C ALA F 36 -17.59 44.34 -14.54
N ASP F 37 -17.50 43.85 -13.30
CA ASP F 37 -16.48 44.31 -12.37
C ASP F 37 -15.19 43.57 -12.70
N LYS F 38 -14.24 44.30 -13.28
CA LYS F 38 -12.97 43.76 -13.71
C LYS F 38 -12.17 43.16 -12.54
N GLU F 39 -11.94 43.94 -11.49
CA GLU F 39 -11.00 43.53 -10.46
C GLU F 39 -11.40 42.21 -9.82
N SER F 40 -12.64 42.13 -9.33
CA SER F 40 -13.07 40.95 -8.58
C SER F 40 -13.27 39.72 -9.49
N THR F 41 -13.62 39.95 -10.75
CA THR F 41 -13.61 38.89 -11.77
C THR F 41 -12.21 38.28 -11.96
N GLN F 42 -11.20 39.14 -12.05
CA GLN F 42 -9.81 38.69 -12.16
C GLN F 42 -9.34 37.92 -10.92
N LYS F 43 -9.77 38.37 -9.76
CA LYS F 43 -9.43 37.72 -8.50
C LYS F 43 -9.92 36.29 -8.47
N ALA F 44 -11.15 36.10 -8.94
CA ALA F 44 -11.75 34.79 -9.02
C ALA F 44 -11.11 33.91 -10.07
N ILE F 45 -10.80 34.46 -11.23
CA ILE F 45 -10.11 33.69 -12.27
C ILE F 45 -8.75 33.23 -11.78
N ASP F 46 -7.98 34.11 -11.16
CA ASP F 46 -6.69 33.71 -10.62
C ASP F 46 -6.83 32.59 -9.59
N GLY F 47 -7.82 32.72 -8.71
CA GLY F 47 -7.97 31.84 -7.58
C GLY F 47 -8.43 30.46 -8.01
N VAL F 48 -9.42 30.43 -8.86
CA VAL F 48 -9.94 29.21 -9.40
C VAL F 48 -8.91 28.52 -10.27
N THR F 49 -8.12 29.31 -11.00
CA THR F 49 -7.03 28.77 -11.82
C THR F 49 -5.91 28.16 -10.93
N ASN F 50 -5.57 28.84 -9.85
CA ASN F 50 -4.63 28.30 -8.90
C ASN F 50 -5.10 27.02 -8.24
N LYS F 51 -6.41 26.91 -8.02
CA LYS F 51 -6.97 25.77 -7.36
C LYS F 51 -6.81 24.53 -8.21
N VAL F 52 -7.19 24.65 -9.46
CA VAL F 52 -7.07 23.55 -10.41
C VAL F 52 -5.61 23.11 -10.57
N ASN F 53 -4.74 24.09 -10.80
CA ASN F 53 -3.33 23.78 -10.95
C ASN F 53 -2.71 23.13 -9.70
N SER F 54 -3.18 23.52 -8.52
CA SER F 54 -2.65 22.99 -7.28
C SER F 54 -3.04 21.53 -7.19
N ILE F 55 -4.28 21.24 -7.55
CA ILE F 55 -4.77 19.86 -7.53
C ILE F 55 -4.02 18.97 -8.52
N ILE F 56 -3.60 19.55 -9.62
CA ILE F 56 -2.84 18.86 -10.67
C ILE F 56 -1.38 18.78 -10.30
N ASP F 57 -0.79 19.92 -9.92
CA ASP F 57 0.68 20.06 -9.82
C ASP F 57 1.26 19.37 -8.59
N LYS F 58 0.45 19.21 -7.54
CA LYS F 58 0.92 18.60 -6.28
C LYS F 58 1.07 17.07 -6.33
N MET F 59 0.52 16.44 -7.37
CA MET F 59 0.69 15.00 -7.57
C MET F 59 2.12 14.64 -7.85
N ASN F 60 2.67 13.82 -6.99
CA ASN F 60 3.95 13.23 -7.24
C ASN F 60 3.80 11.96 -8.07
N THR F 61 4.53 11.92 -9.17
CA THR F 61 4.45 10.87 -10.15
C THR F 61 5.80 10.17 -10.14
N GLN F 62 5.81 8.85 -10.10
CA GLN F 62 7.08 8.19 -10.31
C GLN F 62 7.04 6.97 -11.20
N PHE F 63 8.21 6.63 -11.75
CA PHE F 63 8.31 5.49 -12.63
C PHE F 63 7.99 4.22 -11.87
N GLU F 64 7.05 3.43 -12.39
CA GLU F 64 6.88 2.05 -11.94
C GLU F 64 6.55 1.14 -13.10
N ALA F 65 6.93 -0.13 -12.95
CA ALA F 65 6.66 -1.13 -13.93
C ALA F 65 5.74 -2.19 -13.32
N VAL F 66 4.49 -2.21 -13.78
CA VAL F 66 3.46 -3.07 -13.21
C VAL F 66 3.10 -4.21 -14.13
N GLY F 67 3.33 -5.44 -13.66
CA GLY F 67 3.08 -6.63 -14.44
C GLY F 67 2.53 -7.77 -13.62
N ARG F 68 2.72 -8.98 -14.11
CA ARG F 68 2.27 -10.19 -13.45
C ARG F 68 3.39 -11.21 -13.57
N GLU F 69 4.39 -11.08 -12.73
CA GLU F 69 5.64 -11.82 -12.90
C GLU F 69 5.69 -13.12 -12.08
N PHE F 70 4.64 -13.41 -11.30
CA PHE F 70 4.61 -14.61 -10.45
C PHE F 70 3.95 -15.83 -11.08
N ASN F 71 4.53 -17.00 -10.82
CA ASN F 71 4.02 -18.23 -11.45
C ASN F 71 2.92 -18.95 -10.65
N ASN F 72 2.52 -20.12 -11.12
CA ASN F 72 1.36 -20.84 -10.60
C ASN F 72 1.59 -21.42 -9.20
N LEU F 73 2.84 -21.50 -8.76
CA LEU F 73 3.14 -21.87 -7.36
C LEU F 73 3.67 -20.69 -6.54
N GLU F 74 3.22 -19.47 -6.92
CA GLU F 74 3.53 -18.24 -6.22
C GLU F 74 2.29 -17.40 -6.10
N ARG F 75 1.18 -18.08 -5.89
CA ARG F 75 -0.10 -17.42 -5.82
C ARG F 75 -0.24 -16.64 -4.53
N ARG F 76 0.42 -17.06 -3.46
CA ARG F 76 0.32 -16.27 -2.21
C ARG F 76 0.92 -14.89 -2.40
N ILE F 77 2.08 -14.82 -3.03
CA ILE F 77 2.72 -13.55 -3.33
C ILE F 77 1.87 -12.74 -4.31
N GLU F 78 1.39 -13.38 -5.36
CA GLU F 78 0.52 -12.69 -6.31
C GLU F 78 -0.66 -12.10 -5.54
N ASN F 79 -1.21 -12.83 -4.57
CA ASN F 79 -2.32 -12.26 -3.79
C ASN F 79 -1.90 -11.02 -3.04
N LEU F 80 -0.67 -11.04 -2.56
CA LEU F 80 -0.15 -9.94 -1.79
C LEU F 80 -0.10 -8.71 -2.69
N ASN F 81 0.36 -8.89 -3.92
CA ASN F 81 0.38 -7.79 -4.89
C ASN F 81 -1.01 -7.31 -5.24
N LYS F 82 -1.94 -8.24 -5.41
CA LYS F 82 -3.30 -7.84 -5.66
C LYS F 82 -3.85 -6.94 -4.51
N LYS F 83 -3.60 -7.32 -3.26
CA LYS F 83 -4.22 -6.59 -2.15
C LYS F 83 -3.60 -5.20 -2.11
N MET F 84 -2.33 -5.10 -2.47
CA MET F 84 -1.64 -3.81 -2.52
C MET F 84 -2.22 -2.92 -3.63
N GLU F 85 -2.25 -3.44 -4.86
CA GLU F 85 -2.82 -2.71 -6.01
C GLU F 85 -4.23 -2.23 -5.73
N ASP F 86 -5.10 -3.15 -5.32
CA ASP F 86 -6.50 -2.83 -5.02
C ASP F 86 -6.60 -1.81 -3.89
N GLY F 87 -5.75 -1.99 -2.89
CA GLY F 87 -5.63 -1.06 -1.77
C GLY F 87 -5.37 0.38 -2.21
N PHE F 88 -4.39 0.57 -3.08
CA PHE F 88 -4.09 1.90 -3.58
C PHE F 88 -5.18 2.41 -4.46
N LEU F 89 -5.74 1.54 -5.28
CA LEU F 89 -6.89 1.97 -6.11
C LEU F 89 -8.07 2.49 -5.23
N ASP F 90 -8.33 1.80 -4.13
CA ASP F 90 -9.38 2.24 -3.23
C ASP F 90 -9.01 3.60 -2.58
N VAL F 91 -7.76 3.74 -2.10
CA VAL F 91 -7.28 5.02 -1.56
C VAL F 91 -7.40 6.17 -2.57
N TRP F 92 -6.89 6.01 -3.77
CA TRP F 92 -6.92 7.12 -4.73
C TRP F 92 -8.35 7.41 -5.20
N THR F 93 -9.18 6.38 -5.36
CA THR F 93 -10.54 6.63 -5.83
C THR F 93 -11.32 7.50 -4.83
N TYR F 94 -11.29 7.09 -3.57
CA TYR F 94 -12.00 7.80 -2.51
C TYR F 94 -11.49 9.23 -2.35
N ASN F 95 -10.18 9.39 -2.31
CA ASN F 95 -9.59 10.70 -2.16
C ASN F 95 -9.92 11.61 -3.32
N ALA F 96 -9.84 11.09 -4.53
CA ALA F 96 -10.08 11.90 -5.68
C ALA F 96 -11.53 12.32 -5.70
N GLU F 97 -12.44 11.36 -5.44
CA GLU F 97 -13.86 11.64 -5.57
C GLU F 97 -14.27 12.66 -4.52
N LEU F 98 -13.79 12.48 -3.29
CA LEU F 98 -14.15 13.39 -2.23
C LEU F 98 -13.53 14.77 -2.38
N LEU F 99 -12.30 14.79 -2.86
CA LEU F 99 -11.61 16.04 -3.14
C LEU F 99 -12.40 16.88 -4.16
N VAL F 100 -12.86 16.25 -5.24
CA VAL F 100 -13.64 16.94 -6.26
C VAL F 100 -14.99 17.47 -5.67
N LEU F 101 -15.69 16.62 -4.92
CA LEU F 101 -16.89 17.02 -4.20
C LEU F 101 -16.70 18.23 -3.27
N MET F 102 -15.64 18.23 -2.47
CA MET F 102 -15.40 19.25 -1.46
C MET F 102 -14.96 20.55 -2.09
N GLU F 103 -14.06 20.46 -3.06
CA GLU F 103 -13.58 21.66 -3.72
C GLU F 103 -14.63 22.28 -4.65
N ASN F 104 -15.49 21.48 -5.23
CA ASN F 104 -16.63 22.03 -5.89
C ASN F 104 -17.57 22.85 -4.95
N GLU F 105 -17.87 22.31 -3.78
CA GLU F 105 -18.65 23.04 -2.80
C GLU F 105 -18.03 24.39 -2.58
N ARG F 106 -16.71 24.40 -2.40
CA ARG F 106 -16.02 25.64 -2.03
C ARG F 106 -15.94 26.65 -3.15
N THR F 107 -15.76 26.17 -4.35
CA THR F 107 -15.68 27.02 -5.48
C THR F 107 -17.02 27.78 -5.63
N LEU F 108 -18.13 27.07 -5.52
CA LEU F 108 -19.44 27.71 -5.61
C LEU F 108 -19.68 28.70 -4.46
N ASP F 109 -19.28 28.35 -3.26
CA ASP F 109 -19.39 29.27 -2.12
C ASP F 109 -18.49 30.49 -2.34
N PHE F 110 -17.38 30.30 -3.03
CA PHE F 110 -16.44 31.38 -3.30
C PHE F 110 -17.07 32.42 -4.22
N HIS F 111 -17.84 31.94 -5.20
CA HIS F 111 -18.48 32.84 -6.11
C HIS F 111 -19.54 33.68 -5.39
N ASP F 112 -20.44 33.00 -4.70
CA ASP F 112 -21.37 33.57 -3.74
C ASP F 112 -20.76 34.72 -2.95
N SER F 113 -19.65 34.42 -2.26
CA SER F 113 -19.00 35.36 -1.33
C SER F 113 -18.48 36.58 -2.08
N ASN F 114 -17.98 36.37 -3.29
CA ASN F 114 -17.51 37.46 -4.14
C ASN F 114 -18.64 38.43 -4.58
N VAL F 115 -19.79 37.86 -4.95
CA VAL F 115 -20.96 38.60 -5.38
C VAL F 115 -21.54 39.39 -4.20
N LYS F 116 -21.64 38.75 -3.04
CA LYS F 116 -22.12 39.40 -1.83
C LYS F 116 -21.19 40.49 -1.31
N ASN F 117 -19.92 40.44 -1.69
CA ASN F 117 -19.02 41.51 -1.30
C ASN F 117 -19.26 42.70 -2.22
N LEU F 118 -19.58 42.45 -3.48
CA LEU F 118 -19.88 43.52 -4.40
C LEU F 118 -21.14 44.27 -3.89
N TYR F 119 -22.23 43.51 -3.73
CA TYR F 119 -23.50 43.98 -3.20
C TYR F 119 -23.32 44.80 -1.94
N ASP F 120 -22.45 44.36 -1.04
CA ASP F 120 -22.24 45.04 0.25
C ASP F 120 -21.57 46.37 0.06
N LYS F 121 -20.55 46.43 -0.79
CA LYS F 121 -19.78 47.65 -0.95
C LYS F 121 -20.65 48.74 -1.65
N VAL F 122 -21.61 48.32 -2.46
CA VAL F 122 -22.65 49.19 -3.01
C VAL F 122 -23.65 49.62 -1.91
N ARG F 123 -24.33 48.66 -1.29
CA ARG F 123 -25.19 48.92 -0.12
C ARG F 123 -24.59 49.96 0.82
N LEU F 124 -23.29 49.89 1.10
CA LEU F 124 -22.65 50.85 2.02
C LEU F 124 -22.53 52.28 1.50
N GLN F 125 -22.35 52.43 0.19
CA GLN F 125 -22.28 53.73 -0.44
C GLN F 125 -23.68 54.41 -0.45
N LEU F 126 -24.68 53.66 -0.90
CA LEU F 126 -26.03 54.14 -1.11
C LEU F 126 -26.80 54.46 0.13
N ARG F 127 -26.69 53.62 1.14
CA ARG F 127 -27.46 53.78 2.36
C ARG F 127 -28.95 54.00 2.07
N ASP F 128 -29.53 55.06 2.62
CA ASP F 128 -30.96 55.33 2.46
C ASP F 128 -31.30 56.14 1.19
N ASN F 129 -30.29 56.55 0.41
CA ASN F 129 -30.54 57.13 -0.92
C ASN F 129 -31.15 56.13 -1.89
N ALA F 130 -31.20 54.88 -1.50
CA ALA F 130 -31.88 53.89 -2.33
C ALA F 130 -32.50 52.80 -1.47
N LYS F 131 -33.34 52.03 -2.15
CA LYS F 131 -34.24 51.07 -1.55
C LYS F 131 -33.80 49.66 -1.98
N GLU F 132 -33.39 48.86 -1.01
CA GLU F 132 -33.03 47.48 -1.24
C GLU F 132 -34.28 46.71 -1.67
N LEU F 133 -34.41 46.44 -2.96
CA LEU F 133 -35.54 45.68 -3.47
C LEU F 133 -35.56 44.22 -2.97
N GLY F 134 -34.39 43.70 -2.57
CA GLY F 134 -34.27 42.34 -2.02
C GLY F 134 -34.11 41.23 -3.05
N ASN F 135 -33.76 41.61 -4.27
CA ASN F 135 -33.52 40.64 -5.34
C ASN F 135 -32.17 40.97 -6.01
N GLY F 136 -31.31 41.65 -5.25
CA GLY F 136 -30.00 42.02 -5.72
C GLY F 136 -29.99 43.41 -6.28
N CYS F 137 -31.16 44.00 -6.42
CA CYS F 137 -31.27 45.32 -7.04
C CYS F 137 -31.50 46.43 -6.03
N PHE F 138 -30.98 47.60 -6.38
CA PHE F 138 -31.18 48.83 -5.62
C PHE F 138 -32.05 49.79 -6.43
N GLU F 139 -33.16 50.24 -5.83
CA GLU F 139 -34.00 51.24 -6.47
C GLU F 139 -33.70 52.63 -5.89
N PHE F 140 -33.10 53.47 -6.71
CA PHE F 140 -32.74 54.81 -6.29
C PHE F 140 -33.98 55.68 -5.94
N TYR F 141 -33.83 56.50 -4.91
CA TYR F 141 -34.81 57.51 -4.55
C TYR F 141 -34.51 58.84 -5.26
N HIS F 142 -33.71 58.77 -6.31
CA HIS F 142 -33.26 59.95 -7.05
C HIS F 142 -32.86 59.63 -8.51
N LYS F 143 -32.36 60.64 -9.22
CA LYS F 143 -31.99 60.53 -10.63
C LYS F 143 -30.50 60.25 -10.74
N CYS F 144 -30.18 59.09 -11.30
CA CYS F 144 -28.80 58.60 -11.37
C CYS F 144 -28.41 58.40 -12.82
N ASP F 145 -27.76 59.41 -13.38
CA ASP F 145 -27.39 59.40 -14.78
C ASP F 145 -26.22 58.42 -14.99
N ASN F 146 -25.72 58.33 -16.23
CA ASN F 146 -24.65 57.40 -16.58
C ASN F 146 -23.31 57.67 -15.86
N LYS F 147 -23.10 58.91 -15.41
CA LYS F 147 -21.91 59.24 -14.61
C LYS F 147 -22.13 58.90 -13.14
N CYS F 148 -23.37 58.98 -12.69
CA CYS F 148 -23.74 58.59 -11.31
C CYS F 148 -23.56 57.09 -11.18
N MET F 149 -24.20 56.35 -12.09
CA MET F 149 -24.00 54.92 -12.25
C MET F 149 -22.50 54.53 -12.25
N GLU F 150 -21.72 55.08 -13.18
CA GLU F 150 -20.27 54.84 -13.17
C GLU F 150 -19.63 55.08 -11.79
N SER F 151 -20.11 56.08 -11.07
CA SER F 151 -19.52 56.43 -9.78
C SER F 151 -19.74 55.36 -8.72
N VAL F 152 -20.92 54.76 -8.65
CA VAL F 152 -21.12 53.67 -7.69
C VAL F 152 -20.21 52.50 -8.02
N ARG F 153 -20.02 52.26 -9.33
CA ARG F 153 -19.19 51.17 -9.82
C ARG F 153 -17.71 51.28 -9.39
N ASN F 154 -17.12 52.46 -9.45
CA ASN F 154 -15.70 52.63 -9.02
C ASN F 154 -15.54 53.13 -7.58
N GLY F 155 -16.58 52.98 -6.79
CA GLY F 155 -16.52 53.28 -5.37
C GLY F 155 -16.45 54.76 -4.95
N THR F 156 -16.78 55.69 -5.86
CA THR F 156 -16.70 57.14 -5.59
C THR F 156 -18.04 57.86 -5.43
N TYR F 157 -19.14 57.13 -5.61
CA TYR F 157 -20.49 57.71 -5.41
C TYR F 157 -20.54 58.59 -4.19
N ASP F 158 -21.03 59.80 -4.35
CA ASP F 158 -20.99 60.73 -3.21
C ASP F 158 -22.42 60.99 -2.68
N TYR F 159 -22.60 60.54 -1.42
CA TYR F 159 -23.89 60.48 -0.74
C TYR F 159 -24.54 61.85 -0.47
N PRO F 160 -23.77 62.83 0.05
CA PRO F 160 -24.32 64.19 0.18
C PRO F 160 -25.02 64.75 -1.09
N GLN F 161 -24.32 64.76 -2.22
CA GLN F 161 -24.90 65.21 -3.49
C GLN F 161 -26.37 64.89 -3.72
N TYR F 162 -26.83 63.73 -3.24
CA TYR F 162 -28.22 63.31 -3.52
C TYR F 162 -29.15 63.19 -2.29
N SER F 163 -28.65 63.39 -1.08
CA SER F 163 -29.38 63.00 0.17
C SER F 163 -30.76 63.59 0.13
N GLU F 164 -30.81 64.87 -0.20
CA GLU F 164 -32.01 65.65 -0.01
C GLU F 164 -33.06 65.40 -1.05
N GLU F 165 -32.70 65.31 -2.34
CA GLU F 165 -33.64 64.80 -3.34
C GLU F 165 -34.23 63.40 -2.98
N ALA F 166 -33.43 62.56 -2.32
CA ALA F 166 -33.85 61.26 -1.79
C ALA F 166 -34.63 61.40 -0.47
N ARG F 167 -34.06 62.12 0.50
CA ARG F 167 -34.72 62.39 1.80
C ARG F 167 -36.14 62.90 1.67
N LEU F 168 -36.49 63.46 0.52
CA LEU F 168 -37.81 64.01 0.36
C LEU F 168 -38.71 63.16 -0.58
N LYS F 169 -38.13 62.41 -1.52
CA LYS F 169 -38.86 61.32 -2.21
C LYS F 169 -39.10 60.07 -1.28
N ARG F 170 -38.37 60.02 -0.17
CA ARG F 170 -38.52 58.92 0.80
C ARG F 170 -39.66 59.21 1.75
N GLU F 171 -39.65 60.41 2.31
CA GLU F 171 -40.73 60.83 3.22
C GLU F 171 -42.02 61.25 2.46
N GLU F 172 -42.03 61.06 1.14
CA GLU F 172 -43.24 61.02 0.30
C GLU F 172 -44.00 59.67 0.31
N ILE F 173 -43.42 58.63 0.92
CA ILE F 173 -44.03 57.28 1.03
C ILE F 173 -43.81 56.68 2.43
C1 NAG G . 7.60 32.26 -4.27
C2 NAG G . 8.12 32.34 -5.70
C3 NAG G . 9.46 31.58 -5.92
C4 NAG G . 10.45 32.02 -4.85
C5 NAG G . 9.81 31.62 -3.51
C6 NAG G . 10.75 31.68 -2.30
C7 NAG G . 6.11 32.62 -7.11
C8 NAG G . 5.10 31.91 -7.97
N2 NAG G . 7.05 31.84 -6.57
O3 NAG G . 10.04 31.75 -7.20
O4 NAG G . 11.77 31.51 -5.07
O5 NAG G . 8.65 32.44 -3.33
O6 NAG G . 10.72 32.99 -1.75
O7 NAG G . 6.05 33.85 -6.95
C1 FUC G . 12.02 33.50 -1.35
C2 FUC G . 12.56 34.56 -2.32
C3 FUC G . 11.50 35.66 -2.41
C4 FUC G . 11.31 36.26 -1.01
C5 FUC G . 11.05 35.20 0.08
C6 FUC G . 11.10 35.76 1.51
O2 FUC G . 12.97 34.05 -3.59
O3 FUC G . 11.82 36.65 -3.37
O4 FUC G . 12.47 37.00 -0.70
O5 FUC G . 11.95 34.11 -0.06
C1 NAG H . 17.14 -35.38 25.49
C2 NAG H . 16.22 -36.45 24.90
C3 NAG H . 14.91 -36.36 25.66
C4 NAG H . 15.20 -36.58 27.15
C5 NAG H . 16.25 -35.56 27.65
C6 NAG H . 16.73 -35.77 29.09
C7 NAG H . 15.96 -36.87 22.48
C8 NAG H . 15.25 -36.36 21.26
N2 NAG H . 15.72 -36.15 23.58
O3 NAG H . 13.85 -37.14 25.05
O4 NAG H . 14.03 -36.45 27.95
O5 NAG H . 17.39 -35.60 26.83
O6 NAG H . 17.36 -37.04 29.18
O7 NAG H . 16.68 -37.89 22.45
C1 NAG H . 14.03 -37.59 28.81
C2 NAG H . 13.08 -37.40 30.00
C3 NAG H . 12.46 -38.69 30.53
C4 NAG H . 12.53 -39.88 29.56
C5 NAG H . 13.90 -39.85 28.86
C6 NAG H . 14.29 -41.07 28.03
C7 NAG H . 13.86 -35.54 31.40
C8 NAG H . 14.75 -35.11 32.54
N2 NAG H . 13.87 -36.83 31.08
O3 NAG H . 11.12 -38.46 30.96
O4 NAG H . 12.33 -41.09 30.24
O5 NAG H . 13.80 -38.73 28.02
O6 NAG H . 13.15 -41.71 27.52
O7 NAG H . 13.16 -34.72 30.79
C1 FUC H . 17.84 -37.39 30.51
C2 FUC H . 18.40 -38.81 30.45
C3 FUC H . 19.68 -38.87 29.59
C4 FUC H . 20.69 -37.74 29.91
C5 FUC H . 20.02 -36.38 30.25
C6 FUC H . 20.97 -35.34 30.90
O2 FUC H . 17.40 -39.70 29.97
O3 FUC H . 20.28 -40.13 29.68
O4 FUC H . 21.63 -38.14 30.88
O5 FUC H . 18.85 -36.55 31.05
C1 NAG I . -14.14 15.25 25.93
C2 NAG I . -12.94 15.65 26.77
C3 NAG I . -12.16 14.38 27.14
C4 NAG I . -13.08 13.24 27.68
C5 NAG I . -14.47 13.13 26.97
C6 NAG I . -15.55 12.35 27.76
C7 NAG I . -11.55 17.75 26.70
C8 NAG I . -10.94 18.81 25.81
N2 NAG I . -12.23 16.76 26.09
O3 NAG I . -11.18 14.71 28.11
O4 NAG I . -12.40 12.00 27.64
O5 NAG I . -15.00 14.40 26.66
O6 NAG I . -16.88 12.80 27.48
O7 NAG I . -11.38 17.81 27.92
C1 FUC I . -17.94 11.92 28.02
C2 FUC I . -18.72 12.58 29.15
C3 FUC I . -19.72 13.66 28.69
C4 FUC I . -20.56 13.29 27.46
C5 FUC I . -19.92 12.25 26.50
C6 FUC I . -20.98 11.35 25.84
O2 FUC I . -17.82 13.12 30.10
O3 FUC I . -20.58 14.00 29.77
O4 FUC I . -21.90 12.94 27.83
O5 FUC I . -18.87 11.42 27.05
C1 NAG J . -5.74 -40.62 -21.90
C2 NAG J . -4.79 -40.59 -23.06
C3 NAG J . -5.44 -39.87 -24.25
C4 NAG J . -6.77 -40.51 -24.60
C5 NAG J . -7.68 -40.55 -23.35
C6 NAG J . -9.01 -41.26 -23.58
C7 NAG J . -2.43 -40.23 -22.48
C8 NAG J . -1.45 -39.18 -22.00
N2 NAG J . -3.67 -39.80 -22.61
O3 NAG J . -4.51 -39.75 -25.35
O4 NAG J . -7.44 -39.77 -25.62
O5 NAG J . -7.04 -41.09 -22.20
O6 NAG J . -8.76 -42.60 -23.91
O7 NAG J . -2.07 -41.38 -22.71
C1 NAG J . -7.54 -40.50 -26.86
C2 NAG J . -8.47 -39.75 -27.83
C3 NAG J . -8.12 -40.07 -29.29
C4 NAG J . -6.63 -39.97 -29.63
C5 NAG J . -5.71 -39.90 -28.39
C6 NAG J . -5.42 -38.45 -27.89
C7 NAG J . -10.69 -39.41 -26.73
C8 NAG J . -12.12 -39.88 -26.64
N2 NAG J . -9.89 -40.05 -27.60
O3 NAG J . -8.88 -39.27 -30.16
O4 NAG J . -6.26 -41.10 -30.42
O5 NAG J . -6.24 -40.77 -27.39
O6 NAG J . -4.16 -38.25 -27.27
O7 NAG J . -10.32 -38.51 -26.00
C1 FUC J . -9.85 -43.21 -24.64
C2 FUC J . -9.35 -44.53 -25.26
C3 FUC J . -9.32 -45.68 -24.24
C4 FUC J . -10.64 -45.80 -23.43
C5 FUC J . -11.01 -44.41 -22.87
C6 FUC J . -12.30 -44.41 -22.02
O2 FUC J . -8.08 -44.35 -25.83
O3 FUC J . -8.98 -46.90 -24.86
O4 FUC J . -11.69 -46.45 -24.16
O5 FUC J . -11.04 -43.39 -23.87
C1 NAG K . -28.50 12.99 -12.11
C2 NAG K . -29.63 12.04 -11.63
C3 NAG K . -29.60 10.59 -12.17
C4 NAG K . -29.51 10.65 -13.69
C5 NAG K . -28.19 11.39 -13.94
C6 NAG K . -27.73 11.18 -15.39
C7 NAG K . -30.06 12.81 -9.36
C8 NAG K . -29.95 12.48 -7.89
N2 NAG K . -29.59 11.88 -10.20
O3 NAG K . -30.69 9.81 -11.73
O4 NAG K . -29.54 9.39 -14.33
O5 NAG K . -28.31 12.77 -13.53
O6 NAG K . -27.46 12.45 -15.94
O7 NAG K . -30.54 13.88 -9.78
C1 FUC K . -27.91 12.50 -17.31
C2 FUC K . -29.35 13.07 -17.39
C3 FUC K . -29.32 14.57 -17.07
C4 FUC K . -28.32 15.27 -18.01
C5 FUC K . -26.93 14.64 -17.85
C6 FUC K . -25.87 15.28 -18.74
O2 FUC K . -30.25 12.40 -16.53
O3 FUC K . -30.62 15.12 -17.13
O4 FUC K . -28.72 15.14 -19.36
O5 FUC K . -27.01 13.25 -18.12
C1 NAG L . 40.52 -15.14 -17.61
C2 NAG L . 41.32 -15.54 -16.39
C3 NAG L . 42.05 -14.34 -15.82
C4 NAG L . 42.91 -13.74 -16.92
C5 NAG L . 42.00 -13.41 -18.08
C6 NAG L . 42.78 -12.70 -19.17
C7 NAG L . 40.19 -17.29 -15.18
C8 NAG L . 39.26 -17.58 -14.02
N2 NAG L . 40.45 -16.00 -15.34
O3 NAG L . 42.72 -14.75 -14.64
O4 NAG L . 43.46 -12.47 -16.61
O5 NAG L . 41.42 -14.61 -18.53
O6 NAG L . 44.16 -13.09 -19.02
O7 NAG L . 40.66 -18.19 -15.91
C1 NAG L . 44.73 -12.62 -15.97
C2 NAG L . 45.70 -11.49 -16.19
C3 NAG L . 47.05 -12.22 -16.10
C4 NAG L . 47.10 -13.06 -14.80
C5 NAG L . 45.75 -13.41 -14.06
C6 NAG L . 45.75 -13.25 -12.54
C7 NAG L . 44.50 -9.75 -17.47
C8 NAG L . 44.39 -8.99 -18.77
N2 NAG L . 45.47 -10.69 -17.39
O3 NAG L . 48.15 -11.34 -16.12
O4 NAG L . 47.75 -14.27 -15.14
O5 NAG L . 44.61 -12.72 -14.56
O6 NAG L . 44.90 -14.23 -11.93
O7 NAG L . 43.71 -9.49 -16.54
C1 FUC L . 44.85 -13.26 -20.33
C2 FUC L . 45.92 -14.36 -20.26
C3 FUC L . 45.26 -15.68 -20.71
C4 FUC L . 44.60 -15.49 -22.09
C5 FUC L . 43.69 -14.24 -22.13
C6 FUC L . 43.10 -13.92 -23.51
O2 FUC L . 46.44 -14.44 -18.94
O3 FUC L . 46.22 -16.72 -20.76
O4 FUC L . 45.64 -15.33 -23.02
O5 FUC L . 44.43 -13.11 -21.69
C1 NAG M . 13.68 15.63 21.46
C2 NAG M . 14.02 14.93 22.82
C3 NAG M . 14.99 15.80 23.66
C4 NAG M . 14.81 17.34 23.55
C5 NAG M . 13.52 17.64 22.74
C6 NAG M . 13.15 19.13 22.62
C7 NAG M . 12.14 13.23 23.48
C8 NAG M . 10.92 13.06 24.33
N2 NAG M . 12.79 14.45 23.55
O3 NAG M . 16.30 15.50 23.21
O4 NAG M . 14.81 18.02 24.81
O5 NAG M . 13.72 17.05 21.47
O6 NAG M . 13.98 19.78 21.70
O7 NAG M . 12.40 12.23 22.79
C1 NAG N . -28.19 -6.65 6.99
C2 NAG N . -29.10 -7.79 6.52
C3 NAG N . -30.48 -7.31 6.00
C4 NAG N . -31.06 -6.23 6.91
C5 NAG N . -30.00 -5.12 6.95
C6 NAG N . -30.41 -3.76 7.54
C7 NAG N . -27.92 -9.79 5.65
C8 NAG N . -27.17 -10.40 4.48
N2 NAG N . -28.38 -8.53 5.49
O3 NAG N . -31.38 -8.39 5.89
O4 NAG N . -32.39 -5.88 6.50
O5 NAG N . -28.93 -5.67 7.70
O6 NAG N . -30.90 -3.91 8.87
O7 NAG N . -28.11 -10.43 6.69
C1 NAG O . 0.96 14.44 -26.95
C2 NAG O . 2.16 14.29 -27.91
C3 NAG O . 1.90 14.78 -29.36
C4 NAG O . 1.01 16.04 -29.51
C5 NAG O . 0.52 16.49 -28.12
C6 NAG O . -0.48 17.65 -28.17
C7 NAG O . 4.35 14.35 -26.63
C8 NAG O . 5.37 15.25 -25.97
N2 NAG O . 3.29 14.96 -27.23
O3 NAG O . 1.30 13.69 -30.04
O4 NAG O . 1.58 17.07 -30.36
O5 NAG O . -0.02 15.36 -27.43
O6 NAG O . -1.72 17.19 -27.72
O7 NAG O . 4.52 13.12 -26.60
#